data_2RSM
#
_entry.id   2RSM
#
_cell.length_a   1.000
_cell.length_b   1.000
_cell.length_c   1.000
_cell.angle_alpha   90.00
_cell.angle_beta   90.00
_cell.angle_gamma   90.00
#
_symmetry.space_group_name_H-M   'P 1'
#
_entity_poly.entity_id   1
_entity_poly.type   'polypeptide(L)'
_entity_poly.pdbx_seq_one_letter_code
;GSSGSSGKWGLRLQEKPALLFPGMAASTVQVAGRKDYPALLPLNESELEEQFVKGHGPGGQATNKTSNCVVLKHVPSGIV
VKCHQTRSVDQNRKIARKVLQEKVDVFYNSGPSSG
;
_entity_poly.pdbx_strand_id   A
#
# COMPACT_ATOMS: atom_id res chain seq x y z
N GLY A 1 -18.82 38.21 80.18
CA GLY A 1 -18.44 38.49 78.77
C GLY A 1 -17.64 39.78 78.72
N SER A 2 -17.37 40.29 77.52
CA SER A 2 -16.64 41.53 77.29
C SER A 2 -17.05 42.03 75.89
N SER A 3 -16.53 43.16 75.47
CA SER A 3 -16.80 43.79 74.19
C SER A 3 -15.55 44.59 73.76
N GLY A 4 -15.59 45.23 72.60
CA GLY A 4 -14.50 46.03 72.05
C GLY A 4 -14.92 46.59 70.70
N SER A 5 -14.05 47.37 70.06
CA SER A 5 -14.28 47.97 68.75
C SER A 5 -12.92 48.25 68.13
N SER A 6 -12.89 48.67 66.86
CA SER A 6 -11.68 49.00 66.12
C SER A 6 -12.07 49.88 64.93
N GLY A 7 -11.95 51.20 65.09
CA GLY A 7 -12.27 52.18 64.05
C GLY A 7 -11.15 52.20 63.02
N LYS A 8 -11.02 51.13 62.22
CA LYS A 8 -10.00 50.99 61.19
C LYS A 8 -10.36 51.85 59.98
N TRP A 9 -9.98 53.12 60.01
CA TRP A 9 -10.22 54.04 58.92
C TRP A 9 -9.19 53.75 57.82
N GLY A 10 -9.29 54.41 56.66
CA GLY A 10 -8.37 54.22 55.57
C GLY A 10 -8.73 55.13 54.40
N LEU A 11 -7.88 55.16 53.38
CA LEU A 11 -8.03 55.94 52.16
C LEU A 11 -7.59 55.04 51.00
N ARG A 12 -7.86 55.43 49.76
CA ARG A 12 -7.48 54.68 48.57
C ARG A 12 -7.27 55.64 47.41
N LEU A 13 -6.67 55.18 46.32
CA LEU A 13 -6.41 55.96 45.11
C LEU A 13 -6.54 55.01 43.92
N GLN A 14 -6.67 55.56 42.72
CA GLN A 14 -6.77 54.88 41.43
C GLN A 14 -6.60 55.93 40.34
N GLU A 15 -6.45 55.49 39.09
CA GLU A 15 -6.28 56.32 37.91
C GLU A 15 -6.96 55.60 36.75
N LYS A 16 -7.10 56.29 35.62
CA LYS A 16 -7.70 55.80 34.39
C LYS A 16 -6.87 54.65 33.79
N PRO A 17 -7.48 53.76 32.99
CA PRO A 17 -6.77 52.66 32.36
C PRO A 17 -5.91 53.18 31.20
N ALA A 18 -5.06 52.30 30.66
CA ALA A 18 -4.16 52.58 29.56
C ALA A 18 -4.53 51.71 28.36
N LEU A 19 -3.87 51.96 27.21
CA LEU A 19 -4.10 51.22 25.98
C LEU A 19 -3.33 49.89 26.05
N LEU A 20 -3.61 49.00 25.11
CA LEU A 20 -3.01 47.68 24.94
C LEU A 20 -2.56 47.51 23.50
N PHE A 21 -1.92 46.38 23.19
CA PHE A 21 -1.42 46.03 21.86
C PHE A 21 -2.02 44.68 21.45
N PRO A 22 -2.14 44.39 20.14
CA PRO A 22 -2.68 43.13 19.67
C PRO A 22 -1.67 41.99 19.85
N GLY A 23 -2.15 40.75 19.73
CA GLY A 23 -1.36 39.54 19.85
C GLY A 23 -1.20 38.87 18.48
N MET A 24 -0.38 37.83 18.42
CA MET A 24 -0.15 37.10 17.17
C MET A 24 -1.37 36.21 16.84
N ALA A 25 -1.42 35.71 15.61
CA ALA A 25 -2.48 34.86 15.08
C ALA A 25 -1.76 33.92 14.12
N ALA A 26 -1.14 32.88 14.69
CA ALA A 26 -0.40 31.89 13.94
C ALA A 26 -1.32 30.86 13.30
N SER A 27 -0.74 29.82 12.68
CA SER A 27 -1.45 28.74 12.03
C SER A 27 -0.68 27.44 12.25
N THR A 28 -1.31 26.29 12.01
CA THR A 28 -0.68 25.00 12.20
C THR A 28 -1.23 23.98 11.19
N VAL A 29 -0.50 22.86 11.08
CA VAL A 29 -0.77 21.73 10.21
C VAL A 29 -2.17 21.15 10.46
N GLN A 30 -2.74 20.48 9.46
CA GLN A 30 -4.05 19.86 9.51
C GLN A 30 -3.91 18.35 9.28
N VAL A 31 -5.01 17.60 9.41
CA VAL A 31 -5.04 16.16 9.21
C VAL A 31 -4.71 15.81 7.76
N ALA A 32 -4.54 14.52 7.46
CA ALA A 32 -4.21 14.09 6.11
C ALA A 32 -5.40 14.08 5.15
N GLY A 33 -6.65 14.01 5.65
CA GLY A 33 -7.87 13.97 4.85
C GLY A 33 -8.06 12.52 4.41
N ARG A 34 -7.19 12.07 3.51
CA ARG A 34 -7.16 10.71 2.99
C ARG A 34 -6.47 9.84 4.05
N LYS A 35 -6.43 8.53 3.82
CA LYS A 35 -5.75 7.58 4.70
C LYS A 35 -5.24 6.34 3.96
N ASP A 36 -5.39 6.35 2.64
CA ASP A 36 -5.01 5.24 1.77
C ASP A 36 -4.19 5.73 0.59
N TYR A 37 -3.02 6.22 0.96
CA TYR A 37 -2.01 6.74 0.05
C TYR A 37 -1.45 5.56 -0.76
N PRO A 38 -0.83 4.52 -0.16
CA PRO A 38 -0.32 3.39 -0.92
C PRO A 38 -1.47 2.56 -1.53
N ALA A 39 -1.14 1.70 -2.50
CA ALA A 39 -2.01 0.78 -3.23
C ALA A 39 -1.12 -0.09 -4.13
N LEU A 40 -1.65 -1.23 -4.58
CA LEU A 40 -1.04 -2.25 -5.43
C LEU A 40 0.49 -2.31 -5.28
N LEU A 41 0.91 -2.50 -4.03
CA LEU A 41 2.29 -2.57 -3.57
C LEU A 41 3.15 -3.46 -4.46
N PRO A 42 4.45 -3.16 -4.61
CA PRO A 42 5.36 -3.93 -5.43
C PRO A 42 5.62 -5.27 -4.75
N LEU A 43 5.14 -6.36 -5.33
CA LEU A 43 5.32 -7.71 -4.79
C LEU A 43 6.53 -8.31 -5.48
N ASN A 44 7.63 -8.35 -4.74
CA ASN A 44 8.92 -8.89 -5.18
C ASN A 44 8.79 -10.38 -5.42
N GLU A 45 8.75 -10.80 -6.68
CA GLU A 45 8.61 -12.20 -7.02
C GLU A 45 9.80 -13.05 -6.53
N SER A 46 11.00 -12.48 -6.39
CA SER A 46 12.19 -13.20 -5.92
C SER A 46 12.18 -13.34 -4.39
N GLU A 47 11.10 -12.95 -3.72
CA GLU A 47 10.92 -12.98 -2.28
C GLU A 47 9.78 -13.90 -1.86
N LEU A 48 9.26 -14.71 -2.80
CA LEU A 48 8.16 -15.63 -2.57
C LEU A 48 8.62 -17.08 -2.64
N GLU A 49 7.77 -17.99 -2.16
CA GLU A 49 7.97 -19.43 -2.13
C GLU A 49 6.67 -20.04 -2.66
N GLU A 50 6.78 -20.90 -3.67
CA GLU A 50 5.67 -21.59 -4.32
C GLU A 50 5.66 -23.06 -3.94
N GLN A 51 4.55 -23.71 -4.23
CA GLN A 51 4.30 -25.12 -3.99
C GLN A 51 3.52 -25.65 -5.19
N PHE A 52 3.52 -26.97 -5.39
CA PHE A 52 2.84 -27.62 -6.51
C PHE A 52 1.99 -28.77 -5.98
N VAL A 53 0.80 -28.94 -6.53
CA VAL A 53 -0.11 -30.01 -6.13
C VAL A 53 0.21 -31.22 -7.00
N LYS A 54 0.28 -32.40 -6.38
CA LYS A 54 0.55 -33.66 -7.05
C LYS A 54 -0.58 -34.66 -6.81
N GLY A 55 -1.45 -34.35 -5.85
CA GLY A 55 -2.60 -35.10 -5.39
C GLY A 55 -2.86 -34.58 -3.97
N HIS A 56 -3.65 -35.31 -3.18
CA HIS A 56 -3.99 -34.97 -1.80
C HIS A 56 -3.91 -36.27 -1.02
N GLY A 57 -3.58 -36.19 0.27
CA GLY A 57 -3.48 -37.35 1.14
C GLY A 57 -4.89 -37.82 1.51
N PRO A 58 -5.01 -38.93 2.26
CA PRO A 58 -6.30 -39.45 2.66
C PRO A 58 -7.00 -38.40 3.53
N GLY A 59 -8.14 -37.89 3.06
CA GLY A 59 -8.94 -36.87 3.73
C GLY A 59 -10.44 -37.11 3.58
N GLY A 60 -10.85 -38.32 3.22
CA GLY A 60 -12.23 -38.69 3.05
C GLY A 60 -12.81 -37.94 1.85
N GLN A 61 -13.82 -37.10 2.09
CA GLN A 61 -14.47 -36.32 1.06
C GLN A 61 -13.45 -35.39 0.37
N ALA A 62 -13.80 -34.88 -0.81
CA ALA A 62 -13.00 -33.98 -1.65
C ALA A 62 -11.77 -34.73 -2.18
N THR A 63 -10.70 -34.83 -1.36
CA THR A 63 -9.42 -35.47 -1.65
C THR A 63 -8.99 -35.11 -3.09
N ASN A 64 -8.43 -33.90 -3.25
CA ASN A 64 -7.98 -33.36 -4.53
C ASN A 64 -7.08 -34.33 -5.30
N LYS A 65 -7.12 -34.25 -6.63
CA LYS A 65 -6.35 -35.10 -7.54
C LYS A 65 -5.30 -34.28 -8.29
N THR A 66 -4.37 -34.99 -8.91
CA THR A 66 -3.27 -34.47 -9.70
C THR A 66 -3.83 -33.47 -10.72
N SER A 67 -3.33 -32.24 -10.68
CA SER A 67 -3.73 -31.15 -11.57
C SER A 67 -2.58 -30.14 -11.57
N ASN A 68 -2.52 -29.23 -12.54
CA ASN A 68 -1.46 -28.21 -12.62
C ASN A 68 -1.73 -27.05 -11.63
N CYS A 69 -2.40 -27.34 -10.51
CA CYS A 69 -2.74 -26.36 -9.50
C CYS A 69 -1.45 -25.90 -8.85
N VAL A 70 -1.09 -24.64 -9.08
CA VAL A 70 0.09 -24.03 -8.52
C VAL A 70 -0.40 -23.33 -7.26
N VAL A 71 0.39 -23.41 -6.20
CA VAL A 71 0.06 -22.80 -4.92
C VAL A 71 1.16 -21.79 -4.66
N LEU A 72 0.77 -20.63 -4.16
CA LEU A 72 1.68 -19.54 -3.86
C LEU A 72 1.20 -18.90 -2.59
N LYS A 73 2.12 -18.39 -1.79
CA LYS A 73 1.80 -17.71 -0.55
C LYS A 73 2.80 -16.60 -0.33
N HIS A 74 2.43 -15.61 0.46
CA HIS A 74 3.34 -14.51 0.79
C HIS A 74 4.02 -14.91 2.09
N VAL A 75 5.33 -14.76 2.22
CA VAL A 75 6.07 -15.15 3.41
C VAL A 75 5.67 -14.31 4.63
N PRO A 76 5.95 -12.98 4.67
CA PRO A 76 5.61 -12.14 5.82
C PRO A 76 4.11 -12.04 6.10
N SER A 77 3.31 -12.02 5.03
CA SER A 77 1.85 -11.87 5.17
C SER A 77 1.15 -13.22 5.40
N GLY A 78 1.77 -14.34 5.05
CA GLY A 78 1.24 -15.69 5.21
C GLY A 78 -0.03 -15.96 4.39
N ILE A 79 -0.52 -15.01 3.57
CA ILE A 79 -1.71 -15.23 2.76
C ILE A 79 -1.37 -16.28 1.72
N VAL A 80 -2.21 -17.31 1.58
CA VAL A 80 -2.04 -18.39 0.62
C VAL A 80 -3.13 -18.30 -0.45
N VAL A 81 -2.83 -18.82 -1.64
CA VAL A 81 -3.77 -18.87 -2.76
C VAL A 81 -3.48 -20.09 -3.64
N LYS A 82 -4.53 -20.73 -4.17
CA LYS A 82 -4.49 -21.91 -5.02
C LYS A 82 -5.26 -21.59 -6.30
N CYS A 83 -4.55 -21.40 -7.41
CA CYS A 83 -5.12 -21.07 -8.71
C CYS A 83 -4.79 -22.17 -9.73
N HIS A 84 -5.62 -22.28 -10.76
CA HIS A 84 -5.48 -23.25 -11.84
C HIS A 84 -6.18 -22.66 -13.05
N GLN A 85 -5.43 -22.08 -13.99
CA GLN A 85 -6.00 -21.47 -15.19
C GLN A 85 -5.61 -22.25 -16.45
N THR A 86 -4.39 -22.79 -16.52
CA THR A 86 -3.89 -23.53 -17.67
C THR A 86 -3.08 -24.76 -17.23
N ARG A 87 -2.64 -25.55 -18.22
CA ARG A 87 -1.82 -26.74 -18.03
C ARG A 87 -0.33 -26.38 -17.93
N SER A 88 0.03 -25.10 -18.05
CA SER A 88 1.39 -24.61 -18.01
C SER A 88 1.70 -24.07 -16.62
N VAL A 89 2.65 -24.70 -15.91
CA VAL A 89 3.05 -24.31 -14.57
C VAL A 89 3.44 -22.83 -14.51
N ASP A 90 4.36 -22.36 -15.37
CA ASP A 90 4.81 -20.96 -15.36
C ASP A 90 3.73 -19.95 -15.72
N GLN A 91 2.67 -20.33 -16.43
CA GLN A 91 1.61 -19.41 -16.75
C GLN A 91 0.77 -19.29 -15.47
N ASN A 92 0.46 -20.43 -14.84
CA ASN A 92 -0.31 -20.48 -13.61
C ASN A 92 0.40 -19.69 -12.51
N ARG A 93 1.75 -19.75 -12.45
CA ARG A 93 2.58 -19.02 -11.47
C ARG A 93 2.23 -17.53 -11.56
N LYS A 94 2.33 -16.93 -12.75
CA LYS A 94 2.03 -15.51 -12.96
C LYS A 94 0.66 -15.13 -12.48
N ILE A 95 -0.32 -15.93 -12.87
CA ILE A 95 -1.69 -15.65 -12.51
C ILE A 95 -1.87 -15.74 -10.99
N ALA A 96 -1.18 -16.67 -10.32
CA ALA A 96 -1.24 -16.84 -8.88
C ALA A 96 -0.58 -15.62 -8.21
N ARG A 97 0.52 -15.13 -8.79
CA ARG A 97 1.26 -13.99 -8.29
C ARG A 97 0.37 -12.75 -8.29
N LYS A 98 -0.31 -12.46 -9.40
CA LYS A 98 -1.18 -11.28 -9.47
C LYS A 98 -2.30 -11.37 -8.46
N VAL A 99 -3.01 -12.50 -8.32
CA VAL A 99 -4.09 -12.56 -7.34
C VAL A 99 -3.55 -12.38 -5.91
N LEU A 100 -2.37 -12.92 -5.62
CA LEU A 100 -1.77 -12.78 -4.29
C LEU A 100 -1.42 -11.31 -4.04
N GLN A 101 -0.95 -10.59 -5.05
CA GLN A 101 -0.60 -9.18 -4.96
C GLN A 101 -1.79 -8.36 -4.50
N GLU A 102 -2.99 -8.63 -5.03
CA GLU A 102 -4.19 -7.90 -4.64
C GLU A 102 -4.47 -8.12 -3.15
N LYS A 103 -4.33 -9.36 -2.68
CA LYS A 103 -4.58 -9.71 -1.29
C LYS A 103 -3.58 -9.10 -0.32
N VAL A 104 -2.30 -9.12 -0.66
CA VAL A 104 -1.24 -8.59 0.18
C VAL A 104 -1.35 -7.06 0.25
N ASP A 105 -1.81 -6.41 -0.81
CA ASP A 105 -1.97 -4.96 -0.86
C ASP A 105 -2.83 -4.49 0.32
N VAL A 106 -4.06 -4.96 0.39
CA VAL A 106 -5.01 -4.61 1.46
C VAL A 106 -4.45 -5.03 2.84
N PHE A 107 -3.67 -6.11 2.93
CA PHE A 107 -3.09 -6.58 4.20
C PHE A 107 -2.06 -5.57 4.75
N TYR A 108 -1.49 -4.73 3.89
CA TYR A 108 -0.51 -3.71 4.25
C TYR A 108 -1.21 -2.35 4.39
N ASN A 109 -2.19 -2.06 3.54
CA ASN A 109 -2.94 -0.79 3.55
C ASN A 109 -4.01 -0.77 4.64
N SER A 110 -4.37 -1.93 5.18
CA SER A 110 -5.36 -2.12 6.23
C SER A 110 -4.80 -3.08 7.26
N GLY A 111 -5.66 -3.61 8.13
CA GLY A 111 -5.32 -4.54 9.19
C GLY A 111 -5.81 -5.96 8.89
N PRO A 112 -5.86 -6.83 9.91
CA PRO A 112 -6.32 -8.21 9.76
C PRO A 112 -7.83 -8.26 9.49
N SER A 113 -8.38 -9.45 9.38
CA SER A 113 -9.81 -9.66 9.14
C SER A 113 -10.29 -10.63 10.22
N SER A 114 -10.87 -10.10 11.29
CA SER A 114 -11.39 -10.87 12.41
C SER A 114 -10.28 -11.70 13.05
N GLY A 115 -9.38 -11.04 13.77
CA GLY A 115 -8.26 -11.64 14.45
C GLY A 115 -7.25 -10.57 14.80
N GLY A 1 -44.65 106.19 9.27
CA GLY A 1 -45.30 105.47 8.17
C GLY A 1 -44.45 104.28 7.78
N SER A 2 -44.91 103.50 6.79
CA SER A 2 -44.22 102.31 6.30
C SER A 2 -44.26 102.39 4.77
N SER A 3 -43.31 101.75 4.10
CA SER A 3 -43.19 101.75 2.64
C SER A 3 -44.44 101.20 1.92
N GLY A 4 -44.93 100.04 2.36
CA GLY A 4 -46.09 99.39 1.74
C GLY A 4 -45.56 98.47 0.66
N SER A 5 -45.54 97.16 0.92
CA SER A 5 -45.05 96.17 -0.03
C SER A 5 -45.78 94.84 0.18
N SER A 6 -45.71 93.94 -0.80
CA SER A 6 -46.32 92.62 -0.77
C SER A 6 -45.56 91.76 -1.79
N GLY A 7 -45.87 90.47 -1.86
CA GLY A 7 -45.24 89.51 -2.76
C GLY A 7 -45.81 88.11 -2.52
N LYS A 8 -45.31 87.12 -3.26
CA LYS A 8 -45.74 85.73 -3.14
C LYS A 8 -44.63 84.84 -3.67
N TRP A 9 -44.65 83.57 -3.28
CA TRP A 9 -43.70 82.54 -3.67
C TRP A 9 -44.48 81.25 -3.91
N GLY A 10 -43.80 80.16 -4.28
CA GLY A 10 -44.40 78.87 -4.53
C GLY A 10 -43.32 77.81 -4.60
N LEU A 11 -43.71 76.54 -4.48
CA LEU A 11 -42.80 75.40 -4.54
C LEU A 11 -42.57 75.02 -6.01
N ARG A 12 -41.64 74.09 -6.24
CA ARG A 12 -41.29 73.58 -7.56
C ARG A 12 -40.96 72.10 -7.38
N LEU A 13 -40.87 71.35 -8.47
CA LEU A 13 -40.56 69.93 -8.48
C LEU A 13 -39.09 69.81 -8.83
N GLN A 14 -38.41 68.85 -8.21
CA GLN A 14 -37.00 68.49 -8.35
C GLN A 14 -36.77 67.27 -7.46
N GLU A 15 -35.63 66.58 -7.59
CA GLU A 15 -35.29 65.43 -6.78
C GLU A 15 -33.75 65.31 -6.76
N LYS A 16 -33.25 64.43 -5.90
CA LYS A 16 -31.85 64.09 -5.66
C LYS A 16 -31.24 63.39 -6.89
N PRO A 17 -29.91 63.24 -6.95
CA PRO A 17 -29.25 62.57 -8.06
C PRO A 17 -29.31 61.05 -7.88
N ALA A 18 -28.97 60.31 -8.94
CA ALA A 18 -28.95 58.85 -8.92
C ALA A 18 -27.63 58.38 -8.28
N LEU A 19 -27.48 57.08 -8.07
CA LEU A 19 -26.30 56.44 -7.49
C LEU A 19 -26.09 55.06 -8.12
N LEU A 20 -24.98 54.41 -7.79
CA LEU A 20 -24.59 53.09 -8.26
C LEU A 20 -24.39 52.15 -7.06
N PHE A 21 -24.06 50.89 -7.33
CA PHE A 21 -23.84 49.85 -6.35
C PHE A 21 -22.44 49.23 -6.59
N PRO A 22 -21.81 48.64 -5.56
CA PRO A 22 -20.48 48.03 -5.71
C PRO A 22 -20.58 46.68 -6.43
N GLY A 23 -19.41 46.17 -6.86
CA GLY A 23 -19.28 44.90 -7.55
C GLY A 23 -18.90 43.81 -6.56
N MET A 24 -18.71 42.58 -7.06
CA MET A 24 -18.33 41.41 -6.28
C MET A 24 -17.27 40.63 -7.09
N ALA A 25 -16.52 39.75 -6.43
CA ALA A 25 -15.48 38.92 -7.00
C ALA A 25 -15.43 37.69 -6.10
N ALA A 26 -16.30 36.73 -6.36
CA ALA A 26 -16.37 35.51 -5.57
C ALA A 26 -15.24 34.58 -5.98
N SER A 27 -14.79 33.74 -5.04
CA SER A 27 -13.71 32.80 -5.27
C SER A 27 -14.19 31.56 -6.02
N THR A 28 -13.29 30.58 -6.17
CA THR A 28 -13.51 29.32 -6.87
C THR A 28 -13.43 28.13 -5.92
N VAL A 29 -13.52 26.90 -6.46
CA VAL A 29 -13.43 25.65 -5.71
C VAL A 29 -12.00 25.48 -5.17
N GLN A 30 -11.75 24.41 -4.41
CA GLN A 30 -10.45 24.12 -3.82
C GLN A 30 -10.08 22.65 -4.04
N VAL A 31 -8.80 22.33 -3.85
CA VAL A 31 -8.33 20.97 -3.99
C VAL A 31 -8.90 20.18 -2.82
N ALA A 32 -9.52 19.06 -3.13
CA ALA A 32 -10.14 18.18 -2.16
C ALA A 32 -9.15 17.11 -1.68
N GLY A 33 -9.62 16.29 -0.74
CA GLY A 33 -8.86 15.21 -0.15
C GLY A 33 -8.82 13.99 -1.05
N ARG A 34 -8.42 12.85 -0.48
CA ARG A 34 -8.31 11.57 -1.17
C ARG A 34 -8.73 10.42 -0.27
N LYS A 35 -8.82 9.20 -0.82
CA LYS A 35 -9.17 7.97 -0.13
C LYS A 35 -8.56 6.83 -0.94
N ASP A 36 -8.43 5.65 -0.33
CA ASP A 36 -7.88 4.43 -0.92
C ASP A 36 -6.67 4.74 -1.79
N TYR A 37 -5.62 5.27 -1.17
CA TYR A 37 -4.40 5.63 -1.88
C TYR A 37 -3.69 4.36 -2.34
N PRO A 38 -3.19 3.50 -1.42
CA PRO A 38 -2.52 2.29 -1.85
C PRO A 38 -3.52 1.33 -2.50
N ALA A 39 -3.11 0.75 -3.61
CA ALA A 39 -3.83 -0.21 -4.42
C ALA A 39 -2.78 -0.96 -5.22
N LEU A 40 -2.85 -2.29 -5.18
CA LEU A 40 -1.97 -3.24 -5.83
C LEU A 40 -0.49 -2.90 -5.61
N LEU A 41 -0.05 -2.98 -4.36
CA LEU A 41 1.33 -2.70 -3.92
C LEU A 41 2.36 -3.46 -4.78
N PRO A 42 3.59 -2.92 -4.92
CA PRO A 42 4.62 -3.55 -5.71
C PRO A 42 5.08 -4.84 -5.03
N LEU A 43 5.61 -5.78 -5.81
CA LEU A 43 6.06 -7.08 -5.36
C LEU A 43 7.39 -7.52 -5.97
N ASN A 44 8.02 -8.52 -5.34
CA ASN A 44 9.28 -9.12 -5.78
C ASN A 44 9.00 -10.59 -6.06
N GLU A 45 8.86 -10.97 -7.32
CA GLU A 45 8.59 -12.35 -7.73
C GLU A 45 9.70 -13.31 -7.30
N SER A 46 10.92 -12.82 -7.08
CA SER A 46 12.08 -13.61 -6.66
C SER A 46 12.18 -13.74 -5.14
N GLU A 47 11.16 -13.34 -4.38
CA GLU A 47 11.14 -13.39 -2.92
C GLU A 47 9.96 -14.23 -2.42
N LEU A 48 9.34 -15.04 -3.28
CA LEU A 48 8.19 -15.84 -2.92
C LEU A 48 8.58 -17.28 -2.62
N GLU A 49 7.66 -18.02 -2.01
CA GLU A 49 7.86 -19.41 -1.62
C GLU A 49 6.71 -20.24 -2.19
N GLU A 50 6.91 -20.83 -3.37
CA GLU A 50 5.90 -21.65 -4.03
C GLU A 50 6.06 -23.14 -3.75
N GLN A 51 5.00 -23.88 -4.06
CA GLN A 51 4.83 -25.32 -3.94
C GLN A 51 3.99 -25.74 -5.16
N PHE A 52 3.84 -27.04 -5.40
CA PHE A 52 3.09 -27.58 -6.53
C PHE A 52 2.14 -28.64 -5.96
N VAL A 53 0.90 -28.69 -6.45
CA VAL A 53 -0.08 -29.66 -5.94
C VAL A 53 0.05 -30.96 -6.72
N LYS A 54 0.03 -32.11 -6.04
CA LYS A 54 0.12 -33.43 -6.66
C LYS A 54 -1.12 -34.29 -6.35
N GLY A 55 -1.99 -33.84 -5.46
CA GLY A 55 -3.21 -34.50 -5.04
C GLY A 55 -3.75 -33.73 -3.85
N HIS A 56 -4.87 -34.19 -3.26
CA HIS A 56 -5.51 -33.61 -2.10
C HIS A 56 -6.15 -34.75 -1.32
N GLY A 57 -6.57 -34.51 -0.07
CA GLY A 57 -7.15 -35.55 0.75
C GLY A 57 -6.07 -36.57 1.15
N PRO A 58 -6.45 -37.71 1.73
CA PRO A 58 -5.51 -38.75 2.16
C PRO A 58 -4.83 -39.49 0.99
N GLY A 59 -5.15 -39.17 -0.28
CA GLY A 59 -4.55 -39.82 -1.45
C GLY A 59 -4.89 -41.30 -1.62
N GLY A 60 -5.78 -41.85 -0.77
CA GLY A 60 -6.21 -43.24 -0.78
C GLY A 60 -6.60 -43.71 -2.18
N GLN A 61 -5.83 -44.64 -2.75
CA GLN A 61 -6.02 -45.23 -4.07
C GLN A 61 -6.07 -44.21 -5.22
N ALA A 62 -5.64 -42.95 -5.01
CA ALA A 62 -5.65 -41.89 -6.01
C ALA A 62 -4.98 -42.34 -7.31
N THR A 63 -5.77 -42.57 -8.35
CA THR A 63 -5.34 -43.02 -9.67
C THR A 63 -4.63 -41.89 -10.43
N ASN A 64 -5.41 -40.86 -10.79
CA ASN A 64 -5.05 -39.67 -11.56
C ASN A 64 -4.09 -38.72 -10.83
N LYS A 65 -2.78 -38.98 -10.88
CA LYS A 65 -1.77 -38.10 -10.25
C LYS A 65 -1.53 -36.82 -11.08
N THR A 66 -2.24 -36.65 -12.19
CA THR A 66 -2.21 -35.55 -13.16
C THR A 66 -2.72 -34.21 -12.58
N SER A 67 -2.26 -33.83 -11.39
CA SER A 67 -2.63 -32.61 -10.72
C SER A 67 -1.71 -31.50 -11.24
N ASN A 68 -2.31 -30.50 -11.92
CA ASN A 68 -1.59 -29.36 -12.49
C ASN A 68 -1.84 -28.10 -11.64
N CYS A 69 -2.63 -28.17 -10.56
CA CYS A 69 -2.95 -27.03 -9.70
C CYS A 69 -1.68 -26.41 -9.11
N VAL A 70 -1.69 -25.09 -8.95
CA VAL A 70 -0.62 -24.28 -8.42
C VAL A 70 -1.11 -23.55 -7.16
N VAL A 71 -0.18 -23.29 -6.25
CA VAL A 71 -0.41 -22.59 -5.00
C VAL A 71 0.71 -21.56 -4.89
N LEU A 72 0.45 -20.50 -4.13
CA LEU A 72 1.41 -19.42 -3.89
C LEU A 72 1.26 -19.00 -2.44
N LYS A 73 2.35 -18.56 -1.79
CA LYS A 73 2.39 -18.14 -0.39
C LYS A 73 3.33 -16.96 -0.21
N HIS A 74 2.84 -15.93 0.48
CA HIS A 74 3.57 -14.71 0.78
C HIS A 74 4.11 -14.91 2.19
N VAL A 75 5.43 -14.92 2.37
CA VAL A 75 6.04 -15.11 3.69
C VAL A 75 5.67 -13.95 4.64
N PRO A 76 6.00 -12.67 4.35
CA PRO A 76 5.73 -11.56 5.26
C PRO A 76 4.27 -11.29 5.60
N SER A 77 3.32 -11.86 4.85
CA SER A 77 1.90 -11.68 5.09
C SER A 77 1.25 -12.97 5.57
N GLY A 78 1.89 -14.11 5.34
CA GLY A 78 1.38 -15.42 5.73
C GLY A 78 0.11 -15.79 4.95
N ILE A 79 -0.12 -15.16 3.79
CA ILE A 79 -1.27 -15.37 2.94
C ILE A 79 -0.92 -16.45 1.93
N VAL A 80 -1.84 -17.39 1.70
CA VAL A 80 -1.69 -18.49 0.77
C VAL A 80 -2.91 -18.47 -0.14
N VAL A 81 -2.74 -18.68 -1.44
CA VAL A 81 -3.85 -18.70 -2.40
C VAL A 81 -3.64 -19.88 -3.36
N LYS A 82 -4.75 -20.41 -3.88
CA LYS A 82 -4.80 -21.52 -4.82
C LYS A 82 -5.26 -20.92 -6.15
N CYS A 83 -4.51 -21.14 -7.23
CA CYS A 83 -4.87 -20.60 -8.54
C CYS A 83 -4.59 -21.66 -9.61
N HIS A 84 -5.55 -21.89 -10.52
CA HIS A 84 -5.43 -22.87 -11.58
C HIS A 84 -6.33 -22.47 -12.75
N GLN A 85 -5.78 -21.85 -13.81
CA GLN A 85 -6.54 -21.42 -14.98
C GLN A 85 -6.04 -22.22 -16.18
N THR A 86 -4.82 -21.92 -16.63
CA THR A 86 -4.16 -22.56 -17.74
C THR A 86 -3.71 -23.97 -17.35
N ARG A 87 -3.12 -24.74 -18.27
CA ARG A 87 -2.64 -26.09 -17.97
C ARG A 87 -1.13 -26.04 -17.70
N SER A 88 -0.47 -24.97 -18.17
CA SER A 88 0.95 -24.70 -18.03
C SER A 88 1.26 -24.15 -16.63
N VAL A 89 2.29 -24.71 -15.99
CA VAL A 89 2.70 -24.31 -14.65
C VAL A 89 3.15 -22.84 -14.57
N ASP A 90 4.12 -22.41 -15.36
CA ASP A 90 4.66 -21.04 -15.34
C ASP A 90 3.57 -19.99 -15.56
N GLN A 91 2.65 -20.27 -16.47
CA GLN A 91 1.56 -19.36 -16.77
C GLN A 91 0.63 -19.29 -15.54
N ASN A 92 0.32 -20.42 -14.91
CA ASN A 92 -0.51 -20.42 -13.71
C ASN A 92 0.21 -19.68 -12.60
N ARG A 93 1.55 -19.83 -12.49
CA ARG A 93 2.37 -19.17 -11.48
C ARG A 93 2.26 -17.66 -11.63
N LYS A 94 2.47 -17.06 -12.82
CA LYS A 94 2.36 -15.61 -12.94
C LYS A 94 0.95 -15.11 -12.64
N ILE A 95 -0.09 -15.90 -12.94
CA ILE A 95 -1.47 -15.51 -12.66
C ILE A 95 -1.60 -15.49 -11.13
N ALA A 96 -1.10 -16.53 -10.45
CA ALA A 96 -1.14 -16.64 -9.01
C ALA A 96 -0.47 -15.43 -8.37
N ARG A 97 0.71 -15.03 -8.84
CA ARG A 97 1.43 -13.86 -8.31
C ARG A 97 0.59 -12.61 -8.51
N LYS A 98 -0.08 -12.48 -9.67
CA LYS A 98 -0.94 -11.33 -9.95
C LYS A 98 -2.05 -11.25 -8.90
N VAL A 99 -2.81 -12.33 -8.69
CA VAL A 99 -3.91 -12.34 -7.73
C VAL A 99 -3.44 -12.20 -6.27
N LEU A 100 -2.26 -12.71 -5.93
CA LEU A 100 -1.74 -12.60 -4.56
C LEU A 100 -1.41 -11.15 -4.24
N GLN A 101 -1.02 -10.35 -5.25
CA GLN A 101 -0.70 -8.93 -5.13
C GLN A 101 -1.90 -8.14 -4.59
N GLU A 102 -3.11 -8.60 -4.90
CA GLU A 102 -4.35 -7.98 -4.47
C GLU A 102 -4.52 -8.22 -2.97
N LYS A 103 -4.35 -9.48 -2.54
CA LYS A 103 -4.51 -9.89 -1.15
C LYS A 103 -3.50 -9.15 -0.27
N VAL A 104 -2.25 -9.09 -0.73
CA VAL A 104 -1.17 -8.44 -0.02
C VAL A 104 -1.44 -6.94 0.08
N ASP A 105 -2.01 -6.29 -0.94
CA ASP A 105 -2.29 -4.86 -0.88
C ASP A 105 -3.20 -4.54 0.31
N VAL A 106 -4.41 -5.12 0.30
CA VAL A 106 -5.37 -4.91 1.38
C VAL A 106 -4.75 -5.31 2.71
N PHE A 107 -3.94 -6.38 2.74
CA PHE A 107 -3.31 -6.84 3.96
C PHE A 107 -2.36 -5.80 4.58
N TYR A 108 -1.64 -5.04 3.76
CA TYR A 108 -0.73 -4.00 4.25
C TYR A 108 -1.56 -2.83 4.77
N ASN A 109 -2.62 -2.45 4.05
CA ASN A 109 -3.47 -1.34 4.47
C ASN A 109 -4.48 -1.69 5.57
N SER A 110 -4.47 -2.95 6.01
CA SER A 110 -5.32 -3.48 7.07
C SER A 110 -4.53 -3.81 8.34
N GLY A 111 -3.20 -3.92 8.29
CA GLY A 111 -2.40 -4.24 9.46
C GLY A 111 -0.91 -4.30 9.16
N PRO A 112 -0.06 -4.48 10.18
CA PRO A 112 1.39 -4.55 10.01
C PRO A 112 1.79 -5.83 9.26
N SER A 113 3.06 -5.95 8.93
CA SER A 113 3.60 -7.11 8.21
C SER A 113 4.26 -8.02 9.23
N SER A 114 3.51 -9.02 9.69
CA SER A 114 3.94 -10.00 10.67
C SER A 114 3.44 -11.38 10.26
N GLY A 115 3.99 -12.42 10.91
CA GLY A 115 3.67 -13.80 10.68
C GLY A 115 4.95 -14.57 10.91
N GLY A 1 57.86 75.92 -60.30
CA GLY A 1 57.28 75.64 -58.98
C GLY A 1 55.91 76.28 -58.89
N SER A 2 55.08 75.82 -57.96
CA SER A 2 53.73 76.31 -57.73
C SER A 2 53.44 76.12 -56.22
N SER A 3 52.27 76.57 -55.75
CA SER A 3 51.88 76.42 -54.36
C SER A 3 51.27 75.02 -54.21
N GLY A 4 49.96 74.88 -54.44
CA GLY A 4 49.24 73.62 -54.36
C GLY A 4 47.77 73.89 -54.69
N SER A 5 46.97 72.83 -54.68
CA SER A 5 45.54 72.89 -54.96
C SER A 5 44.85 71.75 -54.22
N SER A 6 43.55 71.89 -53.93
CA SER A 6 42.72 70.91 -53.23
C SER A 6 41.26 71.31 -53.47
N GLY A 7 40.32 70.47 -53.04
CA GLY A 7 38.88 70.69 -53.17
C GLY A 7 38.17 70.22 -51.91
N LYS A 8 36.98 70.74 -51.64
CA LYS A 8 36.22 70.34 -50.45
C LYS A 8 35.42 69.08 -50.75
N TRP A 9 35.07 68.40 -49.66
CA TRP A 9 34.29 67.18 -49.60
C TRP A 9 33.26 67.38 -48.48
N GLY A 10 32.43 66.38 -48.23
CA GLY A 10 31.40 66.36 -47.20
C GLY A 10 30.99 64.91 -46.96
N LEU A 11 30.66 64.56 -45.71
CA LEU A 11 30.24 63.23 -45.29
C LEU A 11 28.91 63.34 -44.56
N ARG A 12 28.39 62.22 -44.06
CA ARG A 12 27.14 62.12 -43.33
C ARG A 12 27.21 60.88 -42.43
N LEU A 13 26.27 60.78 -41.49
CA LEU A 13 26.13 59.68 -40.54
C LEU A 13 24.64 59.68 -40.15
N GLN A 14 24.15 58.56 -39.62
CA GLN A 14 22.77 58.38 -39.18
C GLN A 14 22.73 57.13 -38.28
N GLU A 15 21.61 56.95 -37.58
CA GLU A 15 21.36 55.87 -36.64
C GLU A 15 20.13 55.04 -37.07
N LYS A 16 19.71 54.11 -36.20
CA LYS A 16 18.57 53.22 -36.33
C LYS A 16 17.92 53.24 -34.94
N PRO A 17 16.59 53.35 -34.84
CA PRO A 17 15.91 53.38 -33.55
C PRO A 17 15.95 52.01 -32.88
N ALA A 18 15.64 52.00 -31.58
CA ALA A 18 15.62 50.80 -30.75
C ALA A 18 14.40 49.93 -31.11
N LEU A 19 14.39 48.72 -30.55
CA LEU A 19 13.33 47.72 -30.72
C LEU A 19 12.56 47.57 -29.42
N LEU A 20 11.43 46.87 -29.46
CA LEU A 20 10.60 46.62 -28.28
C LEU A 20 11.30 45.63 -27.34
N PHE A 21 10.88 45.63 -26.08
CA PHE A 21 11.39 44.77 -25.02
C PHE A 21 10.42 43.61 -24.77
N PRO A 22 10.90 42.47 -24.22
CA PRO A 22 10.04 41.33 -23.94
C PRO A 22 9.18 41.58 -22.69
N GLY A 23 8.18 40.71 -22.47
CA GLY A 23 7.27 40.79 -21.34
C GLY A 23 7.54 39.66 -20.35
N MET A 24 6.94 39.75 -19.17
CA MET A 24 7.07 38.74 -18.11
C MET A 24 6.21 37.52 -18.43
N ALA A 25 6.44 36.41 -17.72
CA ALA A 25 5.72 35.16 -17.86
C ALA A 25 5.71 34.55 -16.47
N ALA A 26 4.69 34.89 -15.68
CA ALA A 26 4.52 34.39 -14.33
C ALA A 26 3.59 33.18 -14.35
N SER A 27 3.38 32.54 -13.18
CA SER A 27 2.55 31.36 -13.06
C SER A 27 1.62 31.47 -11.83
N THR A 28 0.93 30.38 -11.51
CA THR A 28 0.01 30.28 -10.39
C THR A 28 0.17 28.89 -9.76
N VAL A 29 -0.31 28.71 -8.54
CA VAL A 29 -0.27 27.47 -7.79
C VAL A 29 -1.70 27.00 -7.48
N GLN A 30 -1.79 25.80 -6.92
CA GLN A 30 -2.98 25.09 -6.52
C GLN A 30 -2.60 24.19 -5.34
N VAL A 31 -3.54 23.47 -4.75
CA VAL A 31 -3.30 22.59 -3.63
C VAL A 31 -2.97 21.19 -4.15
N ALA A 32 -2.04 20.47 -3.51
CA ALA A 32 -1.67 19.11 -3.89
C ALA A 32 -2.39 18.10 -2.99
N GLY A 33 -2.38 16.82 -3.33
CA GLY A 33 -3.05 15.78 -2.53
C GLY A 33 -2.73 14.38 -3.03
N ARG A 34 -3.22 13.37 -2.31
CA ARG A 34 -3.07 11.95 -2.61
C ARG A 34 -4.42 11.30 -2.42
N LYS A 35 -4.78 10.39 -3.33
CA LYS A 35 -6.03 9.64 -3.34
C LYS A 35 -5.78 8.32 -4.05
N ASP A 36 -4.64 7.67 -3.77
CA ASP A 36 -4.27 6.40 -4.38
C ASP A 36 -3.43 5.56 -3.43
N TYR A 37 -3.86 5.48 -2.17
CA TYR A 37 -3.16 4.72 -1.15
C TYR A 37 -3.26 3.23 -1.50
N PRO A 38 -4.46 2.61 -1.55
CA PRO A 38 -4.59 1.22 -1.92
C PRO A 38 -4.19 1.07 -3.38
N ALA A 39 -3.12 0.33 -3.64
CA ALA A 39 -2.55 0.05 -4.94
C ALA A 39 -1.59 -1.10 -4.77
N LEU A 40 -1.49 -1.97 -5.78
CA LEU A 40 -0.64 -3.15 -5.83
C LEU A 40 0.73 -2.90 -5.20
N LEU A 41 0.90 -3.40 -3.98
CA LEU A 41 2.13 -3.29 -3.19
C LEU A 41 3.27 -3.92 -4.00
N PRO A 42 4.53 -3.48 -3.81
CA PRO A 42 5.65 -4.00 -4.56
C PRO A 42 6.01 -5.42 -4.14
N LEU A 43 6.31 -6.26 -5.13
CA LEU A 43 6.67 -7.66 -4.96
C LEU A 43 7.99 -7.99 -5.67
N ASN A 44 8.81 -8.86 -5.07
CA ASN A 44 10.09 -9.32 -5.57
C ASN A 44 10.02 -10.84 -5.72
N GLU A 45 9.87 -11.37 -6.94
CA GLU A 45 9.77 -12.81 -7.14
C GLU A 45 10.95 -13.64 -6.59
N SER A 46 12.12 -13.02 -6.34
CA SER A 46 13.28 -13.71 -5.79
C SER A 46 13.21 -13.82 -4.26
N GLU A 47 12.23 -13.18 -3.61
CA GLU A 47 12.04 -13.21 -2.17
C GLU A 47 10.75 -13.92 -1.79
N LEU A 48 10.01 -14.42 -2.79
CA LEU A 48 8.75 -15.11 -2.58
C LEU A 48 8.92 -16.61 -2.71
N GLU A 49 8.04 -17.36 -2.05
CA GLU A 49 7.96 -18.81 -2.02
C GLU A 49 6.67 -19.24 -2.73
N GLU A 50 6.68 -20.46 -3.21
CA GLU A 50 5.59 -21.12 -3.91
C GLU A 50 5.64 -22.61 -3.54
N GLN A 51 4.58 -23.37 -3.82
CA GLN A 51 4.52 -24.80 -3.52
C GLN A 51 3.85 -25.51 -4.71
N PHE A 52 3.90 -26.85 -4.71
CA PHE A 52 3.32 -27.67 -5.77
C PHE A 52 2.22 -28.58 -5.24
N VAL A 53 1.40 -29.09 -6.16
CA VAL A 53 0.30 -30.00 -5.92
C VAL A 53 0.73 -31.25 -6.68
N LYS A 54 1.13 -32.27 -5.94
CA LYS A 54 1.61 -33.54 -6.45
C LYS A 54 0.99 -34.73 -5.72
N GLY A 55 -0.21 -34.57 -5.17
CA GLY A 55 -0.94 -35.59 -4.42
C GLY A 55 -1.94 -34.90 -3.51
N HIS A 56 -2.55 -35.67 -2.60
CA HIS A 56 -3.52 -35.18 -1.63
C HIS A 56 -2.93 -35.35 -0.24
N GLY A 57 -3.45 -34.63 0.75
CA GLY A 57 -2.97 -34.73 2.13
C GLY A 57 -3.57 -35.97 2.79
N PRO A 58 -2.96 -36.48 3.89
CA PRO A 58 -3.41 -37.65 4.63
C PRO A 58 -4.61 -37.28 5.53
N GLY A 59 -5.70 -36.80 4.95
CA GLY A 59 -6.90 -36.42 5.64
C GLY A 59 -8.07 -36.58 4.69
N GLY A 60 -9.03 -37.46 5.03
CA GLY A 60 -10.21 -37.76 4.23
C GLY A 60 -11.26 -36.64 4.22
N GLN A 61 -10.87 -35.40 4.52
CA GLN A 61 -11.76 -34.24 4.55
C GLN A 61 -12.33 -33.91 3.16
N ALA A 62 -11.67 -34.38 2.10
CA ALA A 62 -12.00 -34.21 0.70
C ALA A 62 -11.02 -35.11 -0.08
N THR A 63 -11.08 -35.07 -1.41
CA THR A 63 -10.22 -35.83 -2.29
C THR A 63 -10.25 -35.11 -3.64
N ASN A 64 -9.13 -35.09 -4.37
CA ASN A 64 -9.01 -34.47 -5.69
C ASN A 64 -7.80 -35.09 -6.40
N LYS A 65 -7.67 -34.84 -7.70
CA LYS A 65 -6.57 -35.34 -8.55
C LYS A 65 -6.21 -34.25 -9.58
N THR A 66 -6.03 -33.00 -9.15
CA THR A 66 -5.69 -31.90 -10.06
C THR A 66 -4.26 -32.04 -10.59
N SER A 67 -4.06 -32.47 -11.84
CA SER A 67 -2.72 -32.61 -12.42
C SER A 67 -2.08 -31.25 -12.76
N ASN A 68 -2.84 -30.16 -12.73
CA ASN A 68 -2.41 -28.80 -13.02
C ASN A 68 -3.16 -27.87 -12.07
N CYS A 69 -2.48 -27.47 -11.00
CA CYS A 69 -2.95 -26.57 -9.95
C CYS A 69 -1.67 -25.95 -9.38
N VAL A 70 -1.71 -24.68 -8.99
CA VAL A 70 -0.56 -23.97 -8.43
C VAL A 70 -1.01 -23.33 -7.13
N VAL A 71 -0.18 -23.47 -6.10
CA VAL A 71 -0.42 -22.92 -4.78
C VAL A 71 0.72 -21.95 -4.49
N LEU A 72 0.34 -20.75 -4.05
CA LEU A 72 1.29 -19.68 -3.75
C LEU A 72 1.08 -19.25 -2.31
N LYS A 73 2.17 -18.93 -1.61
CA LYS A 73 2.20 -18.52 -0.21
C LYS A 73 3.14 -17.35 -0.03
N HIS A 74 2.70 -16.32 0.67
CA HIS A 74 3.46 -15.13 0.96
C HIS A 74 4.23 -15.30 2.25
N VAL A 75 5.51 -14.93 2.26
CA VAL A 75 6.36 -15.03 3.44
C VAL A 75 6.03 -13.95 4.50
N PRO A 76 6.14 -12.63 4.21
CA PRO A 76 5.90 -11.58 5.21
C PRO A 76 4.48 -11.46 5.74
N SER A 77 3.48 -12.01 5.04
CA SER A 77 2.09 -11.93 5.48
C SER A 77 1.41 -13.27 5.71
N GLY A 78 2.06 -14.38 5.33
CA GLY A 78 1.50 -15.71 5.50
C GLY A 78 0.27 -15.97 4.62
N ILE A 79 -0.14 -15.03 3.75
CA ILE A 79 -1.30 -15.20 2.87
C ILE A 79 -1.04 -16.34 1.89
N VAL A 80 -2.00 -17.25 1.68
CA VAL A 80 -1.89 -18.37 0.75
C VAL A 80 -3.05 -18.27 -0.24
N VAL A 81 -2.90 -18.77 -1.48
CA VAL A 81 -3.93 -18.75 -2.49
C VAL A 81 -3.71 -19.92 -3.46
N LYS A 82 -4.76 -20.38 -4.12
CA LYS A 82 -4.73 -21.49 -5.07
C LYS A 82 -5.26 -20.99 -6.40
N CYS A 83 -4.57 -21.31 -7.50
CA CYS A 83 -4.94 -20.89 -8.85
C CYS A 83 -4.80 -22.02 -9.86
N HIS A 84 -5.63 -21.95 -10.90
CA HIS A 84 -5.73 -22.86 -12.01
C HIS A 84 -6.32 -22.12 -13.21
N GLN A 85 -5.92 -22.52 -14.41
CA GLN A 85 -6.39 -21.94 -15.66
C GLN A 85 -6.06 -22.95 -16.75
N THR A 86 -4.80 -22.94 -17.17
CA THR A 86 -4.23 -23.79 -18.20
C THR A 86 -3.45 -24.92 -17.56
N ARG A 87 -2.95 -25.83 -18.40
CA ARG A 87 -2.16 -26.97 -17.98
C ARG A 87 -0.69 -26.55 -17.82
N SER A 88 -0.26 -25.42 -18.38
CA SER A 88 1.13 -25.01 -18.28
C SER A 88 1.41 -24.27 -16.98
N VAL A 89 2.25 -24.87 -16.13
CA VAL A 89 2.63 -24.29 -14.85
C VAL A 89 3.25 -22.91 -15.08
N ASP A 90 4.09 -22.74 -16.12
CA ASP A 90 4.76 -21.48 -16.45
C ASP A 90 3.79 -20.30 -16.48
N GLN A 91 2.59 -20.52 -17.00
CA GLN A 91 1.54 -19.52 -17.10
C GLN A 91 0.92 -19.31 -15.72
N ASN A 92 0.49 -20.43 -15.09
CA ASN A 92 -0.15 -20.45 -13.78
C ASN A 92 0.69 -19.69 -12.74
N ARG A 93 2.02 -19.70 -12.86
CA ARG A 93 2.92 -18.98 -11.95
C ARG A 93 2.54 -17.50 -11.89
N LYS A 94 2.37 -16.83 -13.03
CA LYS A 94 2.03 -15.40 -13.00
C LYS A 94 0.58 -15.11 -12.62
N ILE A 95 -0.32 -16.06 -12.84
CA ILE A 95 -1.73 -15.91 -12.50
C ILE A 95 -1.84 -15.87 -10.97
N ALA A 96 -1.19 -16.81 -10.29
CA ALA A 96 -1.19 -16.87 -8.84
C ALA A 96 -0.54 -15.61 -8.24
N ARG A 97 0.57 -15.16 -8.83
CA ARG A 97 1.27 -13.97 -8.35
C ARG A 97 0.39 -12.73 -8.49
N LYS A 98 -0.22 -12.50 -9.66
CA LYS A 98 -1.05 -11.30 -9.82
C LYS A 98 -2.18 -11.25 -8.81
N VAL A 99 -2.85 -12.37 -8.52
CA VAL A 99 -3.95 -12.36 -7.54
C VAL A 99 -3.41 -12.15 -6.12
N LEU A 100 -2.25 -12.72 -5.77
CA LEU A 100 -1.68 -12.58 -4.44
C LEU A 100 -1.32 -11.12 -4.17
N GLN A 101 -0.79 -10.40 -5.15
CA GLN A 101 -0.43 -8.98 -5.00
C GLN A 101 -1.64 -8.17 -4.53
N GLU A 102 -2.85 -8.52 -4.98
CA GLU A 102 -4.09 -7.82 -4.60
C GLU A 102 -4.40 -8.05 -3.12
N LYS A 103 -4.06 -9.23 -2.59
CA LYS A 103 -4.29 -9.56 -1.19
C LYS A 103 -3.24 -8.88 -0.31
N VAL A 104 -1.99 -8.83 -0.78
CA VAL A 104 -0.90 -8.21 -0.05
C VAL A 104 -1.25 -6.73 0.21
N ASP A 105 -1.84 -6.04 -0.76
CA ASP A 105 -2.25 -4.63 -0.61
C ASP A 105 -3.22 -4.51 0.56
N VAL A 106 -4.36 -5.21 0.46
CA VAL A 106 -5.42 -5.24 1.45
C VAL A 106 -4.85 -5.62 2.81
N PHE A 107 -3.89 -6.53 2.87
CA PHE A 107 -3.27 -6.99 4.11
C PHE A 107 -2.41 -5.90 4.73
N TYR A 108 -1.62 -5.18 3.93
CA TYR A 108 -0.76 -4.11 4.40
C TYR A 108 -1.63 -2.95 4.87
N ASN A 109 -2.78 -2.72 4.21
CA ASN A 109 -3.71 -1.65 4.56
C ASN A 109 -4.48 -2.03 5.82
N SER A 110 -5.06 -3.23 5.83
CA SER A 110 -5.89 -3.83 6.86
C SER A 110 -5.39 -5.24 7.22
N GLY A 111 -4.64 -5.35 8.31
CA GLY A 111 -4.09 -6.61 8.80
C GLY A 111 -5.15 -7.59 9.29
N PRO A 112 -4.72 -8.78 9.78
CA PRO A 112 -5.62 -9.81 10.27
C PRO A 112 -6.41 -9.42 11.54
N SER A 113 -5.97 -8.40 12.29
CA SER A 113 -6.58 -7.88 13.52
C SER A 113 -7.04 -8.99 14.47
N SER A 114 -6.12 -9.55 15.26
CA SER A 114 -6.41 -10.61 16.21
C SER A 114 -7.17 -10.02 17.42
N GLY A 115 -8.48 -9.87 17.33
CA GLY A 115 -9.34 -9.33 18.36
C GLY A 115 -10.78 -9.45 17.91
N GLY A 1 -79.89 58.00 13.14
CA GLY A 1 -78.84 58.11 12.11
C GLY A 1 -78.68 59.57 11.73
N SER A 2 -77.53 59.95 11.20
CA SER A 2 -77.21 61.30 10.77
C SER A 2 -76.25 61.20 9.57
N SER A 3 -75.97 62.33 8.93
CA SER A 3 -75.08 62.42 7.79
C SER A 3 -74.10 63.57 8.03
N GLY A 4 -73.06 63.69 7.20
CA GLY A 4 -72.04 64.71 7.29
C GLY A 4 -71.12 64.56 6.10
N SER A 5 -70.08 65.41 6.02
CA SER A 5 -69.11 65.41 4.95
C SER A 5 -67.76 65.89 5.48
N SER A 6 -66.75 65.85 4.62
CA SER A 6 -65.39 66.29 4.90
C SER A 6 -65.04 67.22 3.73
N GLY A 7 -63.88 67.08 3.11
CA GLY A 7 -63.45 67.90 1.98
C GLY A 7 -62.84 67.01 0.91
N LYS A 8 -62.58 67.56 -0.27
CA LYS A 8 -61.99 66.84 -1.41
C LYS A 8 -60.46 66.73 -1.24
N TRP A 9 -60.01 66.25 -0.08
CA TRP A 9 -58.59 66.08 0.22
C TRP A 9 -58.18 64.64 -0.19
N GLY A 10 -56.90 64.31 -0.05
CA GLY A 10 -56.39 62.99 -0.38
C GLY A 10 -54.86 63.01 -0.37
N LEU A 11 -54.27 61.85 -0.67
CA LEU A 11 -52.82 61.67 -0.72
C LEU A 11 -52.24 62.29 -1.99
N ARG A 12 -50.99 61.98 -2.31
CA ARG A 12 -50.25 62.44 -3.49
C ARG A 12 -49.67 61.22 -4.17
N LEU A 13 -49.33 61.36 -5.45
CA LEU A 13 -48.75 60.32 -6.27
C LEU A 13 -47.26 60.64 -6.35
N GLN A 14 -46.43 59.62 -6.46
CA GLN A 14 -44.99 59.70 -6.54
C GLN A 14 -44.50 58.34 -7.03
N GLU A 15 -43.18 58.16 -7.10
CA GLU A 15 -42.53 56.92 -7.51
C GLU A 15 -41.34 56.72 -6.57
N LYS A 16 -40.59 55.62 -6.73
CA LYS A 16 -39.44 55.30 -5.90
C LYS A 16 -38.16 55.15 -6.73
N PRO A 17 -36.97 55.17 -6.10
CA PRO A 17 -35.70 55.05 -6.80
C PRO A 17 -35.37 53.58 -7.09
N ALA A 18 -34.30 53.37 -7.87
CA ALA A 18 -33.82 52.05 -8.20
C ALA A 18 -33.12 51.44 -6.97
N LEU A 19 -32.82 50.15 -7.02
CA LEU A 19 -32.16 49.43 -5.93
C LEU A 19 -30.72 49.11 -6.33
N LEU A 20 -29.88 48.81 -5.34
CA LEU A 20 -28.49 48.45 -5.51
C LEU A 20 -28.36 47.02 -6.05
N PHE A 21 -27.14 46.63 -6.41
CA PHE A 21 -26.78 45.33 -6.95
C PHE A 21 -25.84 44.58 -6.00
N PRO A 22 -25.75 43.24 -6.08
CA PRO A 22 -24.89 42.43 -5.23
C PRO A 22 -23.41 42.55 -5.66
N GLY A 23 -22.51 41.88 -4.94
CA GLY A 23 -21.08 41.90 -5.23
C GLY A 23 -20.43 40.55 -4.94
N MET A 24 -20.14 40.25 -3.66
CA MET A 24 -19.53 38.98 -3.28
C MET A 24 -20.49 37.83 -3.53
N ALA A 25 -19.95 36.64 -3.88
CA ALA A 25 -20.71 35.43 -4.16
C ALA A 25 -19.78 34.24 -3.96
N ALA A 26 -19.44 33.94 -2.70
CA ALA A 26 -18.58 32.80 -2.39
C ALA A 26 -19.41 31.52 -2.51
N SER A 27 -18.75 30.40 -2.78
CA SER A 27 -19.38 29.10 -2.98
C SER A 27 -18.84 28.05 -2.00
N THR A 28 -19.30 26.81 -2.17
CA THR A 28 -18.93 25.63 -1.40
C THR A 28 -17.47 25.24 -1.69
N VAL A 29 -16.90 24.36 -0.88
CA VAL A 29 -15.53 23.88 -1.06
C VAL A 29 -15.44 23.09 -2.37
N GLN A 30 -14.31 23.20 -3.06
CA GLN A 30 -14.06 22.54 -4.33
C GLN A 30 -13.80 21.03 -4.22
N VAL A 31 -13.66 20.39 -5.40
CA VAL A 31 -13.39 18.98 -5.62
C VAL A 31 -12.03 18.62 -5.00
N ALA A 32 -11.85 17.37 -4.58
CA ALA A 32 -10.59 16.95 -4.00
C ALA A 32 -9.62 16.47 -5.08
N GLY A 33 -8.31 16.56 -4.79
CA GLY A 33 -7.22 16.16 -5.68
C GLY A 33 -7.08 14.66 -5.76
N ARG A 34 -6.39 14.05 -4.80
CA ARG A 34 -6.18 12.60 -4.72
C ARG A 34 -5.92 12.22 -3.27
N LYS A 35 -6.26 10.99 -2.89
CA LYS A 35 -6.09 10.40 -1.55
C LYS A 35 -5.88 8.89 -1.63
N ASP A 36 -5.48 8.37 -2.80
CA ASP A 36 -5.29 6.93 -3.02
C ASP A 36 -3.96 6.64 -3.71
N TYR A 37 -2.88 7.08 -3.09
CA TYR A 37 -1.52 6.90 -3.60
C TYR A 37 -0.96 5.51 -3.27
N PRO A 38 -0.78 5.12 -1.99
CA PRO A 38 -0.26 3.80 -1.65
C PRO A 38 -1.27 2.70 -2.02
N ALA A 39 -1.07 2.05 -3.17
CA ALA A 39 -1.91 0.97 -3.68
C ALA A 39 -1.10 0.08 -4.61
N LEU A 40 -1.55 -1.17 -4.79
CA LEU A 40 -0.98 -2.24 -5.62
C LEU A 40 0.55 -2.21 -5.54
N LEU A 41 1.07 -2.19 -4.32
CA LEU A 41 2.51 -2.16 -4.05
C LEU A 41 3.27 -3.32 -4.71
N PRO A 42 4.54 -3.12 -5.11
CA PRO A 42 5.36 -4.15 -5.76
C PRO A 42 5.84 -5.20 -4.76
N LEU A 43 5.66 -6.47 -5.10
CA LEU A 43 6.08 -7.61 -4.29
C LEU A 43 7.32 -8.23 -4.89
N ASN A 44 8.32 -8.54 -4.06
CA ASN A 44 9.55 -9.14 -4.54
C ASN A 44 9.28 -10.59 -4.91
N GLU A 45 9.25 -10.90 -6.19
CA GLU A 45 9.01 -12.28 -6.64
C GLU A 45 10.06 -13.25 -6.08
N SER A 46 11.27 -12.77 -5.75
CA SER A 46 12.36 -13.56 -5.20
C SER A 46 12.26 -13.73 -3.68
N GLU A 47 11.16 -13.30 -3.05
CA GLU A 47 10.90 -13.40 -1.63
C GLU A 47 9.69 -14.31 -1.37
N LEU A 48 9.03 -14.81 -2.43
CA LEU A 48 7.87 -15.67 -2.31
C LEU A 48 8.31 -17.10 -2.61
N GLU A 49 7.82 -18.05 -1.84
CA GLU A 49 8.14 -19.48 -1.96
C GLU A 49 6.95 -20.15 -2.64
N GLU A 50 7.22 -21.00 -3.62
CA GLU A 50 6.24 -21.74 -4.41
C GLU A 50 6.16 -23.23 -4.03
N GLN A 51 5.09 -23.90 -4.48
CA GLN A 51 4.80 -25.32 -4.25
C GLN A 51 4.19 -25.94 -5.52
N PHE A 52 4.00 -27.26 -5.56
CA PHE A 52 3.43 -27.98 -6.71
C PHE A 52 2.38 -28.97 -6.22
N VAL A 53 1.45 -29.40 -7.09
CA VAL A 53 0.40 -30.35 -6.76
C VAL A 53 0.33 -31.37 -7.90
N LYS A 54 0.82 -32.58 -7.62
CA LYS A 54 0.84 -33.68 -8.59
C LYS A 54 -0.44 -34.52 -8.58
N GLY A 55 -1.44 -34.17 -7.77
CA GLY A 55 -2.67 -34.94 -7.71
C GLY A 55 -2.44 -36.36 -7.19
N HIS A 56 -1.56 -36.53 -6.19
CA HIS A 56 -1.22 -37.81 -5.60
C HIS A 56 -1.54 -37.79 -4.10
N GLY A 57 -1.60 -38.97 -3.51
CA GLY A 57 -1.87 -39.29 -2.12
C GLY A 57 -1.76 -40.82 -2.00
N PRO A 58 -1.77 -41.39 -0.78
CA PRO A 58 -1.65 -42.83 -0.60
C PRO A 58 -2.88 -43.62 -1.07
N GLY A 59 -4.04 -42.99 -1.17
CA GLY A 59 -5.29 -43.62 -1.58
C GLY A 59 -6.40 -43.18 -0.64
N GLY A 60 -7.45 -43.99 -0.53
CA GLY A 60 -8.59 -43.72 0.33
C GLY A 60 -9.77 -43.19 -0.49
N GLN A 61 -10.62 -42.40 0.17
CA GLN A 61 -11.79 -41.78 -0.43
C GLN A 61 -11.41 -40.87 -1.62
N ALA A 62 -12.40 -40.56 -2.46
CA ALA A 62 -12.22 -39.70 -3.63
C ALA A 62 -11.63 -38.35 -3.21
N THR A 63 -10.72 -37.83 -4.02
CA THR A 63 -10.03 -36.57 -3.79
C THR A 63 -10.66 -35.46 -4.64
N ASN A 64 -10.22 -34.23 -4.39
CA ASN A 64 -10.61 -32.99 -5.07
C ASN A 64 -9.36 -32.15 -5.40
N LYS A 65 -8.16 -32.67 -5.11
CA LYS A 65 -6.89 -32.00 -5.38
C LYS A 65 -6.54 -32.26 -6.84
N THR A 66 -7.23 -31.57 -7.74
CA THR A 66 -7.04 -31.69 -9.18
C THR A 66 -5.63 -31.22 -9.58
N SER A 67 -5.18 -31.71 -10.72
CA SER A 67 -3.89 -31.43 -11.34
C SER A 67 -3.83 -29.96 -11.79
N ASN A 68 -2.65 -29.51 -12.22
CA ASN A 68 -2.33 -28.16 -12.70
C ASN A 68 -2.44 -27.09 -11.61
N CYS A 69 -2.89 -27.44 -10.40
CA CYS A 69 -3.04 -26.49 -9.32
C CYS A 69 -1.68 -25.96 -8.90
N VAL A 70 -1.56 -24.65 -8.82
CA VAL A 70 -0.36 -23.95 -8.41
C VAL A 70 -0.74 -23.36 -7.05
N VAL A 71 0.17 -23.44 -6.08
CA VAL A 71 -0.05 -22.94 -4.74
C VAL A 71 1.16 -22.10 -4.41
N LEU A 72 0.92 -20.82 -4.17
CA LEU A 72 1.92 -19.81 -3.84
C LEU A 72 1.30 -19.03 -2.68
N LYS A 73 2.16 -18.48 -1.82
CA LYS A 73 1.76 -17.73 -0.65
C LYS A 73 2.75 -16.62 -0.38
N HIS A 74 2.33 -15.60 0.34
CA HIS A 74 3.21 -14.48 0.71
C HIS A 74 3.81 -14.86 2.04
N VAL A 75 5.11 -14.68 2.27
CA VAL A 75 5.72 -15.08 3.52
C VAL A 75 5.31 -14.19 4.70
N PRO A 76 5.62 -12.87 4.71
CA PRO A 76 5.28 -12.03 5.85
C PRO A 76 3.78 -11.89 6.13
N SER A 77 2.93 -12.07 5.12
CA SER A 77 1.48 -11.96 5.28
C SER A 77 0.81 -13.32 5.46
N GLY A 78 1.50 -14.42 5.12
CA GLY A 78 1.03 -15.79 5.20
C GLY A 78 -0.24 -16.04 4.38
N ILE A 79 -0.66 -15.12 3.49
CA ILE A 79 -1.83 -15.23 2.64
C ILE A 79 -1.51 -16.30 1.60
N VAL A 80 -2.25 -17.42 1.61
CA VAL A 80 -2.08 -18.53 0.67
C VAL A 80 -3.24 -18.48 -0.31
N VAL A 81 -3.02 -18.87 -1.56
CA VAL A 81 -4.07 -18.89 -2.56
C VAL A 81 -3.81 -20.07 -3.50
N LYS A 82 -4.88 -20.69 -4.03
CA LYS A 82 -4.80 -21.83 -4.94
C LYS A 82 -5.49 -21.44 -6.24
N CYS A 83 -4.72 -21.21 -7.30
CA CYS A 83 -5.26 -20.83 -8.60
C CYS A 83 -4.57 -21.62 -9.71
N HIS A 84 -5.31 -21.89 -10.77
CA HIS A 84 -4.85 -22.57 -11.97
C HIS A 84 -5.76 -22.12 -13.10
N GLN A 85 -5.25 -22.11 -14.32
CA GLN A 85 -6.01 -21.70 -15.49
C GLN A 85 -5.55 -22.48 -16.71
N THR A 86 -4.27 -22.80 -16.83
CA THR A 86 -3.68 -23.53 -17.93
C THR A 86 -2.96 -24.76 -17.36
N ARG A 87 -2.31 -25.56 -18.22
CA ARG A 87 -1.54 -26.72 -17.78
C ARG A 87 -0.09 -26.29 -17.54
N SER A 88 0.30 -25.10 -18.02
CA SER A 88 1.63 -24.57 -17.87
C SER A 88 1.75 -24.01 -16.46
N VAL A 89 2.63 -24.62 -15.66
CA VAL A 89 2.88 -24.19 -14.29
C VAL A 89 3.38 -22.74 -14.33
N ASP A 90 4.24 -22.41 -15.29
CA ASP A 90 4.83 -21.10 -15.55
C ASP A 90 3.73 -20.05 -15.75
N GLN A 91 2.73 -20.34 -16.59
CA GLN A 91 1.64 -19.44 -16.86
C GLN A 91 0.80 -19.27 -15.59
N ASN A 92 0.50 -20.37 -14.91
CA ASN A 92 -0.30 -20.38 -13.68
C ASN A 92 0.42 -19.62 -12.56
N ARG A 93 1.76 -19.64 -12.49
CA ARG A 93 2.52 -18.92 -11.47
C ARG A 93 2.23 -17.43 -11.52
N LYS A 94 2.23 -16.82 -12.71
CA LYS A 94 1.97 -15.38 -12.83
C LYS A 94 0.60 -15.07 -12.28
N ILE A 95 -0.40 -15.82 -12.71
CA ILE A 95 -1.79 -15.62 -12.31
C ILE A 95 -1.90 -15.62 -10.78
N ALA A 96 -1.30 -16.63 -10.14
CA ALA A 96 -1.32 -16.77 -8.70
C ALA A 96 -0.63 -15.59 -8.02
N ARG A 97 0.52 -15.11 -8.54
CA ARG A 97 1.26 -14.00 -7.99
C ARG A 97 0.44 -12.72 -8.08
N LYS A 98 -0.18 -12.42 -9.22
CA LYS A 98 -0.99 -11.20 -9.34
C LYS A 98 -2.17 -11.23 -8.39
N VAL A 99 -2.97 -12.30 -8.36
CA VAL A 99 -4.12 -12.29 -7.44
C VAL A 99 -3.64 -12.22 -5.98
N LEU A 100 -2.49 -12.82 -5.66
CA LEU A 100 -1.95 -12.77 -4.31
C LEU A 100 -1.58 -11.33 -3.99
N GLN A 101 -0.96 -10.61 -4.94
CA GLN A 101 -0.55 -9.22 -4.80
C GLN A 101 -1.74 -8.33 -4.44
N GLU A 102 -2.85 -8.48 -5.15
CA GLU A 102 -4.08 -7.70 -4.90
C GLU A 102 -4.58 -7.94 -3.48
N LYS A 103 -4.41 -9.16 -2.98
CA LYS A 103 -4.82 -9.54 -1.62
C LYS A 103 -3.82 -9.08 -0.56
N VAL A 104 -2.53 -9.05 -0.87
CA VAL A 104 -1.47 -8.62 0.03
C VAL A 104 -1.50 -7.09 0.18
N ASP A 105 -1.85 -6.34 -0.86
CA ASP A 105 -1.93 -4.87 -0.80
C ASP A 105 -2.89 -4.47 0.32
N VAL A 106 -4.09 -5.06 0.33
CA VAL A 106 -5.10 -4.80 1.35
C VAL A 106 -4.52 -5.13 2.74
N PHE A 107 -3.65 -6.13 2.84
CA PHE A 107 -3.05 -6.53 4.11
C PHE A 107 -1.94 -5.58 4.56
N TYR A 108 -1.35 -4.79 3.66
CA TYR A 108 -0.28 -3.85 3.99
C TYR A 108 -0.84 -2.47 4.34
N ASN A 109 -2.05 -2.14 3.91
CA ASN A 109 -2.69 -0.85 4.23
C ASN A 109 -3.86 -0.99 5.22
N SER A 110 -4.39 -2.20 5.39
CA SER A 110 -5.49 -2.55 6.27
C SER A 110 -5.14 -3.87 6.98
N GLY A 111 -6.00 -4.38 7.84
CA GLY A 111 -5.74 -5.62 8.59
C GLY A 111 -4.83 -5.34 9.79
N PRO A 112 -4.41 -6.37 10.53
CA PRO A 112 -3.54 -6.20 11.69
C PRO A 112 -2.11 -5.89 11.25
N SER A 113 -1.36 -5.25 12.16
CA SER A 113 0.04 -4.87 11.96
C SER A 113 0.89 -5.20 13.20
N SER A 114 0.25 -5.23 14.37
CA SER A 114 0.80 -5.52 15.70
C SER A 114 -0.24 -6.38 16.42
N GLY A 115 0.05 -6.88 17.62
CA GLY A 115 -0.84 -7.71 18.42
C GLY A 115 -0.80 -7.21 19.85
N GLY A 1 6.59 104.42 -30.87
CA GLY A 1 6.59 103.77 -29.55
C GLY A 1 5.42 102.81 -29.49
N SER A 2 5.58 101.69 -28.78
CA SER A 2 4.56 100.65 -28.63
C SER A 2 4.77 100.01 -27.25
N SER A 3 3.84 99.17 -26.80
CA SER A 3 3.93 98.49 -25.52
C SER A 3 3.13 97.18 -25.60
N GLY A 4 1.82 97.24 -25.38
CA GLY A 4 0.96 96.07 -25.40
C GLY A 4 1.18 95.26 -24.11
N SER A 5 0.52 94.11 -24.00
CA SER A 5 0.62 93.21 -22.86
C SER A 5 -0.01 91.87 -23.25
N SER A 6 0.21 90.84 -22.44
CA SER A 6 -0.32 89.49 -22.62
C SER A 6 -0.07 88.72 -21.31
N GLY A 7 -0.60 87.51 -21.20
CA GLY A 7 -0.43 86.68 -20.01
C GLY A 7 -1.07 85.32 -20.22
N LYS A 8 -0.72 84.36 -19.36
CA LYS A 8 -1.17 82.98 -19.29
C LYS A 8 -0.87 82.51 -17.85
N TRP A 9 -1.38 81.35 -17.45
CA TRP A 9 -1.17 80.75 -16.16
C TRP A 9 -1.11 79.24 -16.38
N GLY A 10 -0.73 78.48 -15.35
CA GLY A 10 -0.63 77.03 -15.40
C GLY A 10 0.25 76.55 -14.24
N LEU A 11 0.45 75.24 -14.14
CA LEU A 11 1.26 74.61 -13.11
C LEU A 11 2.11 73.54 -13.80
N ARG A 12 3.19 73.09 -13.16
CA ARG A 12 4.04 72.05 -13.74
C ARG A 12 3.27 70.75 -13.72
N LEU A 13 3.19 70.05 -14.84
CA LEU A 13 2.48 68.77 -14.94
C LEU A 13 3.46 67.71 -14.48
N GLN A 14 3.11 66.90 -13.48
CA GLN A 14 3.95 65.85 -12.93
C GLN A 14 3.04 64.74 -12.40
N GLU A 15 3.61 63.58 -12.08
CA GLU A 15 2.84 62.48 -11.53
C GLU A 15 3.21 62.22 -10.08
N LYS A 16 2.35 61.47 -9.37
CA LYS A 16 2.51 61.21 -7.96
C LYS A 16 3.54 60.09 -7.75
N PRO A 17 4.23 60.03 -6.60
CA PRO A 17 5.21 58.99 -6.34
C PRO A 17 4.48 57.65 -6.21
N ALA A 18 5.16 56.57 -6.61
CA ALA A 18 4.66 55.21 -6.56
C ALA A 18 5.81 54.27 -6.18
N LEU A 19 5.51 52.98 -6.02
CA LEU A 19 6.43 51.93 -5.65
C LEU A 19 6.02 50.64 -6.36
N LEU A 20 6.81 49.58 -6.21
CA LEU A 20 6.60 48.26 -6.78
C LEU A 20 6.62 47.23 -5.66
N PHE A 21 6.27 45.98 -5.99
CA PHE A 21 6.24 44.86 -5.06
C PHE A 21 7.39 43.91 -5.41
N PRO A 22 7.93 43.16 -4.43
CA PRO A 22 9.01 42.22 -4.66
C PRO A 22 8.49 40.96 -5.36
N GLY A 23 9.40 40.19 -5.95
CA GLY A 23 9.09 38.95 -6.63
C GLY A 23 9.18 37.79 -5.63
N MET A 24 8.77 36.59 -6.05
CA MET A 24 8.80 35.39 -5.23
C MET A 24 9.39 34.26 -6.06
N ALA A 25 10.29 33.48 -5.48
CA ALA A 25 10.97 32.37 -6.13
C ALA A 25 11.27 31.30 -5.09
N ALA A 26 10.22 30.72 -4.52
CA ALA A 26 10.38 29.68 -3.51
C ALA A 26 10.86 28.40 -4.18
N SER A 27 11.61 27.61 -3.43
CA SER A 27 12.14 26.34 -3.87
C SER A 27 11.14 25.28 -3.44
N THR A 28 10.74 24.42 -4.36
CA THR A 28 9.80 23.34 -4.11
C THR A 28 10.47 22.27 -3.21
N VAL A 29 9.75 21.21 -2.93
CA VAL A 29 10.18 20.09 -2.09
C VAL A 29 10.76 18.96 -2.95
N GLN A 30 10.71 17.75 -2.43
CA GLN A 30 11.19 16.50 -2.99
C GLN A 30 10.09 15.43 -2.88
N VAL A 31 10.29 14.27 -3.51
CA VAL A 31 9.36 13.14 -3.47
C VAL A 31 9.28 12.57 -2.05
N ALA A 32 8.34 11.67 -1.75
CA ALA A 32 8.18 11.09 -0.42
C ALA A 32 8.61 9.62 -0.38
N GLY A 33 9.05 9.16 0.80
CA GLY A 33 9.49 7.80 1.07
C GLY A 33 8.24 6.99 1.38
N ARG A 34 7.42 6.76 0.36
CA ARG A 34 6.16 6.02 0.48
C ARG A 34 6.02 5.05 -0.69
N LYS A 35 5.74 5.56 -1.91
CA LYS A 35 5.55 4.74 -3.12
C LYS A 35 4.64 3.53 -2.86
N ASP A 36 3.64 3.77 -2.03
CA ASP A 36 2.62 2.82 -1.56
C ASP A 36 1.22 3.40 -1.74
N TYR A 37 1.11 4.68 -2.12
CA TYR A 37 -0.13 5.42 -2.32
C TYR A 37 -1.17 4.68 -3.18
N PRO A 38 -0.89 4.35 -4.45
CA PRO A 38 -1.85 3.66 -5.29
C PRO A 38 -2.07 2.23 -4.83
N ALA A 39 -3.33 1.80 -4.88
CA ALA A 39 -3.75 0.46 -4.50
C ALA A 39 -3.12 -0.59 -5.42
N LEU A 40 -3.27 -1.85 -5.05
CA LEU A 40 -2.75 -3.03 -5.72
C LEU A 40 -1.25 -2.87 -5.94
N LEU A 41 -0.56 -2.44 -4.88
CA LEU A 41 0.89 -2.23 -4.84
C LEU A 41 1.66 -3.50 -5.23
N PRO A 42 2.90 -3.39 -5.74
CA PRO A 42 3.70 -4.54 -6.14
C PRO A 42 4.22 -5.29 -4.91
N LEU A 43 4.86 -6.43 -5.15
CA LEU A 43 5.45 -7.32 -4.16
C LEU A 43 6.44 -8.17 -4.96
N ASN A 44 7.66 -8.35 -4.45
CA ASN A 44 8.72 -9.12 -5.11
C ASN A 44 8.44 -10.60 -5.22
N GLU A 45 8.32 -11.09 -6.45
CA GLU A 45 8.06 -12.49 -6.71
C GLU A 45 9.21 -13.39 -6.27
N SER A 46 10.45 -12.92 -6.34
CA SER A 46 11.63 -13.69 -5.96
C SER A 46 11.79 -13.79 -4.44
N GLU A 47 10.89 -13.21 -3.64
CA GLU A 47 10.90 -13.20 -2.19
C GLU A 47 9.81 -14.13 -1.63
N LEU A 48 9.11 -14.90 -2.48
CA LEU A 48 8.01 -15.80 -2.08
C LEU A 48 8.35 -17.27 -2.18
N GLU A 49 7.41 -18.11 -1.76
CA GLU A 49 7.49 -19.55 -1.76
C GLU A 49 6.25 -20.07 -2.49
N GLU A 50 6.43 -20.96 -3.45
CA GLU A 50 5.37 -21.56 -4.25
C GLU A 50 5.53 -23.07 -4.23
N GLN A 51 4.46 -23.80 -4.54
CA GLN A 51 4.44 -25.26 -4.57
C GLN A 51 3.65 -25.70 -5.81
N PHE A 52 3.94 -26.90 -6.31
CA PHE A 52 3.32 -27.48 -7.49
C PHE A 52 2.63 -28.78 -7.09
N VAL A 53 1.32 -28.89 -7.33
CA VAL A 53 0.53 -30.06 -6.98
C VAL A 53 0.56 -31.07 -8.13
N LYS A 54 1.06 -32.27 -7.84
CA LYS A 54 1.18 -33.39 -8.76
C LYS A 54 0.07 -34.39 -8.40
N GLY A 55 -0.33 -35.24 -9.34
CA GLY A 55 -1.35 -36.25 -9.11
C GLY A 55 -0.71 -37.48 -8.49
N HIS A 56 -0.24 -37.36 -7.24
CA HIS A 56 0.40 -38.47 -6.53
C HIS A 56 -0.62 -39.41 -5.85
N GLY A 57 -1.92 -39.26 -6.12
CA GLY A 57 -2.98 -40.08 -5.56
C GLY A 57 -4.30 -39.78 -6.29
N PRO A 58 -5.37 -40.53 -6.01
CA PRO A 58 -6.68 -40.35 -6.63
C PRO A 58 -7.44 -39.09 -6.17
N GLY A 59 -6.86 -38.26 -5.29
CA GLY A 59 -7.49 -37.05 -4.77
C GLY A 59 -8.47 -37.37 -3.64
N GLY A 60 -9.33 -38.37 -3.84
CA GLY A 60 -10.31 -38.82 -2.87
C GLY A 60 -11.06 -40.01 -3.47
N GLN A 61 -12.00 -39.71 -4.38
CA GLN A 61 -12.80 -40.71 -5.08
C GLN A 61 -12.72 -40.44 -6.57
N ALA A 62 -13.16 -39.26 -7.01
CA ALA A 62 -13.14 -38.83 -8.39
C ALA A 62 -13.02 -37.31 -8.39
N THR A 63 -12.24 -36.75 -9.30
CA THR A 63 -12.01 -35.32 -9.47
C THR A 63 -11.42 -35.16 -10.89
N ASN A 64 -11.26 -33.93 -11.40
CA ASN A 64 -10.69 -33.67 -12.72
C ASN A 64 -9.83 -32.41 -12.64
N LYS A 65 -8.96 -32.16 -13.64
CA LYS A 65 -8.05 -31.01 -13.76
C LYS A 65 -7.21 -30.74 -12.50
N THR A 66 -7.01 -31.75 -11.65
CA THR A 66 -6.25 -31.70 -10.41
C THR A 66 -4.76 -31.45 -10.67
N SER A 67 -4.15 -32.21 -11.58
CA SER A 67 -2.75 -32.08 -11.92
C SER A 67 -2.53 -30.67 -12.51
N ASN A 68 -1.36 -30.09 -12.27
CA ASN A 68 -0.91 -28.77 -12.72
C ASN A 68 -1.40 -27.64 -11.80
N CYS A 69 -2.10 -27.95 -10.71
CA CYS A 69 -2.57 -26.94 -9.76
C CYS A 69 -1.34 -26.33 -9.08
N VAL A 70 -1.30 -25.01 -8.96
CA VAL A 70 -0.20 -24.28 -8.32
C VAL A 70 -0.79 -23.53 -7.11
N VAL A 71 0.04 -23.25 -6.12
CA VAL A 71 -0.30 -22.53 -4.91
C VAL A 71 0.90 -21.63 -4.60
N LEU A 72 0.66 -20.47 -4.01
CA LEU A 72 1.68 -19.47 -3.67
C LEU A 72 1.35 -18.88 -2.31
N LYS A 73 2.36 -18.45 -1.54
CA LYS A 73 2.16 -17.83 -0.23
C LYS A 73 3.10 -16.66 0.02
N HIS A 74 2.70 -15.78 0.94
CA HIS A 74 3.46 -14.62 1.38
C HIS A 74 4.09 -15.06 2.70
N VAL A 75 5.41 -15.11 2.84
CA VAL A 75 6.04 -15.54 4.08
C VAL A 75 5.71 -14.63 5.28
N PRO A 76 5.94 -13.31 5.22
CA PRO A 76 5.67 -12.41 6.34
C PRO A 76 4.20 -12.17 6.69
N SER A 77 3.23 -12.55 5.84
CA SER A 77 1.79 -12.39 6.14
C SER A 77 1.01 -13.69 6.13
N GLY A 78 1.63 -14.81 5.76
CA GLY A 78 1.01 -16.12 5.72
C GLY A 78 -0.22 -16.23 4.81
N ILE A 79 -0.42 -15.28 3.89
CA ILE A 79 -1.54 -15.31 2.96
C ILE A 79 -1.19 -16.39 1.96
N VAL A 80 -2.13 -17.27 1.63
CA VAL A 80 -1.93 -18.37 0.68
C VAL A 80 -3.07 -18.34 -0.33
N VAL A 81 -2.77 -18.53 -1.60
CA VAL A 81 -3.78 -18.52 -2.66
C VAL A 81 -3.49 -19.69 -3.60
N LYS A 82 -4.56 -20.26 -4.17
CA LYS A 82 -4.50 -21.41 -5.06
C LYS A 82 -5.13 -21.07 -6.40
N CYS A 83 -4.36 -21.13 -7.50
CA CYS A 83 -4.84 -20.84 -8.84
C CYS A 83 -4.51 -21.98 -9.81
N HIS A 84 -5.39 -22.26 -10.77
CA HIS A 84 -5.22 -23.30 -11.77
C HIS A 84 -6.07 -22.94 -13.00
N GLN A 85 -5.45 -22.78 -14.17
CA GLN A 85 -6.13 -22.44 -15.40
C GLN A 85 -5.41 -23.17 -16.55
N THR A 86 -4.22 -22.71 -16.89
CA THR A 86 -3.37 -23.21 -17.96
C THR A 86 -2.61 -24.49 -17.59
N ARG A 87 -2.22 -25.28 -18.60
CA ARG A 87 -1.45 -26.50 -18.37
C ARG A 87 0.04 -26.14 -18.19
N SER A 88 0.45 -24.93 -18.58
CA SER A 88 1.81 -24.45 -18.49
C SER A 88 2.06 -24.03 -17.03
N VAL A 89 3.06 -24.59 -16.35
CA VAL A 89 3.35 -24.26 -14.95
C VAL A 89 3.68 -22.76 -14.82
N ASP A 90 4.53 -22.26 -15.70
CA ASP A 90 4.99 -20.88 -15.77
C ASP A 90 3.83 -19.89 -15.86
N GLN A 91 2.83 -20.21 -16.68
CA GLN A 91 1.66 -19.38 -16.89
C GLN A 91 0.66 -19.53 -15.75
N ASN A 92 0.67 -20.64 -14.99
CA ASN A 92 -0.24 -20.83 -13.86
C ASN A 92 0.34 -20.01 -12.71
N ARG A 93 1.66 -20.07 -12.51
CA ARG A 93 2.39 -19.34 -11.49
C ARG A 93 2.02 -17.86 -11.58
N LYS A 94 2.01 -17.27 -12.79
CA LYS A 94 1.68 -15.84 -12.88
C LYS A 94 0.29 -15.51 -12.33
N ILE A 95 -0.71 -16.39 -12.48
CA ILE A 95 -2.06 -16.14 -11.97
C ILE A 95 -2.00 -16.05 -10.45
N ALA A 96 -1.43 -17.06 -9.80
CA ALA A 96 -1.31 -17.08 -8.35
C ALA A 96 -0.60 -15.80 -7.90
N ARG A 97 0.50 -15.46 -8.56
CA ARG A 97 1.30 -14.28 -8.29
C ARG A 97 0.48 -13.00 -8.45
N LYS A 98 -0.38 -12.93 -9.47
CA LYS A 98 -1.23 -11.80 -9.78
C LYS A 98 -2.20 -11.56 -8.65
N VAL A 99 -3.00 -12.57 -8.33
CA VAL A 99 -4.00 -12.47 -7.29
C VAL A 99 -3.38 -12.26 -5.91
N LEU A 100 -2.16 -12.75 -5.68
CA LEU A 100 -1.46 -12.61 -4.39
C LEU A 100 -1.26 -11.13 -4.07
N GLN A 101 -0.79 -10.36 -5.05
CA GLN A 101 -0.53 -8.93 -4.88
C GLN A 101 -1.81 -8.19 -4.48
N GLU A 102 -2.97 -8.64 -4.93
CA GLU A 102 -4.24 -8.01 -4.61
C GLU A 102 -4.61 -8.17 -3.14
N LYS A 103 -4.10 -9.23 -2.51
CA LYS A 103 -4.34 -9.53 -1.10
C LYS A 103 -3.32 -8.82 -0.23
N VAL A 104 -2.04 -8.86 -0.62
CA VAL A 104 -0.96 -8.22 0.15
C VAL A 104 -1.20 -6.71 0.22
N ASP A 105 -1.67 -6.09 -0.86
CA ASP A 105 -1.95 -4.67 -0.91
C ASP A 105 -2.88 -4.28 0.23
N VAL A 106 -4.12 -4.76 0.19
CA VAL A 106 -5.14 -4.50 1.21
C VAL A 106 -4.66 -4.95 2.59
N PHE A 107 -3.81 -5.98 2.71
CA PHE A 107 -3.31 -6.43 4.01
C PHE A 107 -2.55 -5.30 4.70
N TYR A 108 -1.68 -4.59 3.97
CA TYR A 108 -0.90 -3.48 4.52
C TYR A 108 -1.76 -2.24 4.71
N ASN A 109 -2.67 -1.95 3.77
CA ASN A 109 -3.55 -0.78 3.86
C ASN A 109 -4.49 -0.93 5.06
N SER A 110 -5.22 -2.04 5.12
CA SER A 110 -6.15 -2.41 6.18
C SER A 110 -5.31 -3.08 7.30
N GLY A 111 -5.75 -4.18 7.90
CA GLY A 111 -5.00 -4.84 8.97
C GLY A 111 -5.76 -6.04 9.52
N PRO A 112 -5.27 -6.66 10.61
CA PRO A 112 -5.90 -7.81 11.24
C PRO A 112 -7.23 -7.43 11.92
N SER A 113 -8.04 -8.44 12.28
CA SER A 113 -9.34 -8.25 12.93
C SER A 113 -9.27 -8.77 14.37
N SER A 114 -9.22 -10.09 14.55
CA SER A 114 -9.18 -10.77 15.84
C SER A 114 -7.87 -10.54 16.61
N GLY A 115 -6.87 -9.87 16.04
CA GLY A 115 -5.62 -9.63 16.73
C GLY A 115 -4.76 -8.67 15.96
N GLY A 1 -62.73 61.20 -65.87
CA GLY A 1 -62.39 61.47 -64.47
C GLY A 1 -61.31 60.50 -64.03
N SER A 2 -60.66 60.77 -62.90
CA SER A 2 -59.59 59.96 -62.33
C SER A 2 -59.58 60.20 -60.82
N SER A 3 -58.82 59.40 -60.09
CA SER A 3 -58.68 59.48 -58.64
C SER A 3 -57.21 59.33 -58.26
N GLY A 4 -56.89 59.44 -56.97
CA GLY A 4 -55.55 59.31 -56.43
C GLY A 4 -55.66 59.04 -54.93
N SER A 5 -54.54 58.90 -54.24
CA SER A 5 -54.48 58.64 -52.80
C SER A 5 -53.13 59.12 -52.29
N SER A 6 -52.95 59.17 -50.96
CA SER A 6 -51.74 59.61 -50.30
C SER A 6 -51.78 59.04 -48.86
N GLY A 7 -50.75 59.33 -48.06
CA GLY A 7 -50.65 58.87 -46.69
C GLY A 7 -49.45 59.52 -46.00
N LYS A 8 -49.21 59.17 -44.74
CA LYS A 8 -48.10 59.64 -43.92
C LYS A 8 -47.65 58.46 -43.06
N TRP A 9 -46.45 58.54 -42.47
CA TRP A 9 -45.90 57.49 -41.63
C TRP A 9 -45.52 58.05 -40.28
N GLY A 10 -45.58 57.21 -39.25
CA GLY A 10 -45.25 57.55 -37.87
C GLY A 10 -43.75 57.44 -37.68
N LEU A 11 -42.99 58.45 -38.12
CA LEU A 11 -41.55 58.44 -37.96
C LEU A 11 -41.25 58.52 -36.47
N ARG A 12 -40.22 57.78 -36.05
CA ARG A 12 -39.74 57.66 -34.67
C ARG A 12 -38.24 57.41 -34.70
N LEU A 13 -37.55 57.59 -33.58
CA LEU A 13 -36.10 57.41 -33.45
C LEU A 13 -35.83 56.55 -32.23
N GLN A 14 -34.60 56.07 -32.12
CA GLN A 14 -34.02 55.25 -31.07
C GLN A 14 -32.52 55.12 -31.40
N GLU A 15 -31.73 54.43 -30.58
CA GLU A 15 -30.30 54.24 -30.81
C GLU A 15 -29.89 52.86 -30.28
N LYS A 16 -28.60 52.55 -30.37
CA LYS A 16 -28.00 51.30 -29.93
C LYS A 16 -27.95 51.21 -28.39
N PRO A 17 -27.93 49.99 -27.83
CA PRO A 17 -27.88 49.80 -26.38
C PRO A 17 -26.46 50.10 -25.87
N ALA A 18 -26.34 50.24 -24.55
CA ALA A 18 -25.07 50.50 -23.89
C ALA A 18 -24.18 49.26 -23.91
N LEU A 19 -22.89 49.44 -23.61
CA LEU A 19 -21.89 48.39 -23.57
C LEU A 19 -21.67 47.97 -22.11
N LEU A 20 -20.91 46.90 -21.91
CA LEU A 20 -20.56 46.32 -20.62
C LEU A 20 -19.04 46.21 -20.49
N PHE A 21 -18.56 45.73 -19.35
CA PHE A 21 -17.15 45.55 -19.02
C PHE A 21 -16.91 44.10 -18.59
N PRO A 22 -15.67 43.58 -18.72
CA PRO A 22 -15.36 42.21 -18.33
C PRO A 22 -15.29 42.05 -16.80
N GLY A 23 -15.33 40.82 -16.33
CA GLY A 23 -15.26 40.47 -14.91
C GLY A 23 -13.90 39.89 -14.57
N MET A 24 -13.63 39.73 -13.26
CA MET A 24 -12.36 39.18 -12.79
C MET A 24 -12.41 37.65 -12.84
N ALA A 25 -11.24 37.02 -12.76
CA ALA A 25 -11.06 35.56 -12.79
C ALA A 25 -9.83 35.27 -11.94
N ALA A 26 -9.99 35.36 -10.63
CA ALA A 26 -8.93 35.13 -9.65
C ALA A 26 -8.59 33.65 -9.49
N SER A 27 -7.57 33.37 -8.66
CA SER A 27 -7.10 32.03 -8.37
C SER A 27 -8.18 31.22 -7.64
N THR A 28 -7.97 29.91 -7.52
CA THR A 28 -8.89 28.98 -6.89
C THR A 28 -8.19 28.08 -5.88
N VAL A 29 -8.98 27.20 -5.23
CA VAL A 29 -8.52 26.26 -4.23
C VAL A 29 -7.37 25.42 -4.79
N GLN A 30 -6.45 25.08 -3.91
CA GLN A 30 -5.27 24.29 -4.23
C GLN A 30 -5.65 22.82 -4.50
N VAL A 31 -4.62 21.99 -4.64
CA VAL A 31 -4.71 20.56 -4.93
C VAL A 31 -5.55 19.75 -3.94
N ALA A 32 -5.77 18.50 -4.32
CA ALA A 32 -6.53 17.52 -3.56
C ALA A 32 -5.64 16.86 -2.50
N GLY A 33 -6.25 16.05 -1.64
CA GLY A 33 -5.57 15.35 -0.57
C GLY A 33 -4.76 14.19 -1.14
N ARG A 34 -5.42 13.07 -1.45
CA ARG A 34 -4.81 11.87 -2.01
C ARG A 34 -5.90 10.93 -2.49
N LYS A 35 -5.52 9.90 -3.26
CA LYS A 35 -6.41 8.86 -3.78
C LYS A 35 -5.58 7.69 -4.30
N ASP A 36 -6.24 6.59 -4.65
CA ASP A 36 -5.65 5.37 -5.22
C ASP A 36 -4.66 4.55 -4.40
N TYR A 37 -4.66 4.72 -3.08
CA TYR A 37 -3.78 4.01 -2.14
C TYR A 37 -3.76 2.49 -2.39
N PRO A 38 -4.90 1.77 -2.35
CA PRO A 38 -4.93 0.34 -2.60
C PRO A 38 -4.51 0.04 -4.05
N ALA A 39 -3.30 -0.52 -4.22
CA ALA A 39 -2.72 -0.86 -5.51
C ALA A 39 -1.77 -2.05 -5.36
N LEU A 40 -1.44 -2.68 -6.48
CA LEU A 40 -0.57 -3.85 -6.60
C LEU A 40 0.87 -3.55 -6.17
N LEU A 41 1.16 -3.57 -4.87
CA LEU A 41 2.50 -3.31 -4.34
C LEU A 41 3.50 -4.27 -4.99
N PRO A 42 4.75 -3.84 -5.23
CA PRO A 42 5.77 -4.66 -5.89
C PRO A 42 6.18 -5.82 -5.00
N LEU A 43 6.17 -7.04 -5.56
CA LEU A 43 6.52 -8.27 -4.88
C LEU A 43 7.73 -8.90 -5.54
N ASN A 44 8.81 -9.09 -4.79
CA ASN A 44 10.01 -9.70 -5.34
C ASN A 44 9.79 -11.20 -5.42
N GLU A 45 9.50 -11.72 -6.61
CA GLU A 45 9.28 -13.16 -6.80
C GLU A 45 10.48 -13.98 -6.31
N SER A 46 11.69 -13.41 -6.37
CA SER A 46 12.93 -14.05 -5.93
C SER A 46 13.01 -14.13 -4.38
N GLU A 47 12.05 -13.57 -3.65
CA GLU A 47 11.94 -13.54 -2.19
C GLU A 47 10.67 -14.26 -1.72
N LEU A 48 9.86 -14.80 -2.66
CA LEU A 48 8.62 -15.51 -2.37
C LEU A 48 8.88 -17.02 -2.41
N GLU A 49 7.87 -17.83 -2.09
CA GLU A 49 7.95 -19.28 -2.10
C GLU A 49 6.65 -19.81 -2.72
N GLU A 50 6.72 -20.95 -3.40
CA GLU A 50 5.61 -21.61 -4.05
C GLU A 50 5.76 -23.12 -3.88
N GLN A 51 4.69 -23.88 -4.12
CA GLN A 51 4.71 -25.33 -4.02
C GLN A 51 4.21 -25.94 -5.32
N PHE A 52 4.27 -27.27 -5.44
CA PHE A 52 3.85 -28.01 -6.61
C PHE A 52 3.01 -29.18 -6.12
N VAL A 53 1.72 -29.17 -6.44
CA VAL A 53 0.79 -30.22 -6.04
C VAL A 53 0.87 -31.29 -7.12
N LYS A 54 0.97 -32.55 -6.67
CA LYS A 54 1.10 -33.72 -7.52
C LYS A 54 0.05 -34.80 -7.22
N GLY A 55 -0.80 -34.59 -6.21
CA GLY A 55 -1.83 -35.53 -5.80
C GLY A 55 -2.08 -35.33 -4.31
N HIS A 56 -2.61 -36.35 -3.65
CA HIS A 56 -2.90 -36.34 -2.22
C HIS A 56 -1.58 -36.19 -1.44
N GLY A 57 -1.68 -35.83 -0.17
CA GLY A 57 -0.53 -35.66 0.71
C GLY A 57 -0.99 -35.71 2.17
N PRO A 58 -0.07 -35.49 3.14
CA PRO A 58 -0.41 -35.49 4.54
C PRO A 58 -1.24 -34.25 4.88
N GLY A 59 -1.81 -34.21 6.09
CA GLY A 59 -2.63 -33.10 6.58
C GLY A 59 -3.99 -33.62 7.02
N GLY A 60 -4.67 -34.38 6.16
CA GLY A 60 -5.98 -34.94 6.44
C GLY A 60 -6.76 -35.05 5.15
N GLN A 61 -7.78 -34.21 4.99
CA GLN A 61 -8.68 -34.14 3.83
C GLN A 61 -7.99 -33.50 2.61
N ALA A 62 -6.88 -34.09 2.16
CA ALA A 62 -6.10 -33.65 1.00
C ALA A 62 -6.66 -34.28 -0.29
N THR A 63 -7.93 -34.70 -0.27
CA THR A 63 -8.77 -35.34 -1.26
C THR A 63 -8.94 -34.55 -2.58
N ASN A 64 -8.16 -33.49 -2.81
CA ASN A 64 -8.21 -32.63 -3.99
C ASN A 64 -7.78 -33.41 -5.24
N LYS A 65 -8.75 -33.95 -6.00
CA LYS A 65 -8.48 -34.72 -7.21
C LYS A 65 -8.09 -33.85 -8.41
N THR A 66 -7.98 -32.53 -8.27
CA THR A 66 -7.60 -31.64 -9.35
C THR A 66 -6.22 -32.07 -9.87
N SER A 67 -6.10 -32.39 -11.15
CA SER A 67 -4.85 -32.84 -11.77
C SER A 67 -3.89 -31.67 -12.08
N ASN A 68 -4.25 -30.44 -11.71
CA ASN A 68 -3.50 -29.20 -11.87
C ASN A 68 -4.05 -28.23 -10.82
N CYS A 69 -3.17 -27.42 -10.24
CA CYS A 69 -3.42 -26.39 -9.22
C CYS A 69 -2.05 -25.79 -8.88
N VAL A 70 -1.92 -24.46 -8.82
CA VAL A 70 -0.67 -23.77 -8.49
C VAL A 70 -0.93 -23.01 -7.20
N VAL A 71 -0.26 -23.38 -6.11
CA VAL A 71 -0.42 -22.72 -4.81
C VAL A 71 0.83 -21.88 -4.53
N LEU A 72 0.59 -20.68 -4.00
CA LEU A 72 1.59 -19.68 -3.65
C LEU A 72 1.24 -19.12 -2.27
N LYS A 73 2.23 -18.72 -1.47
CA LYS A 73 2.00 -18.13 -0.15
C LYS A 73 2.93 -16.93 -0.03
N HIS A 74 2.59 -16.02 0.86
CA HIS A 74 3.37 -14.81 1.11
C HIS A 74 4.08 -14.97 2.45
N VAL A 75 5.41 -14.92 2.47
CA VAL A 75 6.22 -15.05 3.68
C VAL A 75 5.83 -13.95 4.70
N PRO A 76 5.97 -12.65 4.39
CA PRO A 76 5.64 -11.56 5.32
C PRO A 76 4.16 -11.36 5.66
N SER A 77 3.23 -11.98 4.95
CA SER A 77 1.79 -11.81 5.22
C SER A 77 1.04 -13.09 5.57
N GLY A 78 1.68 -14.25 5.39
CA GLY A 78 1.13 -15.57 5.68
C GLY A 78 -0.04 -15.97 4.78
N ILE A 79 -0.52 -15.08 3.91
CA ILE A 79 -1.63 -15.30 2.99
C ILE A 79 -1.25 -16.46 2.05
N VAL A 80 -2.20 -17.32 1.74
CA VAL A 80 -2.03 -18.46 0.84
C VAL A 80 -3.12 -18.33 -0.22
N VAL A 81 -2.80 -18.66 -1.47
CA VAL A 81 -3.76 -18.61 -2.55
C VAL A 81 -3.40 -19.68 -3.57
N LYS A 82 -4.44 -20.35 -4.08
CA LYS A 82 -4.34 -21.41 -5.06
C LYS A 82 -5.23 -21.03 -6.25
N CYS A 83 -4.60 -20.79 -7.40
CA CYS A 83 -5.25 -20.39 -8.65
C CYS A 83 -5.43 -21.58 -9.60
N HIS A 84 -6.28 -21.41 -10.62
CA HIS A 84 -6.59 -22.38 -11.66
C HIS A 84 -7.09 -21.59 -12.87
N GLN A 85 -6.43 -21.71 -14.03
CA GLN A 85 -6.81 -21.01 -15.25
C GLN A 85 -6.41 -21.83 -16.47
N THR A 86 -5.17 -22.33 -16.50
CA THR A 86 -4.62 -23.16 -17.57
C THR A 86 -4.04 -24.42 -16.90
N ARG A 87 -3.31 -25.25 -17.64
CA ARG A 87 -2.67 -26.45 -17.08
C ARG A 87 -1.15 -26.34 -17.15
N SER A 88 -0.61 -25.17 -17.50
CA SER A 88 0.81 -24.94 -17.60
C SER A 88 1.25 -24.15 -16.37
N VAL A 89 2.08 -24.75 -15.53
CA VAL A 89 2.59 -24.13 -14.31
C VAL A 89 3.28 -22.81 -14.63
N ASP A 90 4.11 -22.74 -15.69
CA ASP A 90 4.81 -21.52 -16.08
C ASP A 90 3.87 -20.35 -16.34
N GLN A 91 2.65 -20.63 -16.80
CA GLN A 91 1.65 -19.62 -17.08
C GLN A 91 0.88 -19.33 -15.79
N ASN A 92 0.41 -20.37 -15.10
CA ASN A 92 -0.34 -20.23 -13.86
C ASN A 92 0.50 -19.52 -12.78
N ARG A 93 1.84 -19.61 -12.84
CA ARG A 93 2.73 -18.95 -11.89
C ARG A 93 2.47 -17.44 -11.88
N LYS A 94 2.24 -16.79 -13.04
CA LYS A 94 1.98 -15.35 -12.99
C LYS A 94 0.59 -15.08 -12.45
N ILE A 95 -0.36 -16.00 -12.65
CA ILE A 95 -1.74 -15.88 -12.18
C ILE A 95 -1.74 -15.89 -10.66
N ALA A 96 -0.98 -16.79 -10.05
CA ALA A 96 -0.90 -16.88 -8.59
C ALA A 96 -0.32 -15.59 -8.02
N ARG A 97 0.75 -15.09 -8.62
CA ARG A 97 1.40 -13.86 -8.18
C ARG A 97 0.50 -12.65 -8.36
N LYS A 98 -0.10 -12.49 -9.55
CA LYS A 98 -0.96 -11.36 -9.83
C LYS A 98 -2.14 -11.34 -8.87
N VAL A 99 -2.75 -12.50 -8.55
CA VAL A 99 -3.87 -12.52 -7.62
C VAL A 99 -3.36 -12.27 -6.20
N LEU A 100 -2.19 -12.80 -5.83
CA LEU A 100 -1.63 -12.61 -4.48
C LEU A 100 -1.39 -11.13 -4.21
N GLN A 101 -0.93 -10.36 -5.19
CA GLN A 101 -0.68 -8.93 -5.02
C GLN A 101 -1.94 -8.19 -4.54
N GLU A 102 -3.12 -8.62 -5.00
CA GLU A 102 -4.41 -8.02 -4.63
C GLU A 102 -4.69 -8.26 -3.15
N LYS A 103 -4.21 -9.39 -2.63
CA LYS A 103 -4.38 -9.78 -1.24
C LYS A 103 -3.42 -9.02 -0.34
N VAL A 104 -2.15 -8.98 -0.74
CA VAL A 104 -1.09 -8.31 0.00
C VAL A 104 -1.41 -6.81 0.12
N ASP A 105 -1.96 -6.19 -0.93
CA ASP A 105 -2.32 -4.77 -0.93
C ASP A 105 -3.19 -4.43 0.29
N VAL A 106 -4.40 -5.00 0.33
CA VAL A 106 -5.34 -4.76 1.42
C VAL A 106 -4.77 -5.24 2.77
N PHE A 107 -3.89 -6.24 2.79
CA PHE A 107 -3.29 -6.76 4.01
C PHE A 107 -2.32 -5.73 4.61
N TYR A 108 -1.54 -5.04 3.77
CA TYR A 108 -0.57 -4.05 4.20
C TYR A 108 -1.30 -2.79 4.68
N ASN A 109 -2.30 -2.34 3.91
CA ASN A 109 -3.07 -1.14 4.23
C ASN A 109 -3.86 -1.33 5.52
N SER A 110 -4.65 -2.39 5.61
CA SER A 110 -5.47 -2.69 6.77
C SER A 110 -4.63 -3.15 7.96
N GLY A 111 -5.22 -3.09 9.16
CA GLY A 111 -4.60 -3.49 10.41
C GLY A 111 -4.52 -5.02 10.51
N PRO A 112 -3.91 -5.55 11.58
CA PRO A 112 -3.77 -6.99 11.77
C PRO A 112 -5.14 -7.64 11.94
N SER A 113 -5.22 -8.94 11.66
CA SER A 113 -6.45 -9.71 11.76
C SER A 113 -7.01 -9.86 13.18
N SER A 114 -6.26 -9.42 14.19
CA SER A 114 -6.59 -9.49 15.61
C SER A 114 -7.59 -8.36 15.94
N GLY A 115 -7.13 -7.22 16.46
CA GLY A 115 -7.96 -6.07 16.82
C GLY A 115 -7.15 -5.19 17.73
N GLY A 1 47.10 10.66 97.98
CA GLY A 1 45.81 11.20 97.55
C GLY A 1 46.02 12.18 96.41
N SER A 2 44.96 12.60 95.74
CA SER A 2 44.97 13.53 94.62
C SER A 2 43.60 14.21 94.57
N SER A 3 43.44 15.20 93.70
CA SER A 3 42.21 15.97 93.48
C SER A 3 42.33 16.61 92.10
N GLY A 4 41.27 17.23 91.61
CA GLY A 4 41.20 17.89 90.31
C GLY A 4 39.74 18.04 89.89
N SER A 5 39.50 18.62 88.71
CA SER A 5 38.19 18.84 88.13
C SER A 5 38.39 19.03 86.62
N SER A 6 37.31 18.96 85.84
CA SER A 6 37.32 19.10 84.39
C SER A 6 36.07 19.88 83.94
N GLY A 7 36.03 20.30 82.67
CA GLY A 7 34.91 21.05 82.10
C GLY A 7 34.58 20.49 80.71
N LYS A 8 33.31 20.54 80.34
CA LYS A 8 32.84 20.06 79.03
C LYS A 8 32.96 21.16 77.97
N TRP A 9 32.92 20.75 76.70
CA TRP A 9 33.00 21.58 75.51
C TRP A 9 32.07 20.94 74.46
N GLY A 10 31.96 21.51 73.25
CA GLY A 10 31.10 20.94 72.21
C GLY A 10 30.51 21.96 71.25
N LEU A 11 31.23 22.26 70.18
CA LEU A 11 30.80 23.20 69.14
C LEU A 11 29.83 22.43 68.21
N ARG A 12 29.16 23.13 67.29
CA ARG A 12 28.21 22.57 66.34
C ARG A 12 28.05 23.58 65.20
N LEU A 13 27.45 23.16 64.09
CA LEU A 13 27.18 23.96 62.90
C LEU A 13 25.91 23.38 62.27
N GLN A 14 25.28 24.13 61.37
CA GLN A 14 24.07 23.80 60.63
C GLN A 14 24.07 24.68 59.38
N GLU A 15 23.24 24.36 58.39
CA GLU A 15 23.15 25.13 57.16
C GLU A 15 21.67 25.25 56.72
N LYS A 16 21.44 25.96 55.63
CA LYS A 16 20.13 26.20 55.03
C LYS A 16 19.64 24.94 54.31
N PRO A 17 18.31 24.80 54.10
CA PRO A 17 17.76 23.64 53.43
C PRO A 17 18.09 23.63 51.93
N ALA A 18 18.01 22.43 51.34
CA ALA A 18 18.26 22.20 49.93
C ALA A 18 17.01 22.52 49.10
N LEU A 19 17.11 22.37 47.79
CA LEU A 19 16.05 22.61 46.81
C LEU A 19 16.08 21.52 45.74
N LEU A 20 15.10 21.55 44.84
CA LEU A 20 14.91 20.63 43.72
C LEU A 20 14.62 21.45 42.46
N PHE A 21 14.45 20.78 41.32
CA PHE A 21 14.18 21.38 40.03
C PHE A 21 12.97 20.71 39.37
N PRO A 22 12.23 21.42 38.49
CA PRO A 22 11.07 20.88 37.79
C PRO A 22 11.50 20.04 36.58
N GLY A 23 10.54 19.44 35.87
CA GLY A 23 10.75 18.61 34.69
C GLY A 23 9.60 18.81 33.71
N MET A 24 9.82 18.47 32.44
CA MET A 24 8.86 18.58 31.35
C MET A 24 9.15 17.40 30.43
N ALA A 25 8.15 16.57 30.14
CA ALA A 25 8.27 15.40 29.29
C ALA A 25 6.93 15.17 28.58
N ALA A 26 6.46 16.19 27.84
CA ALA A 26 5.19 16.07 27.12
C ALA A 26 5.35 15.02 26.03
N SER A 27 4.32 14.21 25.86
CA SER A 27 4.24 13.14 24.90
C SER A 27 3.70 13.65 23.56
N THR A 28 3.40 12.74 22.63
CA THR A 28 2.86 13.03 21.31
C THR A 28 1.72 12.05 21.00
N VAL A 29 1.08 12.19 19.83
CA VAL A 29 -0.03 11.38 19.34
C VAL A 29 0.15 11.10 17.83
N GLN A 30 -0.77 10.37 17.20
CA GLN A 30 -0.76 10.01 15.78
C GLN A 30 -2.10 10.32 15.11
N VAL A 31 -2.13 10.24 13.79
CA VAL A 31 -3.32 10.49 12.98
C VAL A 31 -3.95 9.15 12.58
N ALA A 32 -5.26 9.14 12.46
CA ALA A 32 -6.04 7.99 12.05
C ALA A 32 -6.35 8.16 10.56
N GLY A 33 -7.28 7.37 10.03
CA GLY A 33 -7.65 7.46 8.63
C GLY A 33 -8.09 6.13 8.06
N ARG A 34 -8.45 6.17 6.78
CA ARG A 34 -8.89 5.02 6.01
C ARG A 34 -7.76 4.03 5.83
N LYS A 35 -6.54 4.54 5.59
CA LYS A 35 -5.33 3.75 5.37
C LYS A 35 -5.53 2.72 4.25
N ASP A 36 -6.42 3.04 3.30
CA ASP A 36 -6.82 2.20 2.15
C ASP A 36 -6.63 2.96 0.83
N TYR A 37 -5.91 4.07 0.88
CA TYR A 37 -5.59 4.94 -0.23
C TYR A 37 -4.73 4.18 -1.27
N PRO A 38 -3.57 3.61 -0.92
CA PRO A 38 -2.76 2.85 -1.85
C PRO A 38 -3.48 1.57 -2.28
N ALA A 39 -3.03 1.02 -3.40
CA ALA A 39 -3.50 -0.20 -4.02
C ALA A 39 -2.29 -0.85 -4.70
N LEU A 40 -2.39 -2.15 -5.02
CA LEU A 40 -1.35 -2.98 -5.67
C LEU A 40 0.07 -2.52 -5.34
N LEU A 41 0.39 -2.64 -4.06
CA LEU A 41 1.66 -2.30 -3.43
C LEU A 41 2.79 -3.11 -4.08
N PRO A 42 4.04 -2.66 -3.99
CA PRO A 42 5.16 -3.39 -4.57
C PRO A 42 5.30 -4.76 -3.91
N LEU A 43 5.62 -5.79 -4.71
CA LEU A 43 5.80 -7.16 -4.27
C LEU A 43 6.92 -7.74 -5.15
N ASN A 44 7.98 -8.24 -4.52
CA ASN A 44 9.13 -8.84 -5.18
C ASN A 44 8.85 -10.31 -5.45
N GLU A 45 8.83 -10.72 -6.72
CA GLU A 45 8.56 -12.11 -7.08
C GLU A 45 9.64 -13.10 -6.60
N SER A 46 10.89 -12.66 -6.47
CA SER A 46 12.01 -13.47 -6.04
C SER A 46 12.10 -13.61 -4.51
N GLU A 47 11.33 -12.82 -3.76
CA GLU A 47 11.37 -12.85 -2.30
C GLU A 47 10.33 -13.84 -1.73
N LEU A 48 9.62 -14.53 -2.62
CA LEU A 48 8.57 -15.48 -2.27
C LEU A 48 9.05 -16.93 -2.39
N GLU A 49 8.18 -17.86 -1.99
CA GLU A 49 8.36 -19.31 -2.02
C GLU A 49 7.13 -19.86 -2.76
N GLU A 50 7.23 -21.04 -3.35
CA GLU A 50 6.13 -21.64 -4.11
C GLU A 50 5.99 -23.14 -3.81
N GLN A 51 4.79 -23.66 -4.05
CA GLN A 51 4.44 -25.04 -3.80
C GLN A 51 3.84 -25.69 -5.05
N PHE A 52 4.23 -26.94 -5.27
CA PHE A 52 3.79 -27.75 -6.39
C PHE A 52 2.80 -28.80 -5.86
N VAL A 53 1.65 -28.96 -6.52
CA VAL A 53 0.63 -29.92 -6.09
C VAL A 53 0.95 -31.27 -6.74
N LYS A 54 1.15 -32.29 -5.91
CA LYS A 54 1.48 -33.64 -6.34
C LYS A 54 0.19 -34.43 -6.54
N GLY A 55 -0.30 -34.49 -7.77
CA GLY A 55 -1.51 -35.26 -8.04
C GLY A 55 -2.78 -34.54 -7.61
N HIS A 56 -3.20 -34.75 -6.36
CA HIS A 56 -4.40 -34.18 -5.76
C HIS A 56 -4.14 -33.76 -4.32
N GLY A 57 -4.96 -32.84 -3.83
CA GLY A 57 -4.93 -32.28 -2.49
C GLY A 57 -5.96 -32.99 -1.59
N PRO A 58 -6.23 -32.45 -0.40
CA PRO A 58 -7.18 -33.02 0.55
C PRO A 58 -8.61 -32.95 -0.02
N GLY A 59 -9.56 -33.61 0.65
CA GLY A 59 -10.95 -33.64 0.23
C GLY A 59 -11.56 -32.25 0.12
N GLY A 60 -12.66 -32.13 -0.63
CA GLY A 60 -13.38 -30.88 -0.86
C GLY A 60 -13.62 -30.80 -2.35
N GLN A 61 -12.63 -30.35 -3.10
CA GLN A 61 -12.69 -30.24 -4.56
C GLN A 61 -12.78 -31.67 -5.10
N ALA A 62 -13.76 -31.94 -5.96
CA ALA A 62 -13.94 -33.25 -6.56
C ALA A 62 -12.69 -33.64 -7.37
N THR A 63 -12.55 -34.91 -7.72
CA THR A 63 -11.41 -35.35 -8.51
C THR A 63 -11.44 -34.59 -9.84
N ASN A 64 -10.30 -34.03 -10.24
CA ASN A 64 -10.15 -33.27 -11.46
C ASN A 64 -8.90 -33.80 -12.12
N LYS A 65 -8.99 -34.22 -13.40
CA LYS A 65 -7.82 -34.76 -14.10
C LYS A 65 -6.71 -33.69 -14.23
N THR A 66 -7.04 -32.41 -14.13
CA THR A 66 -6.13 -31.29 -14.23
C THR A 66 -5.32 -31.14 -12.94
N SER A 67 -4.36 -32.05 -12.71
CA SER A 67 -3.49 -32.03 -11.54
C SER A 67 -2.55 -30.80 -11.53
N ASN A 68 -2.57 -30.02 -12.62
CA ASN A 68 -1.80 -28.81 -12.87
C ASN A 68 -2.31 -27.62 -12.03
N CYS A 69 -2.24 -27.70 -10.71
CA CYS A 69 -2.68 -26.66 -9.78
C CYS A 69 -1.45 -25.93 -9.21
N VAL A 70 -1.60 -24.69 -8.76
CA VAL A 70 -0.53 -23.85 -8.19
C VAL A 70 -1.04 -23.30 -6.86
N VAL A 71 -0.19 -23.18 -5.84
CA VAL A 71 -0.53 -22.69 -4.51
C VAL A 71 0.60 -21.77 -4.06
N LEU A 72 0.43 -20.46 -4.28
CA LEU A 72 1.43 -19.47 -3.92
C LEU A 72 1.15 -18.90 -2.52
N LYS A 73 2.18 -18.45 -1.83
CA LYS A 73 2.11 -17.89 -0.48
C LYS A 73 3.06 -16.70 -0.32
N HIS A 74 2.60 -15.62 0.32
CA HIS A 74 3.46 -14.46 0.54
C HIS A 74 4.19 -14.73 1.85
N VAL A 75 5.50 -14.54 1.92
CA VAL A 75 6.28 -14.82 3.13
C VAL A 75 5.87 -13.90 4.29
N PRO A 76 6.08 -12.58 4.23
CA PRO A 76 5.74 -11.63 5.30
C PRO A 76 4.25 -11.41 5.56
N SER A 77 3.35 -11.93 4.72
CA SER A 77 1.90 -11.75 4.91
C SER A 77 1.19 -13.06 5.25
N GLY A 78 1.83 -14.20 4.98
CA GLY A 78 1.32 -15.54 5.23
C GLY A 78 0.08 -15.95 4.44
N ILE A 79 -0.55 -15.05 3.67
CA ILE A 79 -1.73 -15.38 2.89
C ILE A 79 -1.31 -16.39 1.83
N VAL A 80 -2.16 -17.41 1.64
CA VAL A 80 -1.99 -18.49 0.69
C VAL A 80 -3.21 -18.46 -0.23
N VAL A 81 -3.00 -18.64 -1.53
CA VAL A 81 -4.08 -18.67 -2.50
C VAL A 81 -3.71 -19.63 -3.63
N LYS A 82 -4.72 -20.28 -4.21
CA LYS A 82 -4.51 -21.23 -5.29
C LYS A 82 -5.50 -21.01 -6.42
N CYS A 83 -4.98 -21.02 -7.64
CA CYS A 83 -5.72 -20.84 -8.88
C CYS A 83 -5.13 -21.80 -9.95
N HIS A 84 -5.93 -22.17 -10.94
CA HIS A 84 -5.57 -23.06 -12.06
C HIS A 84 -6.42 -22.66 -13.28
N GLN A 85 -5.84 -21.91 -14.22
CA GLN A 85 -6.54 -21.43 -15.41
C GLN A 85 -5.92 -21.89 -16.75
N THR A 86 -4.69 -22.41 -16.78
CA THR A 86 -4.07 -22.86 -18.04
C THR A 86 -3.41 -24.23 -17.84
N ARG A 87 -3.01 -24.88 -18.94
CA ARG A 87 -2.32 -26.17 -18.89
C ARG A 87 -0.83 -25.99 -18.58
N SER A 88 -0.33 -24.76 -18.61
CA SER A 88 1.05 -24.41 -18.35
C SER A 88 1.23 -23.98 -16.90
N VAL A 89 2.00 -24.75 -16.13
CA VAL A 89 2.27 -24.44 -14.73
C VAL A 89 2.99 -23.10 -14.60
N ASP A 90 3.99 -22.84 -15.42
CA ASP A 90 4.75 -21.59 -15.37
C ASP A 90 3.84 -20.38 -15.55
N GLN A 91 2.93 -20.44 -16.54
CA GLN A 91 1.99 -19.36 -16.81
C GLN A 91 1.07 -19.21 -15.61
N ASN A 92 0.61 -20.33 -15.03
CA ASN A 92 -0.27 -20.33 -13.87
C ASN A 92 0.44 -19.68 -12.68
N ARG A 93 1.78 -19.69 -12.60
CA ARG A 93 2.49 -19.04 -11.50
C ARG A 93 2.18 -17.55 -11.57
N LYS A 94 2.27 -16.94 -12.76
CA LYS A 94 2.00 -15.51 -12.94
C LYS A 94 0.56 -15.20 -12.54
N ILE A 95 -0.37 -16.10 -12.84
CA ILE A 95 -1.76 -15.88 -12.49
C ILE A 95 -1.87 -15.82 -10.96
N ALA A 96 -1.28 -16.77 -10.25
CA ALA A 96 -1.32 -16.78 -8.79
C ALA A 96 -0.60 -15.56 -8.22
N ARG A 97 0.48 -15.10 -8.87
CA ARG A 97 1.25 -13.94 -8.44
C ARG A 97 0.40 -12.66 -8.50
N LYS A 98 -0.24 -12.36 -9.64
CA LYS A 98 -1.04 -11.14 -9.73
C LYS A 98 -2.16 -11.15 -8.68
N VAL A 99 -2.87 -12.27 -8.48
CA VAL A 99 -3.92 -12.29 -7.48
C VAL A 99 -3.30 -12.15 -6.08
N LEU A 100 -2.09 -12.69 -5.86
CA LEU A 100 -1.43 -12.56 -4.56
C LEU A 100 -1.09 -11.08 -4.32
N GLN A 101 -0.76 -10.29 -5.35
CA GLN A 101 -0.47 -8.88 -5.16
C GLN A 101 -1.69 -8.22 -4.51
N GLU A 102 -2.90 -8.51 -5.01
CA GLU A 102 -4.16 -7.97 -4.49
C GLU A 102 -4.30 -8.31 -2.99
N LYS A 103 -3.85 -9.50 -2.60
CA LYS A 103 -3.90 -9.95 -1.21
C LYS A 103 -2.87 -9.22 -0.34
N VAL A 104 -1.67 -8.96 -0.84
CA VAL A 104 -0.63 -8.25 -0.08
C VAL A 104 -1.11 -6.82 0.19
N ASP A 105 -1.76 -6.20 -0.79
CA ASP A 105 -2.31 -4.86 -0.72
C ASP A 105 -3.29 -4.72 0.44
N VAL A 106 -4.39 -5.48 0.40
CA VAL A 106 -5.40 -5.42 1.45
C VAL A 106 -4.81 -5.83 2.80
N PHE A 107 -3.76 -6.67 2.82
CA PHE A 107 -3.11 -7.09 4.05
C PHE A 107 -2.43 -5.89 4.71
N TYR A 108 -1.86 -4.98 3.92
CA TYR A 108 -1.18 -3.80 4.46
C TYR A 108 -2.21 -2.80 4.97
N ASN A 109 -3.28 -2.60 4.19
CA ASN A 109 -4.35 -1.65 4.50
C ASN A 109 -5.16 -2.10 5.73
N SER A 110 -5.74 -3.30 5.65
CA SER A 110 -6.57 -3.90 6.69
C SER A 110 -5.71 -4.84 7.53
N GLY A 111 -4.73 -4.27 8.23
CA GLY A 111 -3.82 -5.00 9.10
C GLY A 111 -3.49 -4.17 10.35
N PRO A 112 -3.01 -4.83 11.44
CA PRO A 112 -2.66 -4.17 12.68
C PRO A 112 -1.53 -3.18 12.42
N SER A 113 -1.72 -1.93 12.85
CA SER A 113 -0.76 -0.86 12.68
C SER A 113 -0.75 0.05 13.91
N SER A 114 0.33 0.82 14.06
CA SER A 114 0.53 1.79 15.13
C SER A 114 1.25 2.96 14.45
N GLY A 115 0.56 3.52 13.45
CA GLY A 115 0.94 4.60 12.58
C GLY A 115 -0.02 4.49 11.43
N GLY A 1 11.99 98.33 50.96
CA GLY A 1 12.20 97.10 50.16
C GLY A 1 12.99 97.48 48.92
N SER A 2 13.68 96.51 48.32
CA SER A 2 14.51 96.72 47.12
C SER A 2 14.31 95.50 46.20
N SER A 3 14.77 95.61 44.96
CA SER A 3 14.68 94.56 43.95
C SER A 3 15.83 94.77 42.96
N GLY A 4 16.02 93.82 42.04
CA GLY A 4 17.06 93.84 41.02
C GLY A 4 17.20 92.43 40.45
N SER A 5 18.12 92.24 39.50
CA SER A 5 18.39 90.95 38.88
C SER A 5 19.78 91.01 38.24
N SER A 6 20.21 89.92 37.61
CA SER A 6 21.52 89.82 36.94
C SER A 6 21.41 89.32 35.50
N GLY A 7 20.18 89.21 34.96
CA GLY A 7 19.97 88.74 33.59
C GLY A 7 20.58 87.35 33.38
N LYS A 8 21.03 87.09 32.16
CA LYS A 8 21.67 85.91 31.57
C LYS A 8 21.60 86.08 30.04
N TRP A 9 22.32 85.27 29.29
CA TRP A 9 22.35 85.29 27.83
C TRP A 9 22.80 83.91 27.33
N GLY A 10 22.80 83.71 26.02
CA GLY A 10 23.20 82.46 25.37
C GLY A 10 21.99 81.56 25.11
N LEU A 11 22.16 80.58 24.23
CA LEU A 11 21.15 79.60 23.83
C LEU A 11 21.86 78.31 23.46
N ARG A 12 21.10 77.22 23.33
CA ARG A 12 21.61 75.91 22.96
C ARG A 12 20.48 75.14 22.28
N LEU A 13 20.79 74.53 21.15
CA LEU A 13 19.93 73.71 20.30
C LEU A 13 20.87 72.84 19.45
N GLN A 14 20.31 72.05 18.53
CA GLN A 14 20.78 71.09 17.53
C GLN A 14 19.70 70.00 17.43
N GLU A 15 19.78 69.13 16.42
CA GLU A 15 18.84 68.04 16.26
C GLU A 15 19.64 66.80 15.83
N LYS A 16 19.01 65.62 15.81
CA LYS A 16 19.61 64.34 15.49
C LYS A 16 19.04 63.76 14.20
N PRO A 17 19.82 62.90 13.51
CA PRO A 17 19.37 62.23 12.29
C PRO A 17 18.36 61.13 12.66
N ALA A 18 17.60 60.65 11.67
CA ALA A 18 16.60 59.60 11.83
C ALA A 18 16.58 58.73 10.58
N LEU A 19 15.97 57.55 10.67
CA LEU A 19 15.83 56.55 9.60
C LEU A 19 14.68 55.61 9.95
N LEU A 20 14.36 54.69 9.03
CA LEU A 20 13.34 53.67 9.13
C LEU A 20 13.93 52.35 8.62
N PHE A 21 13.19 51.26 8.72
CA PHE A 21 13.61 49.93 8.29
C PHE A 21 12.61 49.35 7.27
N PRO A 22 13.07 48.46 6.37
CA PRO A 22 12.21 47.83 5.36
C PRO A 22 11.44 46.64 5.97
N GLY A 23 10.63 45.97 5.15
CA GLY A 23 9.83 44.82 5.52
C GLY A 23 9.86 43.79 4.39
N MET A 24 9.39 42.57 4.66
CA MET A 24 9.34 41.45 3.73
C MET A 24 8.09 40.63 4.11
N ALA A 25 7.34 40.13 3.13
CA ALA A 25 6.12 39.35 3.39
C ALA A 25 5.86 38.36 2.23
N ALA A 26 6.79 37.43 1.97
CA ALA A 26 6.61 36.46 0.92
C ALA A 26 5.62 35.39 1.42
N SER A 27 4.73 34.95 0.54
CA SER A 27 3.71 33.96 0.82
C SER A 27 4.30 32.55 0.93
N THR A 28 3.53 31.64 1.49
CA THR A 28 3.88 30.23 1.67
C THR A 28 3.15 29.41 0.61
N VAL A 29 3.55 28.16 0.41
CA VAL A 29 2.98 27.25 -0.57
C VAL A 29 2.46 26.02 0.19
N GLN A 30 1.33 25.47 -0.25
CA GLN A 30 0.75 24.30 0.39
C GLN A 30 1.71 23.11 0.31
N VAL A 31 1.78 22.38 1.42
CA VAL A 31 2.62 21.21 1.60
C VAL A 31 1.91 19.98 1.00
N ALA A 32 2.63 18.87 0.89
CA ALA A 32 2.18 17.57 0.39
C ALA A 32 2.92 16.51 1.21
N GLY A 33 2.29 15.35 1.40
CA GLY A 33 2.81 14.22 2.15
C GLY A 33 2.55 12.91 1.42
N ARG A 34 1.28 12.60 1.12
CA ARG A 34 0.87 11.38 0.41
C ARG A 34 -0.44 11.66 -0.33
N LYS A 35 -0.64 11.08 -1.52
CA LYS A 35 -1.84 11.21 -2.37
C LYS A 35 -2.01 10.08 -3.39
N ASP A 36 -1.18 9.07 -3.34
CA ASP A 36 -1.16 7.92 -4.24
C ASP A 36 -1.32 6.62 -3.43
N TYR A 37 -2.08 6.69 -2.33
CA TYR A 37 -2.35 5.58 -1.43
C TYR A 37 -2.87 4.35 -2.19
N PRO A 38 -4.05 4.39 -2.85
CA PRO A 38 -4.57 3.26 -3.61
C PRO A 38 -3.69 3.02 -4.82
N ALA A 39 -2.71 2.13 -4.65
CA ALA A 39 -1.73 1.74 -5.64
C ALA A 39 -1.20 0.37 -5.25
N LEU A 40 -1.08 -0.53 -6.21
CA LEU A 40 -0.57 -1.87 -6.00
C LEU A 40 0.87 -1.75 -5.57
N LEU A 41 1.13 -1.92 -4.27
CA LEU A 41 2.47 -1.85 -3.72
C LEU A 41 3.36 -2.89 -4.42
N PRO A 42 4.66 -2.61 -4.63
CA PRO A 42 5.55 -3.53 -5.31
C PRO A 42 5.83 -4.79 -4.46
N LEU A 43 6.00 -5.91 -5.14
CA LEU A 43 6.27 -7.22 -4.53
C LEU A 43 7.69 -7.69 -4.83
N ASN A 44 8.19 -8.62 -4.01
CA ASN A 44 9.52 -9.22 -4.17
C ASN A 44 9.35 -10.70 -4.48
N GLU A 45 9.48 -11.09 -5.75
CA GLU A 45 9.31 -12.49 -6.17
C GLU A 45 10.41 -13.40 -5.61
N SER A 46 11.54 -12.82 -5.21
CA SER A 46 12.69 -13.51 -4.65
C SER A 46 12.56 -13.75 -3.14
N GLU A 47 11.42 -13.41 -2.53
CA GLU A 47 11.18 -13.56 -1.09
C GLU A 47 9.91 -14.40 -0.84
N LEU A 48 9.50 -15.21 -1.81
CA LEU A 48 8.31 -16.06 -1.71
C LEU A 48 8.74 -17.52 -1.66
N GLU A 49 7.86 -18.41 -1.20
CA GLU A 49 8.08 -19.85 -1.08
C GLU A 49 6.94 -20.55 -1.82
N GLU A 50 7.18 -20.90 -3.08
CA GLU A 50 6.22 -21.57 -3.95
C GLU A 50 6.25 -23.08 -3.81
N GLN A 51 5.20 -23.75 -4.29
CA GLN A 51 5.03 -25.19 -4.27
C GLN A 51 4.24 -25.56 -5.55
N PHE A 52 4.10 -26.85 -5.83
CA PHE A 52 3.39 -27.37 -7.00
C PHE A 52 2.42 -28.45 -6.54
N VAL A 53 1.38 -28.71 -7.32
CA VAL A 53 0.37 -29.72 -7.00
C VAL A 53 0.64 -30.99 -7.80
N LYS A 54 0.35 -32.13 -7.19
CA LYS A 54 0.48 -33.49 -7.73
C LYS A 54 -0.66 -34.33 -7.13
N GLY A 55 -1.80 -33.70 -6.83
CA GLY A 55 -2.90 -34.40 -6.19
C GLY A 55 -2.44 -34.61 -4.75
N HIS A 56 -2.78 -35.75 -4.17
CA HIS A 56 -2.45 -36.18 -2.81
C HIS A 56 -2.89 -35.17 -1.75
N GLY A 57 -2.08 -34.13 -1.47
CA GLY A 57 -2.42 -33.14 -0.46
C GLY A 57 -2.53 -33.81 0.91
N PRO A 58 -3.20 -33.15 1.86
CA PRO A 58 -3.41 -33.68 3.20
C PRO A 58 -4.49 -34.79 3.20
N GLY A 59 -4.87 -35.33 2.04
CA GLY A 59 -5.88 -36.37 1.90
C GLY A 59 -7.20 -35.75 1.46
N GLY A 60 -8.30 -36.42 1.82
CA GLY A 60 -9.64 -35.97 1.46
C GLY A 60 -9.98 -36.29 0.02
N GLN A 61 -11.18 -35.85 -0.42
CA GLN A 61 -11.73 -36.05 -1.75
C GLN A 61 -10.89 -35.45 -2.90
N ALA A 62 -9.78 -34.76 -2.61
CA ALA A 62 -8.91 -34.14 -3.61
C ALA A 62 -7.66 -34.99 -3.92
N THR A 63 -7.35 -36.02 -3.13
CA THR A 63 -6.18 -36.86 -3.31
C THR A 63 -5.99 -37.35 -4.77
N ASN A 64 -6.98 -38.03 -5.33
CA ASN A 64 -6.89 -38.56 -6.71
C ASN A 64 -7.04 -37.47 -7.78
N LYS A 65 -7.39 -36.22 -7.43
CA LYS A 65 -7.56 -35.15 -8.40
C LYS A 65 -6.24 -34.45 -8.74
N THR A 66 -5.27 -35.21 -9.23
CA THR A 66 -3.98 -34.64 -9.61
C THR A 66 -4.29 -33.59 -10.69
N SER A 67 -3.77 -32.37 -10.54
CA SER A 67 -4.02 -31.29 -11.48
C SER A 67 -2.85 -30.29 -11.50
N ASN A 68 -2.73 -29.56 -12.60
CA ASN A 68 -1.72 -28.54 -12.92
C ASN A 68 -1.83 -27.25 -12.10
N CYS A 69 -2.59 -27.26 -11.00
CA CYS A 69 -2.78 -26.11 -10.12
C CYS A 69 -1.45 -25.71 -9.48
N VAL A 70 -1.39 -24.46 -9.00
CA VAL A 70 -0.23 -23.89 -8.34
C VAL A 70 -0.70 -23.36 -6.99
N VAL A 71 0.19 -23.38 -5.99
CA VAL A 71 -0.10 -22.90 -4.65
C VAL A 71 1.10 -22.05 -4.25
N LEU A 72 0.84 -20.77 -4.06
CA LEU A 72 1.79 -19.73 -3.69
C LEU A 72 1.31 -19.12 -2.38
N LYS A 73 2.23 -18.61 -1.56
CA LYS A 73 1.95 -17.98 -0.28
C LYS A 73 2.92 -16.86 0.03
N HIS A 74 2.46 -15.88 0.79
CA HIS A 74 3.29 -14.74 1.20
C HIS A 74 4.01 -15.15 2.46
N VAL A 75 5.31 -14.89 2.57
CA VAL A 75 6.06 -15.27 3.75
C VAL A 75 5.67 -14.44 4.97
N PRO A 76 5.79 -13.10 4.98
CA PRO A 76 5.47 -12.25 6.14
C PRO A 76 3.99 -12.06 6.45
N SER A 77 3.09 -12.51 5.57
CA SER A 77 1.64 -12.36 5.78
C SER A 77 0.94 -13.73 5.87
N GLY A 78 1.64 -14.80 5.49
CA GLY A 78 1.13 -16.16 5.51
C GLY A 78 -0.13 -16.35 4.64
N ILE A 79 -0.46 -15.39 3.77
CA ILE A 79 -1.61 -15.45 2.89
C ILE A 79 -1.34 -16.59 1.90
N VAL A 80 -2.29 -17.50 1.70
CA VAL A 80 -2.16 -18.64 0.79
C VAL A 80 -3.32 -18.57 -0.20
N VAL A 81 -3.04 -18.87 -1.47
CA VAL A 81 -4.07 -18.89 -2.50
C VAL A 81 -3.77 -20.04 -3.46
N LYS A 82 -4.83 -20.69 -3.97
CA LYS A 82 -4.75 -21.82 -4.88
C LYS A 82 -5.48 -21.39 -6.14
N CYS A 83 -4.77 -21.19 -7.25
CA CYS A 83 -5.35 -20.76 -8.51
C CYS A 83 -5.01 -21.74 -9.64
N HIS A 84 -5.83 -21.68 -10.68
CA HIS A 84 -5.75 -22.49 -11.88
C HIS A 84 -6.45 -21.75 -13.02
N GLN A 85 -5.95 -21.88 -14.24
CA GLN A 85 -6.54 -21.25 -15.42
C GLN A 85 -6.19 -22.05 -16.67
N THR A 86 -4.99 -22.62 -16.72
CA THR A 86 -4.51 -23.40 -17.84
C THR A 86 -3.76 -24.62 -17.29
N ARG A 87 -3.22 -25.46 -18.18
CA ARG A 87 -2.42 -26.61 -17.78
C ARG A 87 -0.94 -26.21 -17.75
N SER A 88 -0.62 -24.99 -18.18
CA SER A 88 0.71 -24.45 -18.26
C SER A 88 1.09 -23.97 -16.87
N VAL A 89 2.11 -24.60 -16.26
CA VAL A 89 2.57 -24.23 -14.92
C VAL A 89 3.16 -22.82 -14.92
N ASP A 90 3.88 -22.45 -15.99
CA ASP A 90 4.50 -21.14 -16.16
C ASP A 90 3.43 -20.04 -16.20
N GLN A 91 2.26 -20.33 -16.75
CA GLN A 91 1.17 -19.39 -16.84
C GLN A 91 0.51 -19.28 -15.48
N ASN A 92 0.10 -20.43 -14.92
CA ASN A 92 -0.56 -20.48 -13.62
C ASN A 92 0.29 -19.76 -12.56
N ARG A 93 1.63 -19.83 -12.64
CA ARG A 93 2.53 -19.16 -11.72
C ARG A 93 2.26 -17.65 -11.72
N LYS A 94 2.38 -16.96 -12.87
CA LYS A 94 2.16 -15.50 -12.87
C LYS A 94 0.73 -15.11 -12.50
N ILE A 95 -0.26 -15.93 -12.86
CA ILE A 95 -1.66 -15.68 -12.56
C ILE A 95 -1.80 -15.64 -11.03
N ALA A 96 -1.28 -16.68 -10.36
CA ALA A 96 -1.30 -16.78 -8.92
C ALA A 96 -0.57 -15.56 -8.34
N ARG A 97 0.65 -15.27 -8.82
CA ARG A 97 1.47 -14.16 -8.37
C ARG A 97 0.69 -12.84 -8.38
N LYS A 98 -0.03 -12.54 -9.47
CA LYS A 98 -0.78 -11.29 -9.53
C LYS A 98 -1.90 -11.27 -8.50
N VAL A 99 -2.70 -12.33 -8.35
CA VAL A 99 -3.80 -12.28 -7.37
C VAL A 99 -3.26 -12.12 -5.96
N LEU A 100 -2.06 -12.63 -5.69
CA LEU A 100 -1.41 -12.51 -4.38
C LEU A 100 -1.16 -11.02 -4.10
N GLN A 101 -0.67 -10.28 -5.11
CA GLN A 101 -0.39 -8.85 -5.02
C GLN A 101 -1.64 -8.08 -4.56
N GLU A 102 -2.82 -8.46 -5.05
CA GLU A 102 -4.09 -7.84 -4.71
C GLU A 102 -4.43 -8.12 -3.24
N LYS A 103 -3.99 -9.25 -2.69
CA LYS A 103 -4.25 -9.62 -1.28
C LYS A 103 -3.30 -8.87 -0.37
N VAL A 104 -2.00 -8.86 -0.71
CA VAL A 104 -1.00 -8.16 0.09
C VAL A 104 -1.33 -6.66 0.11
N ASP A 105 -1.94 -6.13 -0.95
CA ASP A 105 -2.36 -4.74 -1.05
C ASP A 105 -3.30 -4.48 0.12
N VAL A 106 -4.44 -5.19 0.15
CA VAL A 106 -5.44 -5.07 1.21
C VAL A 106 -4.81 -5.43 2.57
N PHE A 107 -3.80 -6.29 2.65
CA PHE A 107 -3.15 -6.67 3.91
C PHE A 107 -2.40 -5.48 4.53
N TYR A 108 -1.80 -4.61 3.71
CA TYR A 108 -1.07 -3.44 4.17
C TYR A 108 -2.03 -2.27 4.36
N ASN A 109 -3.10 -2.21 3.55
CA ASN A 109 -4.11 -1.16 3.64
C ASN A 109 -5.10 -1.45 4.77
N SER A 110 -5.16 -2.68 5.26
CA SER A 110 -6.05 -3.13 6.31
C SER A 110 -5.44 -4.33 7.02
N GLY A 111 -4.89 -4.06 8.20
CA GLY A 111 -4.27 -5.04 9.06
C GLY A 111 -4.20 -4.48 10.49
N PRO A 112 -3.49 -5.14 11.41
CA PRO A 112 -3.36 -4.72 12.80
C PRO A 112 -2.39 -3.55 12.99
N SER A 113 -1.96 -2.85 11.94
CA SER A 113 -1.05 -1.73 12.07
C SER A 113 -1.83 -0.48 12.49
N SER A 114 -1.50 0.05 13.67
CA SER A 114 -2.12 1.26 14.21
C SER A 114 -1.37 2.44 13.57
N GLY A 115 -1.76 2.82 12.35
CA GLY A 115 -1.17 3.91 11.60
C GLY A 115 -2.07 4.21 10.42
N GLY A 1 30.62 6.21 95.82
CA GLY A 1 30.72 7.53 95.17
C GLY A 1 29.34 8.05 94.85
N SER A 2 29.23 9.17 94.16
CA SER A 2 27.98 9.79 93.75
C SER A 2 28.31 10.67 92.53
N SER A 3 27.29 11.17 91.84
CA SER A 3 27.41 12.02 90.67
C SER A 3 26.07 12.71 90.43
N GLY A 4 26.04 13.72 89.57
CA GLY A 4 24.86 14.49 89.23
C GLY A 4 25.30 15.71 88.44
N SER A 5 24.62 16.01 87.34
CA SER A 5 24.90 17.14 86.47
C SER A 5 23.57 17.66 85.91
N SER A 6 23.56 18.88 85.37
CA SER A 6 22.39 19.51 84.79
C SER A 6 22.86 20.57 83.78
N GLY A 7 21.93 21.17 83.03
CA GLY A 7 22.23 22.19 82.05
C GLY A 7 20.98 22.51 81.25
N LYS A 8 21.06 23.51 80.37
CA LYS A 8 19.96 23.95 79.51
C LYS A 8 20.60 24.64 78.32
N TRP A 9 20.48 24.06 77.12
CA TRP A 9 21.05 24.60 75.89
C TRP A 9 20.58 26.03 75.61
N GLY A 10 19.31 26.21 75.24
CA GLY A 10 18.76 27.52 74.93
C GLY A 10 17.48 27.34 74.13
N LEU A 11 16.88 28.45 73.69
CA LEU A 11 15.66 28.49 72.90
C LEU A 11 15.83 29.63 71.90
N ARG A 12 15.24 29.53 70.71
CA ARG A 12 15.31 30.55 69.69
C ARG A 12 14.09 30.38 68.78
N LEU A 13 13.58 31.49 68.24
CA LEU A 13 12.45 31.53 67.35
C LEU A 13 13.02 31.86 65.97
N GLN A 14 12.37 31.34 64.95
CA GLN A 14 12.69 31.45 63.53
C GLN A 14 11.44 30.98 62.76
N GLU A 15 11.54 30.84 61.44
CA GLU A 15 10.46 30.39 60.57
C GLU A 15 11.08 29.32 59.64
N LYS A 16 10.25 28.59 58.89
CA LYS A 16 10.66 27.54 57.98
C LYS A 16 11.17 28.18 56.68
N PRO A 17 12.09 27.54 55.95
CA PRO A 17 12.61 28.07 54.70
C PRO A 17 11.51 27.95 53.64
N ALA A 18 11.36 28.97 52.80
CA ALA A 18 10.37 28.97 51.73
C ALA A 18 10.84 28.02 50.63
N LEU A 19 9.88 27.52 49.83
CA LEU A 19 10.10 26.61 48.71
C LEU A 19 9.13 27.01 47.59
N LEU A 20 9.30 26.43 46.41
CA LEU A 20 8.49 26.67 45.23
C LEU A 20 8.24 25.35 44.50
N PHE A 21 7.32 25.35 43.55
CA PHE A 21 6.96 24.18 42.75
C PHE A 21 7.86 24.13 41.51
N PRO A 22 8.09 22.94 40.94
CA PRO A 22 8.93 22.78 39.75
C PRO A 22 8.18 23.24 38.49
N GLY A 23 8.92 23.47 37.41
CA GLY A 23 8.40 23.88 36.13
C GLY A 23 8.24 22.66 35.21
N MET A 24 7.83 22.90 33.97
CA MET A 24 7.64 21.87 32.95
C MET A 24 8.55 22.19 31.78
N ALA A 25 9.09 21.16 31.12
CA ALA A 25 9.97 21.25 29.98
C ALA A 25 9.69 20.00 29.13
N ALA A 26 8.49 19.94 28.54
CA ALA A 26 8.12 18.81 27.71
C ALA A 26 8.91 18.83 26.42
N SER A 27 8.79 17.78 25.60
CA SER A 27 9.51 17.67 24.36
C SER A 27 8.77 16.75 23.38
N THR A 28 9.31 16.63 22.18
CA THR A 28 8.83 15.83 21.06
C THR A 28 10.04 15.13 20.41
N VAL A 29 9.81 14.26 19.44
CA VAL A 29 10.82 13.49 18.70
C VAL A 29 10.36 13.32 17.24
N GLN A 30 11.16 12.66 16.42
CA GLN A 30 10.81 12.38 15.02
C GLN A 30 9.71 11.31 15.07
N VAL A 31 8.72 11.41 14.17
CA VAL A 31 7.62 10.46 14.12
C VAL A 31 7.77 9.51 12.93
N ALA A 32 6.83 8.57 12.82
CA ALA A 32 6.80 7.61 11.75
C ALA A 32 6.20 8.21 10.48
N GLY A 33 6.24 7.46 9.39
CA GLY A 33 5.70 7.81 8.09
C GLY A 33 5.44 6.51 7.33
N ARG A 34 4.65 6.59 6.27
CA ARG A 34 4.32 5.42 5.46
C ARG A 34 5.18 5.33 4.22
N LYS A 35 5.08 4.18 3.56
CA LYS A 35 5.74 3.80 2.32
C LYS A 35 4.81 2.92 1.51
N ASP A 36 3.52 3.02 1.84
CA ASP A 36 2.41 2.29 1.27
C ASP A 36 1.52 3.14 0.39
N TYR A 37 1.93 4.38 0.09
CA TYR A 37 1.18 5.28 -0.76
C TYR A 37 0.87 4.59 -2.11
N PRO A 38 1.89 4.15 -2.89
CA PRO A 38 1.66 3.46 -4.15
C PRO A 38 1.00 2.09 -3.90
N ALA A 39 -0.28 1.97 -4.25
CA ALA A 39 -1.06 0.74 -4.11
C ALA A 39 -0.59 -0.31 -5.11
N LEU A 40 -0.97 -1.57 -4.88
CA LEU A 40 -0.63 -2.75 -5.66
C LEU A 40 0.88 -2.78 -5.90
N LEU A 41 1.61 -2.65 -4.79
CA LEU A 41 3.07 -2.64 -4.71
C LEU A 41 3.63 -3.92 -5.34
N PRO A 42 4.84 -3.90 -5.94
CA PRO A 42 5.43 -5.06 -6.59
C PRO A 42 5.64 -6.26 -5.66
N LEU A 43 5.59 -7.46 -6.26
CA LEU A 43 5.76 -8.74 -5.58
C LEU A 43 6.91 -9.47 -6.25
N ASN A 44 8.03 -9.60 -5.54
CA ASN A 44 9.24 -10.27 -6.00
C ASN A 44 9.08 -11.77 -5.86
N GLU A 45 8.82 -12.47 -6.98
CA GLU A 45 8.66 -13.93 -6.99
C GLU A 45 9.84 -14.68 -6.38
N SER A 46 11.05 -14.12 -6.45
CA SER A 46 12.24 -14.75 -5.92
C SER A 46 12.25 -14.71 -4.38
N GLU A 47 11.52 -13.76 -3.76
CA GLU A 47 11.44 -13.61 -2.31
C GLU A 47 10.30 -14.46 -1.74
N LEU A 48 9.34 -14.82 -2.58
CA LEU A 48 8.18 -15.63 -2.19
C LEU A 48 8.53 -17.11 -2.24
N GLU A 49 7.60 -17.98 -1.84
CA GLU A 49 7.76 -19.42 -1.84
C GLU A 49 6.52 -20.01 -2.52
N GLU A 50 6.72 -21.03 -3.32
CA GLU A 50 5.68 -21.70 -4.08
C GLU A 50 5.76 -23.20 -3.85
N GLN A 51 4.66 -23.92 -4.05
CA GLN A 51 4.61 -25.35 -3.85
C GLN A 51 3.84 -25.93 -5.01
N PHE A 52 4.56 -26.78 -5.73
CA PHE A 52 4.11 -27.48 -6.91
C PHE A 52 3.16 -28.62 -6.52
N VAL A 53 2.40 -29.14 -7.48
CA VAL A 53 1.44 -30.22 -7.27
C VAL A 53 1.71 -31.28 -8.33
N LYS A 54 1.89 -32.52 -7.88
CA LYS A 54 2.15 -33.71 -8.70
C LYS A 54 1.17 -34.83 -8.36
N GLY A 55 0.42 -34.71 -7.26
CA GLY A 55 -0.56 -35.66 -6.77
C GLY A 55 -0.28 -36.01 -5.31
N HIS A 56 -1.35 -36.32 -4.57
CA HIS A 56 -1.34 -36.70 -3.17
C HIS A 56 -2.74 -37.26 -2.87
N GLY A 57 -2.83 -38.43 -2.25
CA GLY A 57 -4.11 -39.05 -1.90
C GLY A 57 -3.89 -40.48 -1.42
N PRO A 58 -4.91 -41.12 -0.83
CA PRO A 58 -4.81 -42.49 -0.32
C PRO A 58 -4.74 -43.55 -1.43
N GLY A 59 -5.12 -43.21 -2.67
CA GLY A 59 -5.09 -44.14 -3.80
C GLY A 59 -6.16 -45.23 -3.68
N GLY A 60 -5.95 -46.32 -4.42
CA GLY A 60 -6.86 -47.44 -4.45
C GLY A 60 -8.22 -46.98 -4.98
N GLN A 61 -9.28 -47.27 -4.22
CA GLN A 61 -10.65 -46.89 -4.60
C GLN A 61 -10.88 -45.37 -4.59
N ALA A 62 -10.00 -44.59 -3.95
CA ALA A 62 -10.14 -43.15 -3.89
C ALA A 62 -9.61 -42.54 -5.19
N THR A 63 -10.47 -42.46 -6.21
CA THR A 63 -10.14 -41.91 -7.51
C THR A 63 -9.95 -40.38 -7.37
N ASN A 64 -8.73 -39.95 -7.03
CA ASN A 64 -8.33 -38.56 -6.84
C ASN A 64 -8.39 -37.80 -8.18
N LYS A 65 -8.33 -36.46 -8.12
CA LYS A 65 -8.36 -35.59 -9.28
C LYS A 65 -7.16 -34.65 -9.18
N THR A 66 -5.99 -35.14 -9.58
CA THR A 66 -4.76 -34.38 -9.58
C THR A 66 -4.79 -33.47 -10.82
N SER A 67 -4.11 -32.33 -10.78
CA SER A 67 -4.02 -31.37 -11.88
C SER A 67 -2.77 -30.52 -11.67
N ASN A 68 -2.36 -29.77 -12.70
CA ASN A 68 -1.18 -28.89 -12.71
C ASN A 68 -1.41 -27.61 -11.89
N CYS A 69 -2.00 -27.72 -10.70
CA CYS A 69 -2.27 -26.60 -9.83
C CYS A 69 -0.94 -26.00 -9.37
N VAL A 70 -1.00 -24.74 -8.94
CA VAL A 70 0.10 -23.94 -8.46
C VAL A 70 -0.40 -23.31 -7.16
N VAL A 71 0.39 -23.41 -6.09
CA VAL A 71 0.04 -22.87 -4.79
C VAL A 71 1.11 -21.87 -4.39
N LEU A 72 0.70 -20.62 -4.19
CA LEU A 72 1.56 -19.52 -3.82
C LEU A 72 1.08 -19.02 -2.47
N LYS A 73 2.01 -18.63 -1.61
CA LYS A 73 1.70 -18.10 -0.30
C LYS A 73 2.65 -16.95 -0.03
N HIS A 74 2.21 -16.02 0.79
CA HIS A 74 2.97 -14.86 1.19
C HIS A 74 3.50 -15.18 2.57
N VAL A 75 4.81 -15.27 2.74
CA VAL A 75 5.44 -15.61 4.01
C VAL A 75 5.16 -14.55 5.08
N PRO A 76 5.49 -13.26 4.89
CA PRO A 76 5.27 -12.23 5.91
C PRO A 76 3.80 -11.88 6.16
N SER A 77 2.85 -12.36 5.33
CA SER A 77 1.42 -12.06 5.50
C SER A 77 0.55 -13.31 5.71
N GLY A 78 1.11 -14.50 5.47
CA GLY A 78 0.51 -15.82 5.59
C GLY A 78 -0.60 -16.13 4.59
N ILE A 79 -1.01 -15.19 3.74
CA ILE A 79 -2.06 -15.36 2.74
C ILE A 79 -1.62 -16.45 1.75
N VAL A 80 -2.52 -17.37 1.41
CA VAL A 80 -2.32 -18.47 0.47
C VAL A 80 -3.38 -18.34 -0.61
N VAL A 81 -3.05 -18.75 -1.83
CA VAL A 81 -3.97 -18.74 -2.94
C VAL A 81 -3.64 -19.96 -3.80
N LYS A 82 -4.67 -20.54 -4.41
CA LYS A 82 -4.55 -21.75 -5.24
C LYS A 82 -5.13 -21.43 -6.61
N CYS A 83 -4.31 -21.53 -7.66
CA CYS A 83 -4.74 -21.24 -9.02
C CYS A 83 -4.38 -22.39 -9.96
N HIS A 84 -5.17 -22.52 -11.03
CA HIS A 84 -5.06 -23.50 -12.08
C HIS A 84 -5.74 -22.89 -13.31
N GLN A 85 -4.97 -22.35 -14.26
CA GLN A 85 -5.52 -21.72 -15.48
C GLN A 85 -5.19 -22.56 -16.71
N THR A 86 -3.97 -23.07 -16.79
CA THR A 86 -3.50 -23.87 -17.91
C THR A 86 -2.62 -25.02 -17.39
N ARG A 87 -2.14 -25.85 -18.30
CA ARG A 87 -1.26 -26.98 -18.01
C ARG A 87 0.20 -26.52 -17.97
N SER A 88 0.47 -25.21 -17.97
CA SER A 88 1.81 -24.65 -17.91
C SER A 88 2.02 -24.07 -16.52
N VAL A 89 2.97 -24.63 -15.76
CA VAL A 89 3.30 -24.18 -14.42
C VAL A 89 3.68 -22.70 -14.46
N ASP A 90 4.55 -22.31 -15.40
CA ASP A 90 5.04 -20.94 -15.59
C ASP A 90 3.90 -19.93 -15.64
N GLN A 91 2.94 -20.18 -16.55
CA GLN A 91 1.80 -19.32 -16.75
C GLN A 91 0.94 -19.29 -15.49
N ASN A 92 0.67 -20.45 -14.87
CA ASN A 92 -0.13 -20.52 -13.65
C ASN A 92 0.47 -19.66 -12.54
N ARG A 93 1.81 -19.60 -12.42
CA ARG A 93 2.49 -18.78 -11.40
C ARG A 93 2.07 -17.32 -11.57
N LYS A 94 1.90 -16.84 -12.81
CA LYS A 94 1.49 -15.47 -13.07
C LYS A 94 0.13 -15.20 -12.46
N ILE A 95 -0.87 -16.02 -12.83
CA ILE A 95 -2.23 -15.85 -12.34
C ILE A 95 -2.22 -15.79 -10.81
N ALA A 96 -1.51 -16.73 -10.19
CA ALA A 96 -1.40 -16.84 -8.75
C ALA A 96 -0.79 -15.58 -8.13
N ARG A 97 0.36 -15.11 -8.64
CA ARG A 97 1.00 -13.91 -8.11
C ARG A 97 0.08 -12.72 -8.26
N LYS A 98 -0.57 -12.56 -9.42
CA LYS A 98 -1.49 -11.46 -9.68
C LYS A 98 -2.58 -11.47 -8.62
N VAL A 99 -3.35 -12.56 -8.50
CA VAL A 99 -4.41 -12.60 -7.50
C VAL A 99 -3.90 -12.42 -6.07
N LEU A 100 -2.72 -12.94 -5.73
CA LEU A 100 -2.17 -12.81 -4.38
C LEU A 100 -1.89 -11.35 -4.06
N GLN A 101 -1.31 -10.61 -5.01
CA GLN A 101 -0.95 -9.22 -4.89
C GLN A 101 -2.11 -8.34 -4.41
N GLU A 102 -3.32 -8.57 -4.93
CA GLU A 102 -4.51 -7.80 -4.57
C GLU A 102 -4.73 -7.86 -3.05
N LYS A 103 -4.57 -9.05 -2.49
CA LYS A 103 -4.74 -9.38 -1.09
C LYS A 103 -3.59 -8.85 -0.22
N VAL A 104 -2.35 -8.95 -0.71
CA VAL A 104 -1.17 -8.50 0.04
C VAL A 104 -1.11 -6.97 0.07
N ASP A 105 -1.55 -6.24 -0.96
CA ASP A 105 -1.56 -4.77 -0.98
C ASP A 105 -2.33 -4.31 0.26
N VAL A 106 -3.58 -4.75 0.32
CA VAL A 106 -4.52 -4.48 1.40
C VAL A 106 -3.92 -4.90 2.75
N PHE A 107 -3.12 -5.98 2.78
CA PHE A 107 -2.49 -6.45 4.01
C PHE A 107 -1.47 -5.44 4.51
N TYR A 108 -0.71 -4.80 3.63
CA TYR A 108 0.29 -3.81 4.01
C TYR A 108 -0.39 -2.48 4.34
N ASN A 109 -1.42 -2.10 3.58
CA ASN A 109 -2.15 -0.85 3.75
C ASN A 109 -2.97 -0.81 5.04
N SER A 110 -3.88 -1.76 5.18
CA SER A 110 -4.81 -1.89 6.29
C SER A 110 -4.26 -2.71 7.46
N GLY A 111 -5.05 -2.79 8.54
CA GLY A 111 -4.72 -3.52 9.76
C GLY A 111 -5.71 -4.64 10.02
N PRO A 112 -5.43 -5.48 11.03
CA PRO A 112 -6.29 -6.60 11.43
C PRO A 112 -7.45 -6.12 12.30
N SER A 113 -8.35 -7.04 12.65
CA SER A 113 -9.50 -6.76 13.49
C SER A 113 -9.14 -6.80 14.99
N SER A 114 -8.01 -7.43 15.35
CA SER A 114 -7.57 -7.56 16.73
C SER A 114 -6.05 -7.57 16.86
N GLY A 115 -5.59 -7.41 18.10
CA GLY A 115 -4.19 -7.36 18.52
C GLY A 115 -3.79 -5.95 18.87
N GLY A 1 -19.85 84.15 -74.95
CA GLY A 1 -20.42 82.80 -75.15
C GLY A 1 -20.84 82.24 -73.80
N SER A 2 -21.25 80.98 -73.76
CA SER A 2 -21.68 80.30 -72.54
C SER A 2 -20.48 80.17 -71.58
N SER A 3 -20.74 79.93 -70.29
CA SER A 3 -19.72 79.77 -69.24
C SER A 3 -18.96 78.43 -69.38
N GLY A 4 -19.32 77.59 -70.36
CA GLY A 4 -18.69 76.30 -70.56
C GLY A 4 -18.99 75.44 -69.34
N SER A 5 -18.13 74.45 -69.06
CA SER A 5 -18.31 73.58 -67.91
C SER A 5 -18.07 74.35 -66.59
N SER A 6 -17.51 75.56 -66.64
CA SER A 6 -17.21 76.41 -65.49
C SER A 6 -16.53 75.62 -64.35
N GLY A 7 -15.57 74.75 -64.70
CA GLY A 7 -14.85 73.93 -63.74
C GLY A 7 -14.16 74.81 -62.68
N LYS A 8 -14.23 74.39 -61.42
CA LYS A 8 -13.65 75.05 -60.26
C LYS A 8 -13.54 73.99 -59.16
N TRP A 9 -12.87 74.31 -58.05
CA TRP A 9 -12.68 73.41 -56.91
C TRP A 9 -13.01 74.15 -55.62
N GLY A 10 -12.91 73.47 -54.48
CA GLY A 10 -13.17 73.99 -53.16
C GLY A 10 -12.58 73.06 -52.11
N LEU A 11 -12.76 73.38 -50.83
CA LEU A 11 -12.25 72.56 -49.73
C LEU A 11 -13.04 71.24 -49.64
N ARG A 12 -12.49 70.30 -48.89
CA ARG A 12 -13.04 68.95 -48.64
C ARG A 12 -12.67 68.52 -47.23
N LEU A 13 -13.33 67.50 -46.67
CA LEU A 13 -13.11 66.98 -45.33
C LEU A 13 -12.98 65.46 -45.44
N GLN A 14 -12.55 64.80 -44.37
CA GLN A 14 -12.38 63.36 -44.28
C GLN A 14 -12.22 63.00 -42.79
N GLU A 15 -12.36 61.71 -42.46
CA GLU A 15 -12.24 61.21 -41.10
C GLU A 15 -10.80 60.76 -40.81
N LYS A 16 -10.53 60.30 -39.59
CA LYS A 16 -9.23 59.86 -39.10
C LYS A 16 -9.21 58.33 -38.90
N PRO A 17 -8.02 57.72 -38.87
CA PRO A 17 -7.86 56.29 -38.65
C PRO A 17 -8.19 55.95 -37.19
N ALA A 18 -8.36 54.66 -36.89
CA ALA A 18 -8.69 54.14 -35.57
C ALA A 18 -7.61 53.15 -35.12
N LEU A 19 -7.72 52.65 -33.88
CA LEU A 19 -6.82 51.70 -33.25
C LEU A 19 -7.61 50.77 -32.33
N LEU A 20 -6.94 49.77 -31.77
CA LEU A 20 -7.48 48.76 -30.86
C LEU A 20 -6.53 48.59 -29.68
N PHE A 21 -6.93 47.77 -28.70
CA PHE A 21 -6.16 47.48 -27.49
C PHE A 21 -5.71 46.02 -27.50
N PRO A 22 -4.62 45.68 -26.80
CA PRO A 22 -4.10 44.31 -26.74
C PRO A 22 -4.98 43.42 -25.83
N GLY A 23 -4.69 42.12 -25.84
CA GLY A 23 -5.39 41.13 -25.04
C GLY A 23 -4.71 40.98 -23.66
N MET A 24 -5.21 40.04 -22.86
CA MET A 24 -4.71 39.73 -21.52
C MET A 24 -4.57 38.21 -21.42
N ALA A 25 -3.71 37.75 -20.50
CA ALA A 25 -3.41 36.37 -20.20
C ALA A 25 -2.88 36.46 -18.77
N ALA A 26 -3.53 35.77 -17.83
CA ALA A 26 -3.14 35.76 -16.43
C ALA A 26 -2.68 34.37 -16.04
N SER A 27 -2.20 34.18 -14.81
CA SER A 27 -1.72 32.88 -14.38
C SER A 27 -2.89 31.93 -14.13
N THR A 28 -2.61 30.64 -14.30
CA THR A 28 -3.47 29.47 -14.18
C THR A 28 -3.57 28.98 -12.72
N VAL A 29 -4.01 27.74 -12.51
CA VAL A 29 -4.14 27.11 -11.20
C VAL A 29 -2.79 26.51 -10.79
N GLN A 30 -2.51 26.49 -9.49
CA GLN A 30 -1.28 25.93 -8.95
C GLN A 30 -1.41 24.40 -8.85
N VAL A 31 -0.46 23.79 -8.14
CA VAL A 31 -0.40 22.36 -7.88
C VAL A 31 -1.72 21.96 -7.21
N ALA A 32 -2.13 20.70 -7.32
CA ALA A 32 -3.37 20.22 -6.72
C ALA A 32 -3.09 19.14 -5.69
N GLY A 33 -4.15 18.75 -4.97
CA GLY A 33 -4.08 17.71 -3.96
C GLY A 33 -3.65 16.39 -4.59
N ARG A 34 -3.16 15.47 -3.76
CA ARG A 34 -2.72 14.17 -4.25
C ARG A 34 -3.91 13.36 -4.73
N LYS A 35 -3.62 12.39 -5.57
CA LYS A 35 -4.55 11.44 -6.18
C LYS A 35 -3.77 10.13 -6.36
N ASP A 36 -4.49 9.05 -6.67
CA ASP A 36 -3.97 7.70 -6.91
C ASP A 36 -2.97 7.24 -5.84
N TYR A 37 -3.42 7.31 -4.59
CA TYR A 37 -2.65 6.89 -3.43
C TYR A 37 -2.52 5.36 -3.45
N PRO A 38 -3.63 4.59 -3.41
CA PRO A 38 -3.55 3.13 -3.45
C PRO A 38 -2.95 2.69 -4.78
N ALA A 39 -1.89 1.90 -4.70
CA ALA A 39 -1.17 1.35 -5.83
C ALA A 39 -0.80 -0.08 -5.47
N LEU A 40 -0.54 -0.92 -6.46
CA LEU A 40 -0.17 -2.31 -6.29
C LEU A 40 1.28 -2.33 -5.85
N LEU A 41 1.52 -2.51 -4.55
CA LEU A 41 2.87 -2.57 -4.00
C LEU A 41 3.70 -3.61 -4.77
N PRO A 42 4.99 -3.33 -5.05
CA PRO A 42 5.87 -4.21 -5.80
C PRO A 42 6.37 -5.45 -5.06
N LEU A 43 5.83 -6.61 -5.42
CA LEU A 43 6.25 -7.88 -4.82
C LEU A 43 7.53 -8.38 -5.47
N ASN A 44 8.36 -9.11 -4.71
CA ASN A 44 9.62 -9.67 -5.20
C ASN A 44 9.38 -11.16 -5.44
N GLU A 45 9.29 -11.57 -6.71
CA GLU A 45 9.05 -12.95 -7.09
C GLU A 45 10.10 -13.97 -6.61
N SER A 46 11.26 -13.52 -6.14
CA SER A 46 12.33 -14.40 -5.65
C SER A 46 12.26 -14.54 -4.11
N GLU A 47 11.47 -13.69 -3.45
CA GLU A 47 11.29 -13.62 -2.00
C GLU A 47 10.06 -14.43 -1.56
N LEU A 48 9.40 -15.12 -2.50
CA LEU A 48 8.21 -15.93 -2.26
C LEU A 48 8.61 -17.40 -2.14
N GLU A 49 7.70 -18.24 -1.64
CA GLU A 49 7.91 -19.67 -1.45
C GLU A 49 6.69 -20.40 -2.00
N GLU A 50 6.80 -20.90 -3.22
CA GLU A 50 5.74 -21.63 -3.91
C GLU A 50 5.70 -23.12 -3.57
N GLN A 51 4.60 -23.79 -3.90
CA GLN A 51 4.41 -25.22 -3.65
C GLN A 51 3.87 -25.85 -4.93
N PHE A 52 4.57 -26.87 -5.40
CA PHE A 52 4.18 -27.58 -6.62
C PHE A 52 3.22 -28.70 -6.24
N VAL A 53 1.94 -28.47 -6.46
CA VAL A 53 0.89 -29.45 -6.18
C VAL A 53 0.70 -30.26 -7.47
N LYS A 54 0.17 -31.48 -7.35
CA LYS A 54 -0.05 -32.40 -8.44
C LYS A 54 -1.00 -33.46 -7.91
N GLY A 55 -2.07 -33.76 -8.64
CA GLY A 55 -3.05 -34.76 -8.23
C GLY A 55 -3.59 -34.44 -6.84
N HIS A 56 -3.79 -35.49 -6.02
CA HIS A 56 -4.28 -35.46 -4.66
C HIS A 56 -3.40 -36.41 -3.86
N GLY A 57 -3.29 -36.22 -2.54
CA GLY A 57 -2.50 -37.08 -1.67
C GLY A 57 -3.30 -38.33 -1.30
N PRO A 58 -2.67 -39.32 -0.62
CA PRO A 58 -3.33 -40.55 -0.20
C PRO A 58 -4.24 -40.27 1.00
N GLY A 59 -5.44 -39.76 0.74
CA GLY A 59 -6.45 -39.45 1.74
C GLY A 59 -7.80 -39.85 1.18
N GLY A 60 -8.23 -41.08 1.49
CA GLY A 60 -9.50 -41.59 0.99
C GLY A 60 -9.34 -42.01 -0.47
N GLN A 61 -10.45 -42.02 -1.21
CA GLN A 61 -10.49 -42.37 -2.62
C GLN A 61 -11.42 -41.36 -3.28
N ALA A 62 -11.03 -40.82 -4.44
CA ALA A 62 -11.79 -39.85 -5.21
C ALA A 62 -11.31 -39.91 -6.66
N THR A 63 -11.95 -39.16 -7.56
CA THR A 63 -11.56 -39.13 -8.96
C THR A 63 -10.34 -38.21 -9.09
N ASN A 64 -9.13 -38.78 -8.92
CA ASN A 64 -7.85 -38.08 -9.01
C ASN A 64 -7.75 -37.35 -10.35
N LYS A 65 -7.89 -36.02 -10.35
CA LYS A 65 -7.80 -35.24 -11.57
C LYS A 65 -6.35 -35.15 -12.04
N THR A 66 -6.16 -34.69 -13.27
CA THR A 66 -4.86 -34.52 -13.93
C THR A 66 -4.67 -33.03 -14.30
N SER A 67 -5.51 -32.14 -13.74
CA SER A 67 -5.45 -30.71 -13.95
C SER A 67 -4.23 -30.16 -13.18
N ASN A 68 -3.76 -28.98 -13.59
CA ASN A 68 -2.60 -28.35 -12.96
C ASN A 68 -3.06 -27.59 -11.72
N CYS A 69 -2.16 -27.38 -10.76
CA CYS A 69 -2.47 -26.68 -9.53
C CYS A 69 -1.21 -26.06 -8.92
N VAL A 70 -1.13 -24.73 -8.91
CA VAL A 70 -0.03 -23.95 -8.35
C VAL A 70 -0.58 -23.29 -7.09
N VAL A 71 0.19 -23.29 -6.00
CA VAL A 71 -0.22 -22.69 -4.72
C VAL A 71 0.90 -21.72 -4.36
N LEU A 72 0.51 -20.46 -4.15
CA LEU A 72 1.42 -19.37 -3.80
C LEU A 72 1.09 -18.92 -2.40
N LYS A 73 2.12 -18.57 -1.63
CA LYS A 73 2.05 -18.13 -0.24
C LYS A 73 3.03 -16.99 0.01
N HIS A 74 2.62 -15.98 0.78
CA HIS A 74 3.46 -14.84 1.12
C HIS A 74 3.92 -15.08 2.56
N VAL A 75 5.22 -15.10 2.83
CA VAL A 75 5.79 -15.33 4.17
C VAL A 75 5.41 -14.22 5.15
N PRO A 76 5.82 -12.94 4.95
CA PRO A 76 5.51 -11.86 5.88
C PRO A 76 4.03 -11.45 5.98
N SER A 77 3.17 -11.93 5.08
CA SER A 77 1.74 -11.60 5.08
C SER A 77 0.89 -12.83 5.42
N GLY A 78 1.48 -14.03 5.39
CA GLY A 78 0.84 -15.31 5.69
C GLY A 78 -0.29 -15.72 4.73
N ILE A 79 -0.62 -14.92 3.72
CA ILE A 79 -1.68 -15.20 2.74
C ILE A 79 -1.28 -16.37 1.86
N VAL A 80 -2.25 -17.22 1.50
CA VAL A 80 -2.07 -18.39 0.65
C VAL A 80 -3.23 -18.41 -0.35
N VAL A 81 -2.96 -18.69 -1.62
CA VAL A 81 -4.00 -18.77 -2.65
C VAL A 81 -3.64 -19.86 -3.66
N LYS A 82 -4.64 -20.53 -4.23
CA LYS A 82 -4.48 -21.62 -5.19
C LYS A 82 -5.34 -21.37 -6.43
N CYS A 83 -4.70 -21.03 -7.55
CA CYS A 83 -5.37 -20.75 -8.81
C CYS A 83 -4.87 -21.70 -9.88
N HIS A 84 -5.71 -21.98 -10.87
CA HIS A 84 -5.42 -22.87 -11.99
C HIS A 84 -6.32 -22.47 -13.16
N GLN A 85 -5.80 -21.72 -14.13
CA GLN A 85 -6.56 -21.25 -15.28
C GLN A 85 -6.00 -21.75 -16.62
N THR A 86 -4.77 -22.27 -16.61
CA THR A 86 -4.09 -22.74 -17.79
C THR A 86 -3.45 -24.11 -17.53
N ARG A 87 -2.72 -24.66 -18.50
CA ARG A 87 -2.06 -25.96 -18.42
C ARG A 87 -0.53 -25.83 -18.35
N SER A 88 -0.01 -24.66 -17.98
CA SER A 88 1.42 -24.39 -17.87
C SER A 88 1.69 -23.85 -16.48
N VAL A 89 2.70 -24.38 -15.78
CA VAL A 89 3.07 -23.93 -14.45
C VAL A 89 3.42 -22.45 -14.51
N ASP A 90 4.24 -22.03 -15.49
CA ASP A 90 4.69 -20.64 -15.65
C ASP A 90 3.55 -19.66 -15.94
N GLN A 91 2.44 -20.12 -16.52
CA GLN A 91 1.29 -19.29 -16.82
C GLN A 91 0.44 -19.23 -15.54
N ASN A 92 0.23 -20.37 -14.88
CA ASN A 92 -0.53 -20.44 -13.64
C ASN A 92 0.22 -19.66 -12.55
N ARG A 93 1.54 -19.54 -12.65
CA ARG A 93 2.42 -18.81 -11.74
C ARG A 93 2.04 -17.33 -11.79
N LYS A 94 2.10 -16.70 -12.98
CA LYS A 94 1.77 -15.28 -13.09
C LYS A 94 0.37 -14.98 -12.56
N ILE A 95 -0.58 -15.88 -12.79
CA ILE A 95 -1.96 -15.72 -12.32
C ILE A 95 -1.96 -15.72 -10.79
N ALA A 96 -1.31 -16.71 -10.17
CA ALA A 96 -1.23 -16.83 -8.72
C ALA A 96 -0.55 -15.60 -8.13
N ARG A 97 0.55 -15.12 -8.74
CA ARG A 97 1.28 -13.94 -8.26
C ARG A 97 0.35 -12.73 -8.32
N LYS A 98 -0.31 -12.53 -9.46
CA LYS A 98 -1.23 -11.42 -9.67
C LYS A 98 -2.30 -11.41 -8.60
N VAL A 99 -3.06 -12.49 -8.43
CA VAL A 99 -4.11 -12.51 -7.42
C VAL A 99 -3.55 -12.38 -6.00
N LEU A 100 -2.36 -12.96 -5.72
CA LEU A 100 -1.77 -12.86 -4.39
C LEU A 100 -1.42 -11.40 -4.10
N GLN A 101 -0.89 -10.68 -5.09
CA GLN A 101 -0.53 -9.28 -4.97
C GLN A 101 -1.75 -8.46 -4.57
N GLU A 102 -2.91 -8.72 -5.17
CA GLU A 102 -4.16 -8.00 -4.86
C GLU A 102 -4.56 -8.19 -3.39
N LYS A 103 -4.16 -9.32 -2.78
CA LYS A 103 -4.44 -9.66 -1.38
C LYS A 103 -3.40 -9.11 -0.43
N VAL A 104 -2.11 -9.25 -0.75
CA VAL A 104 -1.02 -8.74 0.09
C VAL A 104 -1.16 -7.22 0.14
N ASP A 105 -1.59 -6.60 -0.96
CA ASP A 105 -1.78 -5.17 -1.09
C ASP A 105 -2.72 -4.69 0.02
N VAL A 106 -3.97 -5.14 0.02
CA VAL A 106 -4.94 -4.76 1.05
C VAL A 106 -4.47 -5.16 2.45
N PHE A 107 -3.70 -6.25 2.62
CA PHE A 107 -3.21 -6.66 3.93
C PHE A 107 -2.17 -5.68 4.48
N TYR A 108 -1.36 -5.09 3.60
CA TYR A 108 -0.33 -4.12 3.96
C TYR A 108 -0.95 -2.73 4.08
N ASN A 109 -1.99 -2.42 3.30
CA ASN A 109 -2.66 -1.12 3.32
C ASN A 109 -3.58 -1.02 4.53
N SER A 110 -4.36 -2.05 4.79
CA SER A 110 -5.28 -2.11 5.91
C SER A 110 -4.48 -2.38 7.19
N GLY A 111 -5.18 -2.34 8.33
CA GLY A 111 -4.61 -2.58 9.64
C GLY A 111 -4.95 -3.99 10.09
N PRO A 112 -5.89 -4.17 11.03
CA PRO A 112 -6.25 -5.49 11.51
C PRO A 112 -7.05 -6.23 10.44
N SER A 113 -6.54 -7.34 9.92
CA SER A 113 -7.23 -8.14 8.91
C SER A 113 -6.89 -9.59 9.23
N SER A 114 -7.90 -10.38 9.63
CA SER A 114 -7.73 -11.78 10.00
C SER A 114 -7.22 -12.60 8.81
N GLY A 115 -6.36 -13.56 9.10
CA GLY A 115 -5.77 -14.44 8.11
C GLY A 115 -4.62 -15.21 8.74
N GLY A 1 61.26 91.81 42.55
CA GLY A 1 61.35 93.06 41.77
C GLY A 1 61.72 92.66 40.35
N SER A 2 61.16 93.32 39.32
CA SER A 2 61.44 92.95 37.92
C SER A 2 61.15 91.44 37.76
N SER A 3 60.05 91.01 38.36
CA SER A 3 59.57 89.64 38.41
C SER A 3 58.05 89.65 38.25
N GLY A 4 57.50 88.60 37.65
CA GLY A 4 56.08 88.41 37.40
C GLY A 4 55.83 86.91 37.16
N SER A 5 54.59 86.53 36.87
CA SER A 5 54.20 85.15 36.60
C SER A 5 52.97 85.17 35.70
N SER A 6 52.53 84.01 35.23
CA SER A 6 51.36 83.83 34.37
C SER A 6 50.93 82.36 34.44
N GLY A 7 49.83 82.01 33.77
CA GLY A 7 49.30 80.66 33.72
C GLY A 7 48.14 80.62 32.74
N LYS A 8 47.66 79.43 32.38
CA LYS A 8 46.54 79.27 31.45
C LYS A 8 45.91 77.90 31.64
N TRP A 9 44.75 77.71 31.03
CA TRP A 9 43.96 76.50 31.02
C TRP A 9 43.54 76.25 29.57
N GLY A 10 42.50 75.46 29.32
CA GLY A 10 41.97 75.15 27.99
C GLY A 10 41.58 73.69 27.89
N LEU A 11 42.57 72.80 27.67
CA LEU A 11 42.46 71.36 27.50
C LEU A 11 41.52 71.00 26.34
N ARG A 12 41.32 69.70 26.06
CA ARG A 12 40.44 69.23 24.99
C ARG A 12 40.06 67.79 25.27
N LEU A 13 38.78 67.51 25.46
CA LEU A 13 38.24 66.17 25.74
C LEU A 13 37.70 65.65 24.40
N GLN A 14 37.68 64.34 24.17
CA GLN A 14 37.17 63.80 22.92
C GLN A 14 36.77 62.34 23.08
N GLU A 15 35.59 62.03 22.56
CA GLU A 15 34.91 60.76 22.56
C GLU A 15 35.31 59.94 21.34
N LYS A 16 34.67 58.78 21.17
CA LYS A 16 34.88 57.84 20.08
C LYS A 16 33.54 57.22 19.69
N PRO A 17 33.42 56.70 18.45
CA PRO A 17 32.22 56.06 17.98
C PRO A 17 32.10 54.67 18.62
N ALA A 18 30.99 53.99 18.36
CA ALA A 18 30.68 52.65 18.86
C ALA A 18 30.35 51.75 17.67
N LEU A 19 29.95 50.51 17.93
CA LEU A 19 29.59 49.51 16.93
C LEU A 19 28.21 48.95 17.27
N LEU A 20 27.68 48.08 16.42
CA LEU A 20 26.39 47.42 16.54
C LEU A 20 26.56 45.91 16.44
N PHE A 21 25.48 45.16 16.62
CA PHE A 21 25.44 43.70 16.56
C PHE A 21 24.69 43.25 15.30
N PRO A 22 24.97 42.06 14.77
CA PRO A 22 24.30 41.54 13.57
C PRO A 22 22.88 41.04 13.89
N GLY A 23 22.11 40.78 12.83
CA GLY A 23 20.75 40.26 12.91
C GLY A 23 20.77 38.74 12.81
N MET A 24 19.58 38.13 12.71
CA MET A 24 19.39 36.69 12.59
C MET A 24 18.55 36.41 11.34
N ALA A 25 18.64 35.18 10.83
CA ALA A 25 17.92 34.72 9.65
C ALA A 25 17.57 33.25 9.86
N ALA A 26 16.68 32.98 10.80
CA ALA A 26 16.25 31.63 11.13
C ALA A 26 15.34 31.10 10.02
N SER A 27 14.98 29.82 10.09
CA SER A 27 14.14 29.15 9.10
C SER A 27 13.02 28.36 9.78
N THR A 28 12.25 27.59 9.01
CA THR A 28 11.13 26.78 9.48
C THR A 28 11.27 25.35 8.93
N VAL A 29 10.54 24.41 9.53
CA VAL A 29 10.51 22.99 9.18
C VAL A 29 9.86 22.74 7.80
N GLN A 30 9.66 21.47 7.46
CA GLN A 30 9.07 20.99 6.22
C GLN A 30 8.02 19.93 6.55
N VAL A 31 7.33 19.43 5.52
CA VAL A 31 6.30 18.40 5.66
C VAL A 31 6.92 17.04 5.92
N ALA A 32 6.07 16.05 6.20
CA ALA A 32 6.51 14.70 6.47
C ALA A 32 6.94 14.00 5.19
N GLY A 33 7.69 12.90 5.36
CA GLY A 33 8.17 12.07 4.26
C GLY A 33 7.21 10.89 4.18
N ARG A 34 6.87 10.45 2.97
CA ARG A 34 5.95 9.33 2.76
C ARG A 34 6.46 8.47 1.62
N LYS A 35 5.80 7.33 1.41
CA LYS A 35 6.08 6.38 0.36
C LYS A 35 4.82 5.56 0.14
N ASP A 36 4.81 4.78 -0.94
CA ASP A 36 3.74 3.89 -1.37
C ASP A 36 2.35 4.47 -1.19
N TYR A 37 2.09 5.52 -1.94
CA TYR A 37 0.83 6.24 -1.95
C TYR A 37 -0.28 5.42 -2.63
N PRO A 38 -0.14 5.04 -3.92
CA PRO A 38 -1.18 4.28 -4.61
C PRO A 38 -1.28 2.80 -4.23
N ALA A 39 -2.47 2.25 -4.49
CA ALA A 39 -2.83 0.86 -4.26
C ALA A 39 -2.09 -0.03 -5.27
N LEU A 40 -2.29 -1.34 -5.12
CA LEU A 40 -1.72 -2.42 -5.89
C LEU A 40 -0.20 -2.37 -5.80
N LEU A 41 0.30 -2.23 -4.57
CA LEU A 41 1.73 -2.14 -4.22
C LEU A 41 2.54 -3.24 -4.91
N PRO A 42 3.79 -2.99 -5.33
CA PRO A 42 4.63 -3.98 -6.00
C PRO A 42 5.07 -5.09 -5.05
N LEU A 43 5.45 -6.25 -5.59
CA LEU A 43 5.89 -7.40 -4.81
C LEU A 43 7.12 -8.01 -5.44
N ASN A 44 8.20 -8.09 -4.68
CA ASN A 44 9.45 -8.69 -5.14
C ASN A 44 9.19 -10.17 -5.32
N GLU A 45 9.00 -10.62 -6.56
CA GLU A 45 8.72 -12.01 -6.89
C GLU A 45 9.80 -12.96 -6.38
N SER A 46 11.05 -12.51 -6.32
CA SER A 46 12.18 -13.30 -5.87
C SER A 46 12.23 -13.41 -4.33
N GLU A 47 11.36 -12.70 -3.61
CA GLU A 47 11.28 -12.70 -2.16
C GLU A 47 10.14 -13.62 -1.69
N LEU A 48 9.52 -14.35 -2.63
CA LEU A 48 8.41 -15.25 -2.37
C LEU A 48 8.85 -16.71 -2.54
N GLU A 49 8.03 -17.61 -2.04
CA GLU A 49 8.20 -19.04 -2.10
C GLU A 49 6.96 -19.57 -2.82
N GLU A 50 7.15 -20.51 -3.72
CA GLU A 50 6.12 -21.13 -4.54
C GLU A 50 6.11 -22.64 -4.36
N GLN A 51 4.98 -23.29 -4.61
CA GLN A 51 4.81 -24.74 -4.50
C GLN A 51 4.17 -25.26 -5.79
N PHE A 52 3.99 -26.58 -5.84
CA PHE A 52 3.40 -27.33 -6.94
C PHE A 52 2.41 -28.33 -6.35
N VAL A 53 1.51 -28.89 -7.18
CA VAL A 53 0.54 -29.88 -6.75
C VAL A 53 0.95 -31.15 -7.52
N LYS A 54 1.00 -32.29 -6.83
CA LYS A 54 1.39 -33.56 -7.42
C LYS A 54 0.45 -34.63 -6.86
N GLY A 55 0.26 -35.70 -7.63
CA GLY A 55 -0.61 -36.81 -7.24
C GLY A 55 -2.02 -36.54 -7.77
N HIS A 56 -2.96 -37.41 -7.41
CA HIS A 56 -4.36 -37.37 -7.77
C HIS A 56 -5.05 -37.89 -6.50
N GLY A 57 -5.98 -37.12 -5.92
CA GLY A 57 -6.67 -37.52 -4.71
C GLY A 57 -7.99 -36.76 -4.53
N PRO A 58 -8.68 -36.97 -3.40
CA PRO A 58 -9.95 -36.32 -3.10
C PRO A 58 -9.78 -34.81 -2.90
N GLY A 59 -10.90 -34.10 -2.71
CA GLY A 59 -10.90 -32.66 -2.52
C GLY A 59 -10.89 -32.01 -3.91
N GLY A 60 -9.83 -32.22 -4.67
CA GLY A 60 -9.69 -31.70 -6.04
C GLY A 60 -10.64 -32.38 -7.01
N GLN A 61 -11.40 -33.38 -6.55
CA GLN A 61 -12.39 -34.17 -7.28
C GLN A 61 -13.54 -33.32 -7.85
N ALA A 62 -13.66 -32.04 -7.47
CA ALA A 62 -14.70 -31.12 -7.92
C ALA A 62 -14.90 -31.06 -9.45
N THR A 63 -13.89 -31.41 -10.26
CA THR A 63 -14.02 -31.38 -11.71
C THR A 63 -13.03 -32.39 -12.29
N ASN A 64 -13.42 -33.03 -13.40
CA ASN A 64 -12.61 -34.02 -14.12
C ASN A 64 -11.57 -33.29 -15.00
N LYS A 65 -10.96 -32.21 -14.49
CA LYS A 65 -9.96 -31.39 -15.18
C LYS A 65 -8.84 -30.94 -14.25
N THR A 66 -8.93 -31.19 -12.95
CA THR A 66 -7.94 -30.81 -11.95
C THR A 66 -6.55 -31.35 -12.31
N SER A 67 -5.71 -30.49 -12.86
CA SER A 67 -4.34 -30.77 -13.27
C SER A 67 -3.62 -29.42 -13.35
N ASN A 68 -2.29 -29.42 -13.38
CA ASN A 68 -1.44 -28.21 -13.44
C ASN A 68 -1.79 -27.18 -12.35
N CYS A 69 -2.44 -27.61 -11.26
CA CYS A 69 -2.86 -26.77 -10.16
C CYS A 69 -1.64 -26.18 -9.47
N VAL A 70 -1.77 -24.94 -9.00
CA VAL A 70 -0.70 -24.24 -8.33
C VAL A 70 -1.27 -23.40 -7.18
N VAL A 71 -0.39 -23.00 -6.26
CA VAL A 71 -0.67 -22.20 -5.09
C VAL A 71 0.50 -21.22 -4.90
N LEU A 72 0.26 -20.10 -4.22
CA LEU A 72 1.25 -19.06 -3.91
C LEU A 72 0.91 -18.59 -2.50
N LYS A 73 1.89 -18.13 -1.72
CA LYS A 73 1.69 -17.63 -0.37
C LYS A 73 2.64 -16.47 -0.12
N HIS A 74 2.33 -15.61 0.83
CA HIS A 74 3.19 -14.48 1.23
C HIS A 74 3.77 -14.89 2.58
N VAL A 75 5.08 -14.88 2.76
CA VAL A 75 5.73 -15.25 4.02
C VAL A 75 5.43 -14.23 5.14
N PRO A 76 5.75 -12.93 5.02
CA PRO A 76 5.51 -11.95 6.08
C PRO A 76 4.04 -11.70 6.43
N SER A 77 3.09 -12.16 5.62
CA SER A 77 1.67 -11.99 5.87
C SER A 77 1.03 -13.36 6.16
N GLY A 78 1.68 -14.44 5.73
CA GLY A 78 1.27 -15.83 5.87
C GLY A 78 0.11 -16.23 4.95
N ILE A 79 -0.54 -15.28 4.28
CA ILE A 79 -1.68 -15.48 3.38
C ILE A 79 -1.32 -16.50 2.30
N VAL A 80 -2.30 -17.28 1.84
CA VAL A 80 -2.15 -18.30 0.82
C VAL A 80 -3.33 -18.16 -0.16
N VAL A 81 -3.09 -18.45 -1.44
CA VAL A 81 -4.10 -18.41 -2.50
C VAL A 81 -3.81 -19.53 -3.50
N LYS A 82 -4.86 -20.20 -3.97
CA LYS A 82 -4.80 -21.31 -4.94
C LYS A 82 -5.38 -20.84 -6.26
N CYS A 83 -4.66 -21.01 -7.37
CA CYS A 83 -5.14 -20.62 -8.71
C CYS A 83 -4.55 -21.51 -9.82
N HIS A 84 -5.34 -21.67 -10.89
CA HIS A 84 -5.09 -22.41 -12.12
C HIS A 84 -6.00 -21.75 -13.16
N GLN A 85 -5.53 -21.56 -14.39
CA GLN A 85 -6.30 -20.97 -15.46
C GLN A 85 -5.76 -21.51 -16.78
N THR A 86 -4.55 -21.11 -17.13
CA THR A 86 -3.87 -21.51 -18.34
C THR A 86 -3.30 -22.92 -18.23
N ARG A 87 -3.18 -23.63 -19.36
CA ARG A 87 -2.64 -25.00 -19.37
C ARG A 87 -1.15 -25.05 -19.00
N SER A 88 -0.41 -23.97 -19.21
CA SER A 88 1.01 -23.92 -18.90
C SER A 88 1.21 -23.68 -17.41
N VAL A 89 1.81 -24.65 -16.70
CA VAL A 89 2.08 -24.54 -15.27
C VAL A 89 2.89 -23.25 -15.03
N ASP A 90 3.87 -22.95 -15.89
CA ASP A 90 4.71 -21.77 -15.80
C ASP A 90 3.88 -20.48 -15.79
N GLN A 91 2.88 -20.39 -16.66
CA GLN A 91 2.01 -19.23 -16.74
C GLN A 91 1.18 -19.16 -15.45
N ASN A 92 0.72 -20.32 -14.94
CA ASN A 92 -0.06 -20.36 -13.70
C ASN A 92 0.79 -19.82 -12.55
N ARG A 93 2.13 -19.94 -12.58
CA ARG A 93 3.03 -19.41 -11.53
C ARG A 93 2.80 -17.90 -11.42
N LYS A 94 2.64 -17.22 -12.55
CA LYS A 94 2.42 -15.79 -12.65
C LYS A 94 1.03 -15.43 -12.18
N ILE A 95 0.03 -16.19 -12.64
CA ILE A 95 -1.37 -15.96 -12.31
C ILE A 95 -1.59 -15.98 -10.80
N ALA A 96 -1.15 -17.04 -10.10
CA ALA A 96 -1.35 -17.11 -8.66
C ALA A 96 -0.62 -15.97 -7.93
N ARG A 97 0.47 -15.46 -8.50
CA ARG A 97 1.24 -14.35 -7.92
C ARG A 97 0.47 -13.04 -8.09
N LYS A 98 -0.09 -12.75 -9.27
CA LYS A 98 -0.84 -11.49 -9.44
C LYS A 98 -2.08 -11.46 -8.55
N VAL A 99 -2.77 -12.60 -8.34
CA VAL A 99 -3.95 -12.58 -7.46
C VAL A 99 -3.46 -12.43 -6.01
N LEU A 100 -2.29 -13.00 -5.68
CA LEU A 100 -1.70 -12.88 -4.34
C LEU A 100 -1.38 -11.41 -4.10
N GLN A 101 -1.01 -10.66 -5.14
CA GLN A 101 -0.69 -9.24 -5.04
C GLN A 101 -1.89 -8.51 -4.42
N GLU A 102 -3.12 -8.84 -4.80
CA GLU A 102 -4.33 -8.22 -4.26
C GLU A 102 -4.47 -8.52 -2.77
N LYS A 103 -4.14 -9.76 -2.37
CA LYS A 103 -4.21 -10.21 -0.98
C LYS A 103 -3.26 -9.42 -0.11
N VAL A 104 -2.01 -9.28 -0.57
CA VAL A 104 -0.96 -8.58 0.14
C VAL A 104 -1.25 -7.08 0.16
N ASP A 105 -1.72 -6.51 -0.95
CA ASP A 105 -2.06 -5.10 -1.08
C ASP A 105 -2.98 -4.67 0.06
N VAL A 106 -4.17 -5.28 0.14
CA VAL A 106 -5.17 -4.99 1.17
C VAL A 106 -4.67 -5.34 2.57
N PHE A 107 -3.69 -6.24 2.69
CA PHE A 107 -3.13 -6.63 3.98
C PHE A 107 -2.21 -5.55 4.55
N TYR A 108 -1.58 -4.72 3.70
CA TYR A 108 -0.70 -3.64 4.15
C TYR A 108 -1.47 -2.32 4.15
N ASN A 109 -2.43 -2.15 3.26
CA ASN A 109 -3.25 -0.94 3.18
C ASN A 109 -4.30 -0.92 4.30
N SER A 110 -4.43 -2.00 5.08
CA SER A 110 -5.37 -2.17 6.17
C SER A 110 -4.69 -2.81 7.37
N GLY A 111 -5.40 -2.90 8.50
CA GLY A 111 -4.86 -3.51 9.70
C GLY A 111 -4.85 -5.03 9.56
N PRO A 112 -4.12 -5.75 10.42
CA PRO A 112 -4.06 -7.19 10.36
C PRO A 112 -5.36 -7.73 10.93
N SER A 113 -5.91 -8.75 10.29
CA SER A 113 -7.16 -9.38 10.67
C SER A 113 -7.02 -10.89 10.41
N SER A 114 -8.04 -11.68 10.75
CA SER A 114 -8.05 -13.12 10.57
C SER A 114 -9.18 -13.51 9.59
N GLY A 115 -9.27 -14.79 9.26
CA GLY A 115 -10.26 -15.32 8.35
C GLY A 115 -10.03 -16.81 8.23
N GLY A 1 64.52 83.11 44.70
CA GLY A 1 63.05 83.09 44.86
C GLY A 1 62.44 82.22 43.77
N SER A 2 61.16 81.91 43.87
CA SER A 2 60.42 81.08 42.93
C SER A 2 58.93 81.45 43.06
N SER A 3 58.08 80.88 42.22
CA SER A 3 56.64 81.10 42.19
C SER A 3 56.00 79.87 41.55
N GLY A 4 54.66 79.78 41.54
CA GLY A 4 53.91 78.68 40.97
C GLY A 4 52.42 78.96 41.10
N SER A 5 51.60 78.04 40.63
CA SER A 5 50.14 78.13 40.67
C SER A 5 49.57 76.71 40.76
N SER A 6 48.25 76.55 40.81
CA SER A 6 47.55 75.27 40.88
C SER A 6 46.10 75.49 40.44
N GLY A 7 45.36 74.40 40.22
CA GLY A 7 43.97 74.41 39.81
C GLY A 7 43.25 73.31 40.58
N LYS A 8 42.05 73.58 41.07
CA LYS A 8 41.26 72.62 41.85
C LYS A 8 40.56 71.66 40.88
N TRP A 9 41.28 70.67 40.37
CA TRP A 9 40.75 69.67 39.45
C TRP A 9 39.83 68.69 40.22
N GLY A 10 39.11 67.84 39.49
CA GLY A 10 38.20 66.86 40.05
C GLY A 10 37.29 66.30 38.94
N LEU A 11 37.02 65.01 38.98
CA LEU A 11 36.16 64.28 38.04
C LEU A 11 35.38 63.22 38.82
N ARG A 12 34.40 62.58 38.20
CA ARG A 12 33.58 61.53 38.77
C ARG A 12 33.10 60.65 37.63
N LEU A 13 32.68 59.40 37.89
CA LEU A 13 32.21 58.45 36.88
C LEU A 13 30.87 57.89 37.35
N GLN A 14 30.09 57.34 36.42
CA GLN A 14 28.79 56.70 36.59
C GLN A 14 28.42 56.10 35.24
N GLU A 15 27.42 55.20 35.20
CA GLU A 15 26.93 54.56 34.00
C GLU A 15 25.57 53.93 34.30
N LYS A 16 24.95 53.29 33.31
CA LYS A 16 23.65 52.63 33.44
C LYS A 16 23.86 51.16 33.80
N PRO A 17 22.86 50.51 34.44
CA PRO A 17 22.96 49.11 34.81
C PRO A 17 22.89 48.27 33.53
N ALA A 18 23.57 47.11 33.54
CA ALA A 18 23.57 46.19 32.41
C ALA A 18 22.23 45.46 32.34
N LEU A 19 21.92 44.89 31.16
CA LEU A 19 20.71 44.13 30.87
C LEU A 19 21.09 42.96 29.95
N LEU A 20 20.12 42.09 29.66
CA LEU A 20 20.27 40.92 28.80
C LEU A 20 19.40 41.08 27.56
N PHE A 21 19.47 40.11 26.64
CA PHE A 21 18.72 40.07 25.40
C PHE A 21 17.86 38.80 25.34
N PRO A 22 16.75 38.79 24.58
CA PRO A 22 15.88 37.63 24.48
C PRO A 22 16.52 36.54 23.60
N GLY A 23 15.91 35.35 23.60
CA GLY A 23 16.35 34.20 22.82
C GLY A 23 15.14 33.53 22.16
N MET A 24 15.39 32.51 21.33
CA MET A 24 14.37 31.77 20.61
C MET A 24 14.81 30.31 20.56
N ALA A 25 13.86 29.38 20.64
CA ALA A 25 14.07 27.94 20.60
C ALA A 25 12.76 27.32 20.11
N ALA A 26 12.52 27.34 18.81
CA ALA A 26 11.32 26.78 18.21
C ALA A 26 11.46 25.27 18.00
N SER A 27 10.34 24.59 17.84
CA SER A 27 10.25 23.15 17.60
C SER A 27 9.95 22.92 16.12
N THR A 28 9.58 21.70 15.73
CA THR A 28 9.27 21.29 14.37
C THR A 28 7.86 20.67 14.33
N VAL A 29 7.45 20.21 13.15
CA VAL A 29 6.18 19.58 12.89
C VAL A 29 6.42 18.32 12.05
N GLN A 30 5.49 17.38 12.09
CA GLN A 30 5.57 16.14 11.33
C GLN A 30 4.45 16.05 10.31
N VAL A 31 4.63 15.14 9.35
CA VAL A 31 3.68 14.87 8.28
C VAL A 31 2.67 13.82 8.77
N ALA A 32 1.73 13.45 7.89
CA ALA A 32 0.71 12.45 8.16
C ALA A 32 0.87 11.30 7.18
N GLY A 33 0.29 10.14 7.50
CA GLY A 33 0.35 8.97 6.64
C GLY A 33 -0.58 9.14 5.44
N ARG A 34 -0.44 8.29 4.42
CA ARG A 34 -1.24 8.32 3.19
C ARG A 34 -1.92 6.98 2.97
N LYS A 35 -2.95 6.94 2.13
CA LYS A 35 -3.71 5.74 1.80
C LYS A 35 -4.47 6.00 0.50
N ASP A 36 -5.18 5.00 -0.01
CA ASP A 36 -5.98 5.01 -1.24
C ASP A 36 -5.08 5.06 -2.48
N TYR A 37 -4.17 6.02 -2.55
CA TYR A 37 -3.21 6.20 -3.63
C TYR A 37 -2.33 4.93 -3.75
N PRO A 38 -1.58 4.52 -2.71
CA PRO A 38 -0.76 3.31 -2.79
C PRO A 38 -1.64 2.05 -2.82
N ALA A 39 -1.66 1.35 -3.96
CA ALA A 39 -2.41 0.12 -4.18
C ALA A 39 -1.59 -0.80 -5.08
N LEU A 40 -1.95 -2.08 -5.15
CA LEU A 40 -1.29 -3.12 -5.97
C LEU A 40 0.24 -3.04 -5.85
N LEU A 41 0.72 -2.98 -4.61
CA LEU A 41 2.13 -2.88 -4.26
C LEU A 41 3.02 -3.96 -4.90
N PRO A 42 4.32 -3.67 -5.13
CA PRO A 42 5.25 -4.62 -5.71
C PRO A 42 5.68 -5.64 -4.64
N LEU A 43 6.09 -6.84 -5.08
CA LEU A 43 6.53 -7.91 -4.20
C LEU A 43 7.81 -8.54 -4.73
N ASN A 44 8.74 -8.80 -3.82
CA ASN A 44 10.03 -9.40 -4.11
C ASN A 44 9.81 -10.83 -4.57
N GLU A 45 10.00 -11.11 -5.87
CA GLU A 45 9.80 -12.44 -6.41
C GLU A 45 10.73 -13.48 -5.75
N SER A 46 11.83 -13.07 -5.11
CA SER A 46 12.73 -13.99 -4.45
C SER A 46 12.28 -14.31 -3.02
N GLU A 47 11.18 -13.73 -2.52
CA GLU A 47 10.69 -13.96 -1.16
C GLU A 47 9.33 -14.67 -1.14
N LEU A 48 8.70 -14.90 -2.30
CA LEU A 48 7.41 -15.59 -2.32
C LEU A 48 7.72 -17.07 -2.34
N GLU A 49 6.95 -17.90 -1.64
CA GLU A 49 7.19 -19.34 -1.55
C GLU A 49 6.09 -20.07 -2.33
N GLU A 50 6.49 -20.93 -3.27
CA GLU A 50 5.59 -21.71 -4.11
C GLU A 50 5.58 -23.19 -3.78
N GLN A 51 4.57 -23.89 -4.27
CA GLN A 51 4.36 -25.32 -4.11
C GLN A 51 3.81 -25.83 -5.43
N PHE A 52 4.24 -27.03 -5.78
CA PHE A 52 3.84 -27.72 -7.00
C PHE A 52 2.82 -28.77 -6.57
N VAL A 53 1.61 -28.76 -7.12
CA VAL A 53 0.62 -29.76 -6.73
C VAL A 53 0.84 -30.95 -7.65
N LYS A 54 1.42 -32.00 -7.06
CA LYS A 54 1.77 -33.29 -7.67
C LYS A 54 0.54 -34.16 -8.02
N GLY A 55 -0.59 -33.56 -8.37
CA GLY A 55 -1.78 -34.30 -8.72
C GLY A 55 -2.52 -34.75 -7.46
N HIS A 56 -2.34 -36.02 -7.07
CA HIS A 56 -2.92 -36.71 -5.91
C HIS A 56 -4.44 -36.60 -5.72
N GLY A 57 -5.22 -36.06 -6.66
CA GLY A 57 -6.66 -35.94 -6.49
C GLY A 57 -7.33 -37.32 -6.38
N PRO A 58 -8.34 -37.48 -5.51
CA PRO A 58 -9.05 -38.74 -5.33
C PRO A 58 -9.80 -39.17 -6.57
N GLY A 59 -10.16 -40.47 -6.64
CA GLY A 59 -10.87 -41.04 -7.78
C GLY A 59 -9.91 -41.13 -8.95
N GLY A 60 -8.81 -41.84 -8.76
CA GLY A 60 -7.75 -42.08 -9.71
C GLY A 60 -6.71 -42.97 -9.02
N GLN A 61 -5.63 -43.28 -9.72
CA GLN A 61 -4.54 -44.11 -9.22
C GLN A 61 -3.25 -43.30 -9.30
N ALA A 62 -2.95 -42.72 -10.47
CA ALA A 62 -1.76 -41.91 -10.69
C ALA A 62 -2.08 -40.82 -11.72
N THR A 63 -1.61 -40.99 -12.96
CA THR A 63 -1.76 -40.09 -14.11
C THR A 63 -3.22 -39.72 -14.43
N ASN A 64 -4.20 -40.45 -13.90
CA ASN A 64 -5.63 -40.23 -14.13
C ASN A 64 -6.06 -38.82 -13.75
N LYS A 65 -5.36 -38.15 -12.82
CA LYS A 65 -5.69 -36.78 -12.39
C LYS A 65 -4.46 -35.89 -12.49
N THR A 66 -3.84 -35.83 -13.67
CA THR A 66 -2.66 -35.00 -13.93
C THR A 66 -3.14 -33.54 -14.12
N SER A 67 -3.54 -32.92 -13.02
CA SER A 67 -4.00 -31.54 -12.96
C SER A 67 -2.74 -30.66 -12.84
N ASN A 68 -2.93 -29.35 -12.69
CA ASN A 68 -1.84 -28.40 -12.55
C ASN A 68 -2.36 -27.21 -11.75
N CYS A 69 -1.71 -26.88 -10.65
CA CYS A 69 -2.05 -25.76 -9.79
C CYS A 69 -0.76 -25.28 -9.15
N VAL A 70 -0.71 -23.99 -8.79
CA VAL A 70 0.44 -23.36 -8.14
C VAL A 70 -0.12 -22.79 -6.84
N VAL A 71 0.45 -23.17 -5.70
CA VAL A 71 0.06 -22.71 -4.38
C VAL A 71 1.12 -21.68 -4.00
N LEU A 72 0.84 -20.40 -4.23
CA LEU A 72 1.76 -19.32 -3.90
C LEU A 72 1.39 -18.87 -2.49
N LYS A 73 2.39 -18.59 -1.67
CA LYS A 73 2.23 -18.18 -0.27
C LYS A 73 3.14 -17.01 0.05
N HIS A 74 2.63 -16.08 0.84
CA HIS A 74 3.35 -14.89 1.28
C HIS A 74 3.94 -15.22 2.65
N VAL A 75 5.20 -14.91 2.88
CA VAL A 75 5.90 -15.18 4.13
C VAL A 75 5.40 -14.26 5.26
N PRO A 76 5.62 -12.93 5.23
CA PRO A 76 5.19 -12.00 6.28
C PRO A 76 3.69 -11.73 6.38
N SER A 77 2.89 -12.21 5.43
CA SER A 77 1.44 -11.99 5.42
C SER A 77 0.69 -13.30 5.60
N GLY A 78 1.33 -14.44 5.32
CA GLY A 78 0.73 -15.77 5.45
C GLY A 78 -0.39 -16.07 4.46
N ILE A 79 -0.79 -15.10 3.63
CA ILE A 79 -1.84 -15.25 2.62
C ILE A 79 -1.39 -16.32 1.64
N VAL A 80 -2.31 -17.18 1.23
CA VAL A 80 -2.05 -18.26 0.29
C VAL A 80 -3.12 -18.18 -0.79
N VAL A 81 -2.74 -18.57 -2.01
CA VAL A 81 -3.65 -18.57 -3.14
C VAL A 81 -3.30 -19.79 -3.97
N LYS A 82 -4.35 -20.44 -4.50
CA LYS A 82 -4.25 -21.64 -5.29
C LYS A 82 -4.85 -21.31 -6.64
N CYS A 83 -4.02 -21.19 -7.66
CA CYS A 83 -4.46 -20.86 -9.00
C CYS A 83 -4.28 -22.04 -9.94
N HIS A 84 -5.32 -22.28 -10.73
CA HIS A 84 -5.45 -23.34 -11.72
C HIS A 84 -6.33 -22.77 -12.85
N GLN A 85 -5.73 -22.52 -14.01
CA GLN A 85 -6.42 -21.98 -15.19
C GLN A 85 -6.01 -22.72 -16.47
N THR A 86 -4.88 -23.41 -16.46
CA THR A 86 -4.35 -24.15 -17.60
C THR A 86 -3.42 -25.25 -17.07
N ARG A 87 -2.93 -26.15 -17.94
CA ARG A 87 -2.00 -27.21 -17.53
C ARG A 87 -0.56 -26.69 -17.57
N SER A 88 -0.33 -25.46 -18.03
CA SER A 88 0.99 -24.87 -18.10
C SER A 88 1.30 -24.33 -16.71
N VAL A 89 2.31 -24.88 -16.03
CA VAL A 89 2.70 -24.42 -14.71
C VAL A 89 3.14 -22.95 -14.82
N ASP A 90 3.84 -22.59 -15.91
CA ASP A 90 4.35 -21.24 -16.15
C ASP A 90 3.26 -20.20 -16.30
N GLN A 91 2.05 -20.62 -16.68
CA GLN A 91 0.93 -19.73 -16.83
C GLN A 91 0.23 -19.59 -15.49
N ASN A 92 -0.02 -20.70 -14.79
CA ASN A 92 -0.69 -20.72 -13.49
C ASN A 92 0.09 -19.90 -12.46
N ARG A 93 1.42 -20.05 -12.44
CA ARG A 93 2.27 -19.33 -11.50
C ARG A 93 2.13 -17.83 -11.60
N LYS A 94 2.16 -17.28 -12.81
CA LYS A 94 2.06 -15.82 -12.94
C LYS A 94 0.71 -15.30 -12.45
N ILE A 95 -0.37 -16.06 -12.69
CA ILE A 95 -1.72 -15.69 -12.26
C ILE A 95 -1.69 -15.59 -10.74
N ALA A 96 -1.16 -16.63 -10.07
CA ALA A 96 -1.05 -16.68 -8.62
C ALA A 96 -0.34 -15.45 -8.06
N ARG A 97 0.72 -14.99 -8.72
CA ARG A 97 1.47 -13.82 -8.27
C ARG A 97 0.58 -12.58 -8.24
N LYS A 98 -0.08 -12.25 -9.36
CA LYS A 98 -0.94 -11.06 -9.40
C LYS A 98 -2.09 -11.14 -8.40
N VAL A 99 -2.74 -12.28 -8.21
CA VAL A 99 -3.85 -12.35 -7.24
C VAL A 99 -3.28 -12.30 -5.82
N LEU A 100 -2.04 -12.74 -5.60
CA LEU A 100 -1.43 -12.67 -4.28
C LEU A 100 -1.27 -11.19 -3.93
N GLN A 101 -0.72 -10.41 -4.87
CA GLN A 101 -0.52 -8.97 -4.69
C GLN A 101 -1.82 -8.24 -4.36
N GLU A 102 -2.95 -8.60 -4.98
CA GLU A 102 -4.23 -7.93 -4.68
C GLU A 102 -4.57 -8.06 -3.20
N LYS A 103 -4.51 -9.30 -2.70
CA LYS A 103 -4.83 -9.59 -1.30
C LYS A 103 -3.79 -9.00 -0.35
N VAL A 104 -2.50 -9.14 -0.64
CA VAL A 104 -1.42 -8.62 0.20
C VAL A 104 -1.51 -7.10 0.28
N ASP A 105 -1.86 -6.40 -0.80
CA ASP A 105 -1.99 -4.95 -0.81
C ASP A 105 -2.97 -4.49 0.27
N VAL A 106 -4.17 -5.07 0.28
CA VAL A 106 -5.20 -4.72 1.26
C VAL A 106 -4.82 -5.14 2.69
N PHE A 107 -3.86 -6.05 2.85
CA PHE A 107 -3.35 -6.54 4.14
C PHE A 107 -2.21 -5.63 4.64
N TYR A 108 -1.61 -4.85 3.74
CA TYR A 108 -0.51 -3.94 3.98
C TYR A 108 -1.02 -2.51 4.13
N ASN A 109 -1.90 -2.04 3.24
CA ASN A 109 -2.45 -0.68 3.31
C ASN A 109 -3.53 -0.55 4.39
N SER A 110 -4.20 -1.65 4.74
CA SER A 110 -5.24 -1.78 5.74
C SER A 110 -5.08 -3.17 6.37
N GLY A 111 -5.99 -3.61 7.22
CA GLY A 111 -5.91 -4.92 7.85
C GLY A 111 -7.11 -5.19 8.76
N PRO A 112 -7.24 -6.42 9.28
CA PRO A 112 -8.33 -6.81 10.17
C PRO A 112 -8.13 -6.10 11.52
N SER A 113 -6.88 -5.97 11.98
CA SER A 113 -6.49 -5.32 13.21
C SER A 113 -6.65 -3.80 13.05
N SER A 114 -6.42 -3.05 14.12
CA SER A 114 -6.47 -1.60 14.13
C SER A 114 -5.71 -1.17 15.40
N GLY A 115 -4.77 -0.24 15.27
CA GLY A 115 -3.96 0.27 16.38
C GLY A 115 -3.73 1.75 16.22
N GLY A 1 97.54 41.23 37.64
CA GLY A 1 96.27 40.96 38.34
C GLY A 1 95.51 39.84 37.63
N SER A 2 94.35 39.47 38.12
CA SER A 2 93.49 38.44 37.58
C SER A 2 92.05 38.83 37.93
N SER A 3 91.06 38.21 37.28
CA SER A 3 89.64 38.46 37.48
C SER A 3 88.89 37.14 37.32
N GLY A 4 87.63 37.10 37.76
CA GLY A 4 86.75 35.95 37.69
C GLY A 4 85.41 36.33 38.29
N SER A 5 84.36 35.57 37.98
CA SER A 5 83.00 35.76 38.45
C SER A 5 82.20 34.52 38.03
N SER A 6 81.00 34.35 38.57
CA SER A 6 80.13 33.22 38.27
C SER A 6 78.72 33.55 38.74
N GLY A 7 77.68 33.02 38.08
CA GLY A 7 76.30 33.25 38.43
C GLY A 7 75.42 32.30 37.61
N LYS A 8 74.23 31.99 38.10
CA LYS A 8 73.28 31.11 37.43
C LYS A 8 71.89 31.50 37.92
N TRP A 9 71.00 31.90 37.02
CA TRP A 9 69.64 32.33 37.33
C TRP A 9 68.69 31.78 36.26
N GLY A 10 67.41 32.12 36.34
CA GLY A 10 66.38 31.71 35.39
C GLY A 10 65.08 32.44 35.68
N LEU A 11 64.17 32.49 34.70
CA LEU A 11 62.87 33.15 34.79
C LEU A 11 61.78 32.17 34.36
N ARG A 12 60.52 32.60 34.45
CA ARG A 12 59.31 31.89 34.08
C ARG A 12 58.22 32.93 33.83
N LEU A 13 57.11 32.53 33.22
CA LEU A 13 55.95 33.34 32.90
C LEU A 13 54.75 32.40 32.89
N GLN A 14 53.53 32.93 32.87
CA GLN A 14 52.31 32.14 32.86
C GLN A 14 51.31 32.86 31.96
N GLU A 15 50.55 32.08 31.20
CA GLU A 15 49.54 32.54 30.25
C GLU A 15 48.25 31.77 30.51
N LYS A 16 47.23 32.00 29.68
CA LYS A 16 45.93 31.36 29.78
C LYS A 16 45.47 30.91 28.39
N PRO A 17 44.86 29.72 28.29
CA PRO A 17 44.37 29.16 27.04
C PRO A 17 43.10 29.89 26.57
N ALA A 18 42.65 29.52 25.36
CA ALA A 18 41.45 30.08 24.74
C ALA A 18 40.19 29.59 25.47
N LEU A 19 39.04 30.10 25.03
CA LEU A 19 37.72 29.78 25.57
C LEU A 19 36.84 29.27 24.43
N LEU A 20 35.64 28.80 24.76
CA LEU A 20 34.64 28.27 23.85
C LEU A 20 33.28 28.90 24.16
N PHE A 21 32.27 28.58 23.35
CA PHE A 21 30.90 29.05 23.47
C PHE A 21 29.97 27.85 23.70
N PRO A 22 28.79 28.05 24.30
CA PRO A 22 27.85 26.96 24.56
C PRO A 22 27.17 26.50 23.27
N GLY A 23 26.52 25.34 23.33
CA GLY A 23 25.78 24.75 22.23
C GLY A 23 24.37 25.33 22.15
N MET A 24 23.56 24.82 21.22
CA MET A 24 22.18 25.25 21.02
C MET A 24 21.22 24.07 21.17
N ALA A 25 19.92 24.36 21.25
CA ALA A 25 18.84 23.42 21.37
C ALA A 25 17.67 24.22 20.81
N ALA A 26 16.90 23.60 19.93
CA ALA A 26 15.76 24.21 19.30
C ALA A 26 14.58 23.23 19.44
N SER A 27 13.39 23.61 18.98
CA SER A 27 12.23 22.74 19.05
C SER A 27 12.36 21.58 18.04
N THR A 28 11.40 20.66 18.04
CA THR A 28 11.37 19.51 17.14
C THR A 28 10.02 19.51 16.39
N VAL A 29 9.88 18.65 15.39
CA VAL A 29 8.69 18.51 14.58
C VAL A 29 7.58 17.83 15.39
N GLN A 30 6.42 17.53 14.77
CA GLN A 30 5.29 16.87 15.42
C GLN A 30 4.79 15.73 14.53
N VAL A 31 3.84 14.95 15.03
CA VAL A 31 3.26 13.81 14.33
C VAL A 31 2.53 14.31 13.08
N ALA A 32 2.49 13.47 12.05
CA ALA A 32 1.85 13.76 10.78
C ALA A 32 0.78 12.72 10.44
N GLY A 33 0.06 12.99 9.36
CA GLY A 33 -1.00 12.16 8.80
C GLY A 33 -0.55 11.70 7.42
N ARG A 34 -1.33 10.86 6.73
CA ARG A 34 -1.00 10.35 5.41
C ARG A 34 -2.17 10.49 4.44
N LYS A 35 -1.91 10.08 3.21
CA LYS A 35 -2.79 10.04 2.04
C LYS A 35 -2.27 8.87 1.19
N ASP A 36 -2.93 8.60 0.06
CA ASP A 36 -2.56 7.58 -0.91
C ASP A 36 -2.59 6.15 -0.38
N TYR A 37 -3.36 5.87 0.67
CA TYR A 37 -3.46 4.55 1.29
C TYR A 37 -3.79 3.42 0.30
N PRO A 38 -4.96 3.43 -0.38
CA PRO A 38 -5.32 2.40 -1.34
C PRO A 38 -4.40 2.50 -2.57
N ALA A 39 -3.41 1.62 -2.66
CA ALA A 39 -2.45 1.56 -3.75
C ALA A 39 -2.11 0.10 -4.07
N LEU A 40 -1.03 -0.09 -4.85
CA LEU A 40 -0.50 -1.36 -5.28
C LEU A 40 1.04 -1.33 -5.18
N LEU A 41 1.59 -1.72 -4.02
CA LEU A 41 3.01 -1.76 -3.69
C LEU A 41 3.81 -2.72 -4.58
N PRO A 42 5.12 -2.49 -4.78
CA PRO A 42 5.97 -3.35 -5.59
C PRO A 42 6.42 -4.60 -4.82
N LEU A 43 5.96 -5.80 -5.22
CA LEU A 43 6.35 -7.05 -4.55
C LEU A 43 7.57 -7.66 -5.23
N ASN A 44 8.48 -8.22 -4.43
CA ASN A 44 9.67 -8.88 -4.92
C ASN A 44 9.28 -10.34 -5.14
N GLU A 45 9.12 -10.77 -6.38
CA GLU A 45 8.75 -12.12 -6.73
C GLU A 45 9.71 -13.21 -6.25
N SER A 46 10.90 -12.86 -5.77
CA SER A 46 11.90 -13.80 -5.28
C SER A 46 11.92 -13.85 -3.74
N GLU A 47 11.11 -13.03 -3.08
CA GLU A 47 11.01 -12.97 -1.62
C GLU A 47 9.82 -13.81 -1.13
N LEU A 48 8.98 -14.29 -2.06
CA LEU A 48 7.79 -15.09 -1.78
C LEU A 48 8.15 -16.58 -1.83
N GLU A 49 7.20 -17.46 -1.51
CA GLU A 49 7.40 -18.90 -1.51
C GLU A 49 6.27 -19.57 -2.29
N GLU A 50 6.64 -20.33 -3.33
CA GLU A 50 5.72 -21.05 -4.19
C GLU A 50 5.74 -22.55 -3.89
N GLN A 51 4.70 -23.28 -4.29
CA GLN A 51 4.55 -24.72 -4.09
C GLN A 51 3.89 -25.32 -5.34
N PHE A 52 4.50 -26.40 -5.84
CA PHE A 52 4.02 -27.14 -7.02
C PHE A 52 3.04 -28.21 -6.54
N VAL A 53 2.25 -28.75 -7.45
CA VAL A 53 1.24 -29.77 -7.16
C VAL A 53 1.35 -30.89 -8.19
N LYS A 54 1.50 -32.11 -7.71
CA LYS A 54 1.62 -33.33 -8.50
C LYS A 54 0.47 -34.27 -8.14
N GLY A 55 0.20 -34.45 -6.84
CA GLY A 55 -0.85 -35.32 -6.35
C GLY A 55 -0.75 -35.40 -4.83
N HIS A 56 -1.27 -34.37 -4.14
CA HIS A 56 -1.25 -34.32 -2.70
C HIS A 56 -2.36 -35.25 -2.17
N GLY A 57 -1.97 -36.38 -1.57
CA GLY A 57 -2.93 -37.33 -1.02
C GLY A 57 -3.90 -37.86 -2.07
N PRO A 58 -5.01 -38.46 -1.63
CA PRO A 58 -6.05 -39.00 -2.50
C PRO A 58 -6.92 -37.91 -3.15
N GLY A 59 -6.52 -36.63 -3.12
CA GLY A 59 -7.26 -35.52 -3.68
C GLY A 59 -8.35 -35.07 -2.73
N GLY A 60 -9.30 -35.96 -2.40
CA GLY A 60 -10.41 -35.72 -1.51
C GLY A 60 -11.74 -35.97 -2.21
N GLN A 61 -12.85 -35.67 -1.53
CA GLN A 61 -14.20 -35.84 -2.06
C GLN A 61 -14.49 -34.72 -3.07
N ALA A 62 -13.90 -34.81 -4.26
CA ALA A 62 -14.06 -33.85 -5.34
C ALA A 62 -14.01 -34.60 -6.68
N THR A 63 -14.39 -33.93 -7.76
CA THR A 63 -14.40 -34.49 -9.11
C THR A 63 -13.34 -33.87 -10.02
N ASN A 64 -12.56 -32.90 -9.50
CA ASN A 64 -11.50 -32.20 -10.22
C ASN A 64 -10.27 -33.10 -10.40
N LYS A 65 -9.25 -32.60 -11.10
CA LYS A 65 -7.99 -33.30 -11.35
C LYS A 65 -6.90 -32.24 -11.11
N THR A 66 -6.33 -32.23 -9.91
CA THR A 66 -5.30 -31.32 -9.44
C THR A 66 -3.91 -31.48 -10.09
N SER A 67 -3.80 -32.29 -11.15
CA SER A 67 -2.58 -32.59 -11.89
C SER A 67 -1.79 -31.37 -12.42
N ASN A 68 -2.38 -30.18 -12.52
CA ASN A 68 -1.67 -29.00 -12.99
C ASN A 68 -2.08 -27.75 -12.20
N CYS A 69 -1.97 -27.85 -10.88
CA CYS A 69 -2.28 -26.77 -9.96
C CYS A 69 -0.98 -26.08 -9.53
N VAL A 70 -1.10 -24.83 -9.08
CA VAL A 70 0.00 -23.99 -8.59
C VAL A 70 -0.54 -23.23 -7.38
N VAL A 71 0.24 -23.15 -6.31
CA VAL A 71 -0.14 -22.46 -5.10
C VAL A 71 1.05 -21.58 -4.69
N LEU A 72 0.75 -20.39 -4.19
CA LEU A 72 1.72 -19.40 -3.75
C LEU A 72 1.31 -18.92 -2.37
N LYS A 73 2.29 -18.58 -1.52
CA LYS A 73 2.02 -18.09 -0.16
C LYS A 73 2.92 -16.90 0.14
N HIS A 74 2.40 -16.00 0.96
CA HIS A 74 3.12 -14.81 1.40
C HIS A 74 3.74 -15.22 2.73
N VAL A 75 5.06 -15.21 2.84
CA VAL A 75 5.77 -15.63 4.05
C VAL A 75 5.35 -14.78 5.27
N PRO A 76 5.57 -13.46 5.29
CA PRO A 76 5.23 -12.61 6.44
C PRO A 76 3.73 -12.40 6.70
N SER A 77 2.83 -12.80 5.80
CA SER A 77 1.38 -12.59 6.02
C SER A 77 0.55 -13.88 6.02
N GLY A 78 1.14 -15.01 5.65
CA GLY A 78 0.49 -16.31 5.60
C GLY A 78 -0.68 -16.42 4.63
N ILE A 79 -0.92 -15.42 3.76
CA ILE A 79 -2.00 -15.46 2.78
C ILE A 79 -1.57 -16.51 1.76
N VAL A 80 -2.45 -17.44 1.43
CA VAL A 80 -2.20 -18.51 0.46
C VAL A 80 -3.30 -18.47 -0.58
N VAL A 81 -2.97 -18.75 -1.84
CA VAL A 81 -3.95 -18.78 -2.92
C VAL A 81 -3.57 -19.90 -3.88
N LYS A 82 -4.59 -20.59 -4.41
CA LYS A 82 -4.47 -21.72 -5.33
C LYS A 82 -5.06 -21.36 -6.69
N CYS A 83 -4.26 -21.38 -7.74
CA CYS A 83 -4.72 -21.08 -9.10
C CYS A 83 -4.56 -22.32 -10.00
N HIS A 84 -5.50 -22.54 -10.92
CA HIS A 84 -5.48 -23.64 -11.88
C HIS A 84 -6.36 -23.27 -13.07
N GLN A 85 -5.80 -22.82 -14.21
CA GLN A 85 -6.58 -22.48 -15.38
C GLN A 85 -6.01 -23.00 -16.69
N THR A 86 -4.71 -23.27 -16.73
CA THR A 86 -4.03 -23.79 -17.90
C THR A 86 -3.29 -25.08 -17.54
N ARG A 87 -2.77 -25.77 -18.56
CA ARG A 87 -1.99 -27.00 -18.37
C ARG A 87 -0.50 -26.65 -18.24
N SER A 88 -0.15 -25.36 -18.30
CA SER A 88 1.20 -24.85 -18.21
C SER A 88 1.43 -24.35 -16.79
N VAL A 89 2.32 -24.99 -16.05
CA VAL A 89 2.64 -24.59 -14.69
C VAL A 89 3.15 -23.14 -14.71
N ASP A 90 3.93 -22.79 -15.73
CA ASP A 90 4.53 -21.48 -15.94
C ASP A 90 3.49 -20.37 -16.06
N GLN A 91 2.38 -20.65 -16.75
CA GLN A 91 1.30 -19.71 -16.95
C GLN A 91 0.41 -19.65 -15.71
N ASN A 92 0.31 -20.74 -14.95
CA ASN A 92 -0.49 -20.74 -13.74
C ASN A 92 0.25 -19.88 -12.71
N ARG A 93 1.58 -19.96 -12.61
CA ARG A 93 2.40 -19.17 -11.68
C ARG A 93 2.07 -17.68 -11.70
N LYS A 94 2.05 -17.04 -12.87
CA LYS A 94 1.74 -15.60 -12.93
C LYS A 94 0.38 -15.26 -12.33
N ILE A 95 -0.61 -16.15 -12.47
CA ILE A 95 -1.96 -15.95 -11.94
C ILE A 95 -1.88 -15.89 -10.42
N ALA A 96 -1.22 -16.86 -9.79
CA ALA A 96 -1.09 -16.87 -8.34
C ALA A 96 -0.39 -15.60 -7.85
N ARG A 97 0.68 -15.17 -8.52
CA ARG A 97 1.43 -13.97 -8.15
C ARG A 97 0.55 -12.72 -8.24
N LYS A 98 -0.11 -12.51 -9.38
CA LYS A 98 -0.94 -11.32 -9.55
C LYS A 98 -2.11 -11.29 -8.60
N VAL A 99 -2.79 -12.42 -8.37
CA VAL A 99 -3.95 -12.40 -7.47
C VAL A 99 -3.49 -12.27 -6.02
N LEU A 100 -2.39 -12.92 -5.62
CA LEU A 100 -1.88 -12.85 -4.26
C LEU A 100 -1.53 -11.40 -3.94
N GLN A 101 -0.85 -10.71 -4.86
CA GLN A 101 -0.43 -9.32 -4.71
C GLN A 101 -1.59 -8.42 -4.27
N GLU A 102 -2.75 -8.52 -4.92
CA GLU A 102 -3.90 -7.67 -4.57
C GLU A 102 -4.32 -7.86 -3.12
N LYS A 103 -4.22 -9.10 -2.63
CA LYS A 103 -4.57 -9.49 -1.27
C LYS A 103 -3.46 -9.06 -0.30
N VAL A 104 -2.20 -9.08 -0.73
CA VAL A 104 -1.02 -8.69 0.04
C VAL A 104 -1.12 -7.20 0.33
N ASP A 105 -1.32 -6.42 -0.74
CA ASP A 105 -1.43 -4.98 -0.73
C ASP A 105 -2.44 -4.51 0.29
N VAL A 106 -3.70 -4.90 0.13
CA VAL A 106 -4.76 -4.48 1.03
C VAL A 106 -4.48 -4.91 2.46
N PHE A 107 -3.76 -6.01 2.70
CA PHE A 107 -3.47 -6.43 4.07
C PHE A 107 -2.53 -5.40 4.74
N TYR A 108 -1.58 -4.85 3.98
CA TYR A 108 -0.65 -3.86 4.48
C TYR A 108 -1.28 -2.47 4.49
N ASN A 109 -2.03 -2.12 3.44
CA ASN A 109 -2.70 -0.82 3.25
C ASN A 109 -3.93 -0.67 4.15
N SER A 110 -4.44 -1.76 4.71
CA SER A 110 -5.62 -1.78 5.56
C SER A 110 -5.37 -2.71 6.75
N GLY A 111 -4.81 -2.18 7.83
CA GLY A 111 -4.52 -2.92 9.05
C GLY A 111 -4.17 -1.96 10.18
N PRO A 112 -3.91 -2.49 11.38
CA PRO A 112 -3.56 -1.68 12.54
C PRO A 112 -2.15 -1.12 12.37
N SER A 113 -1.82 -0.09 13.15
CA SER A 113 -0.52 0.55 13.15
C SER A 113 0.27 0.08 14.38
N SER A 114 -0.38 0.00 15.55
CA SER A 114 0.28 -0.43 16.79
C SER A 114 -0.69 -1.15 17.75
N GLY A 115 -1.98 -1.24 17.41
CA GLY A 115 -2.97 -1.85 18.27
C GLY A 115 -3.20 -0.94 19.46
N GLY A 1 -18.29 2.14 -43.84
CA GLY A 1 -16.83 2.15 -43.92
C GLY A 1 -16.34 3.59 -43.80
N SER A 2 -15.12 3.78 -43.33
CA SER A 2 -14.49 5.08 -43.13
C SER A 2 -12.97 4.88 -43.32
N SER A 3 -12.18 5.93 -43.16
CA SER A 3 -10.73 5.90 -43.30
C SER A 3 -10.14 7.08 -42.52
N GLY A 4 -8.87 7.39 -42.73
CA GLY A 4 -8.13 8.48 -42.10
C GLY A 4 -7.33 9.22 -43.16
N SER A 5 -6.73 10.35 -42.80
CA SER A 5 -5.92 11.16 -43.70
C SER A 5 -4.88 11.94 -42.88
N SER A 6 -3.84 11.24 -42.44
CA SER A 6 -2.76 11.82 -41.66
C SER A 6 -1.97 12.79 -42.56
N GLY A 7 -1.34 13.80 -41.97
CA GLY A 7 -0.54 14.79 -42.68
C GLY A 7 0.81 14.87 -41.99
N LYS A 8 1.02 15.86 -41.13
CA LYS A 8 2.27 16.03 -40.40
C LYS A 8 2.03 16.67 -39.04
N TRP A 9 3.08 16.69 -38.23
CA TRP A 9 3.13 17.22 -36.88
C TRP A 9 4.35 18.17 -36.80
N GLY A 10 4.46 18.91 -35.70
CA GLY A 10 5.54 19.86 -35.48
C GLY A 10 6.28 19.58 -34.16
N LEU A 11 5.72 20.07 -33.05
CA LEU A 11 6.23 19.95 -31.67
C LEU A 11 7.74 20.09 -31.53
N ARG A 12 8.26 21.08 -32.23
CA ARG A 12 9.69 21.41 -32.18
C ARG A 12 9.85 22.42 -31.04
N LEU A 13 11.05 22.53 -30.50
CA LEU A 13 11.41 23.43 -29.42
C LEU A 13 12.38 24.42 -30.00
N GLN A 14 12.39 25.63 -29.46
CA GLN A 14 13.25 26.69 -29.93
C GLN A 14 13.65 27.51 -28.71
N GLU A 15 14.92 27.91 -28.66
CA GLU A 15 15.53 28.69 -27.61
C GLU A 15 16.62 29.54 -28.26
N LYS A 16 17.08 30.56 -27.53
CA LYS A 16 18.13 31.50 -27.82
C LYS A 16 18.56 32.01 -26.43
N PRO A 17 19.86 32.18 -26.16
CA PRO A 17 20.31 32.65 -24.86
C PRO A 17 19.92 34.11 -24.67
N ALA A 18 19.73 34.51 -23.41
CA ALA A 18 19.37 35.85 -22.98
C ALA A 18 20.01 36.08 -21.60
N LEU A 19 19.86 37.29 -21.05
CA LEU A 19 20.40 37.62 -19.74
C LEU A 19 19.63 36.80 -18.70
N LEU A 20 20.37 36.22 -17.77
CA LEU A 20 19.87 35.38 -16.69
C LEU A 20 20.53 35.81 -15.38
N PHE A 21 19.99 35.33 -14.26
CA PHE A 21 20.50 35.61 -12.93
C PHE A 21 21.71 34.71 -12.67
N PRO A 22 22.60 35.08 -11.73
CA PRO A 22 23.77 34.28 -11.39
C PRO A 22 23.35 33.06 -10.54
N GLY A 23 24.33 32.27 -10.10
CA GLY A 23 24.07 31.11 -9.28
C GLY A 23 23.37 31.53 -7.98
N MET A 24 22.50 30.67 -7.46
CA MET A 24 21.72 30.88 -6.25
C MET A 24 21.79 29.61 -5.39
N ALA A 25 21.24 29.68 -4.18
CA ALA A 25 21.16 28.63 -3.20
C ALA A 25 19.79 28.89 -2.61
N ALA A 26 18.88 27.92 -2.71
CA ALA A 26 17.53 28.05 -2.20
C ALA A 26 17.23 26.91 -1.22
N SER A 27 16.05 26.96 -0.59
CA SER A 27 15.60 25.95 0.35
C SER A 27 15.51 24.59 -0.35
N THR A 28 15.90 23.52 0.36
CA THR A 28 15.87 22.14 -0.14
C THR A 28 14.42 21.63 -0.19
N VAL A 29 14.19 20.36 -0.52
CA VAL A 29 12.83 19.84 -0.55
C VAL A 29 12.20 19.91 0.84
N GLN A 30 10.88 19.99 0.91
CA GLN A 30 10.09 20.08 2.12
C GLN A 30 8.96 19.04 2.07
N VAL A 31 8.10 19.04 3.08
CA VAL A 31 6.98 18.11 3.18
C VAL A 31 5.90 18.43 2.15
N ALA A 32 5.00 17.46 1.92
CA ALA A 32 3.87 17.49 1.01
C ALA A 32 2.97 16.29 1.35
N GLY A 33 1.77 16.26 0.78
CA GLY A 33 0.80 15.19 0.98
C GLY A 33 1.11 14.07 -0.01
N ARG A 34 0.26 13.03 -0.07
CA ARG A 34 0.45 11.90 -0.99
C ARG A 34 -0.87 11.57 -1.67
N LYS A 35 -0.79 10.78 -2.73
CA LYS A 35 -1.90 10.26 -3.52
C LYS A 35 -1.45 8.89 -4.05
N ASP A 36 -2.19 8.30 -4.98
CA ASP A 36 -1.92 7.00 -5.62
C ASP A 36 -1.68 5.84 -4.65
N TYR A 37 -2.23 5.88 -3.43
CA TYR A 37 -2.06 4.81 -2.45
C TYR A 37 -2.51 3.43 -2.97
N PRO A 38 -3.79 3.25 -3.35
CA PRO A 38 -4.29 1.97 -3.86
C PRO A 38 -3.57 1.70 -5.18
N ALA A 39 -2.57 0.82 -5.14
CA ALA A 39 -1.77 0.45 -6.29
C ALA A 39 -1.13 -0.92 -6.04
N LEU A 40 -0.46 -1.48 -7.05
CA LEU A 40 0.20 -2.77 -6.92
C LEU A 40 1.47 -2.56 -6.10
N LEU A 41 1.39 -2.81 -4.78
CA LEU A 41 2.54 -2.65 -3.89
C LEU A 41 3.71 -3.51 -4.38
N PRO A 42 4.95 -3.04 -4.23
CA PRO A 42 6.14 -3.75 -4.69
C PRO A 42 6.32 -5.08 -3.94
N LEU A 43 6.38 -6.17 -4.69
CA LEU A 43 6.56 -7.52 -4.18
C LEU A 43 7.92 -8.08 -4.60
N ASN A 44 8.52 -8.90 -3.76
CA ASN A 44 9.82 -9.54 -4.00
C ASN A 44 9.56 -11.03 -4.22
N GLU A 45 9.84 -11.55 -5.41
CA GLU A 45 9.63 -12.98 -5.68
C GLU A 45 10.53 -13.86 -4.81
N SER A 46 11.70 -13.36 -4.42
CA SER A 46 12.66 -14.08 -3.59
C SER A 46 12.21 -14.12 -2.11
N GLU A 47 11.05 -13.53 -1.79
CA GLU A 47 10.49 -13.48 -0.44
C GLU A 47 9.14 -14.20 -0.31
N LEU A 48 8.72 -14.87 -1.37
CA LEU A 48 7.48 -15.64 -1.42
C LEU A 48 7.84 -17.13 -1.41
N GLU A 49 6.84 -17.99 -1.35
CA GLU A 49 7.05 -19.43 -1.35
C GLU A 49 6.01 -20.11 -2.24
N GLU A 50 6.45 -20.69 -3.36
CA GLU A 50 5.56 -21.40 -4.28
C GLU A 50 5.81 -22.89 -4.08
N GLN A 51 4.84 -23.72 -4.43
CA GLN A 51 4.90 -25.18 -4.35
C GLN A 51 4.20 -25.76 -5.58
N PHE A 52 4.15 -27.09 -5.67
CA PHE A 52 3.52 -27.82 -6.76
C PHE A 52 2.60 -28.88 -6.15
N VAL A 53 1.69 -29.40 -6.97
CA VAL A 53 0.71 -30.42 -6.60
C VAL A 53 0.41 -31.28 -7.84
N LYS A 54 0.24 -32.58 -7.62
CA LYS A 54 -0.11 -33.59 -8.61
C LYS A 54 -1.49 -34.08 -8.20
N GLY A 55 -1.57 -34.78 -7.07
CA GLY A 55 -2.80 -35.31 -6.50
C GLY A 55 -2.51 -35.68 -5.05
N HIS A 56 -3.42 -35.34 -4.14
CA HIS A 56 -3.30 -35.64 -2.71
C HIS A 56 -4.69 -35.59 -2.07
N GLY A 57 -5.48 -34.55 -2.36
CA GLY A 57 -6.82 -34.35 -1.84
C GLY A 57 -7.87 -34.64 -2.93
N PRO A 58 -9.16 -34.39 -2.65
CA PRO A 58 -10.27 -34.63 -3.58
C PRO A 58 -10.28 -33.72 -4.82
N GLY A 59 -9.26 -32.85 -4.99
CA GLY A 59 -9.15 -31.96 -6.12
C GLY A 59 -10.37 -31.05 -6.21
N GLY A 60 -10.73 -30.67 -7.43
CA GLY A 60 -11.88 -29.82 -7.71
C GLY A 60 -13.04 -30.67 -8.24
N GLN A 61 -13.08 -31.96 -7.88
CA GLN A 61 -14.09 -32.93 -8.31
C GLN A 61 -14.16 -32.95 -9.85
N ALA A 62 -12.97 -32.99 -10.46
CA ALA A 62 -12.71 -33.04 -11.88
C ALA A 62 -11.41 -33.83 -12.03
N THR A 63 -11.51 -35.12 -12.34
CA THR A 63 -10.40 -36.04 -12.53
C THR A 63 -9.77 -35.77 -13.91
N ASN A 64 -8.98 -34.70 -13.99
CA ASN A 64 -8.29 -34.30 -15.21
C ASN A 64 -7.02 -35.13 -15.41
N LYS A 65 -6.41 -34.99 -16.59
CA LYS A 65 -5.17 -35.70 -16.92
C LYS A 65 -4.03 -34.85 -16.33
N THR A 66 -3.98 -33.58 -16.73
CA THR A 66 -2.98 -32.63 -16.32
C THR A 66 -3.03 -32.31 -14.83
N SER A 67 -4.23 -32.20 -14.24
CA SER A 67 -4.42 -31.88 -12.82
C SER A 67 -3.55 -30.68 -12.41
N ASN A 68 -3.47 -29.67 -13.27
CA ASN A 68 -2.67 -28.48 -13.01
C ASN A 68 -3.34 -27.68 -11.89
N CYS A 69 -2.60 -27.40 -10.83
CA CYS A 69 -3.04 -26.66 -9.67
C CYS A 69 -1.78 -26.08 -9.01
N VAL A 70 -1.54 -24.78 -9.19
CA VAL A 70 -0.37 -24.10 -8.64
C VAL A 70 -0.77 -23.47 -7.29
N VAL A 71 0.22 -23.19 -6.45
CA VAL A 71 0.04 -22.63 -5.12
C VAL A 71 1.17 -21.66 -4.82
N LEU A 72 0.85 -20.60 -4.07
CA LEU A 72 1.78 -19.54 -3.66
C LEU A 72 1.37 -19.07 -2.26
N LYS A 73 2.34 -18.61 -1.46
CA LYS A 73 2.14 -18.12 -0.10
C LYS A 73 3.02 -16.90 0.14
N HIS A 74 2.55 -15.98 0.99
CA HIS A 74 3.23 -14.75 1.38
C HIS A 74 3.85 -15.00 2.75
N VAL A 75 5.16 -14.76 2.90
CA VAL A 75 5.83 -14.96 4.17
C VAL A 75 5.44 -13.88 5.19
N PRO A 76 5.60 -12.57 4.93
CA PRO A 76 5.26 -11.53 5.91
C PRO A 76 3.78 -11.30 6.16
N SER A 77 2.88 -11.91 5.39
CA SER A 77 1.44 -11.73 5.56
C SER A 77 0.72 -13.04 5.84
N GLY A 78 1.38 -14.19 5.71
CA GLY A 78 0.81 -15.51 5.95
C GLY A 78 -0.34 -15.90 5.02
N ILE A 79 -0.67 -15.08 4.02
CA ILE A 79 -1.74 -15.29 3.04
C ILE A 79 -1.30 -16.43 2.12
N VAL A 80 -2.24 -17.29 1.72
CA VAL A 80 -1.99 -18.43 0.83
C VAL A 80 -3.07 -18.43 -0.25
N VAL A 81 -2.74 -18.89 -1.47
CA VAL A 81 -3.69 -18.98 -2.58
C VAL A 81 -3.32 -20.16 -3.48
N LYS A 82 -4.31 -20.74 -4.16
CA LYS A 82 -4.15 -21.87 -5.08
C LYS A 82 -4.90 -21.52 -6.34
N CYS A 83 -4.20 -21.23 -7.45
CA CYS A 83 -4.82 -20.87 -8.72
C CYS A 83 -4.39 -21.77 -9.86
N HIS A 84 -5.27 -21.87 -10.85
CA HIS A 84 -5.14 -22.64 -12.07
C HIS A 84 -6.03 -21.97 -13.13
N GLN A 85 -5.62 -22.05 -14.40
CA GLN A 85 -6.35 -21.49 -15.53
C GLN A 85 -5.88 -22.11 -16.84
N THR A 86 -4.63 -22.59 -16.91
CA THR A 86 -4.07 -23.17 -18.11
C THR A 86 -3.25 -24.42 -17.79
N ARG A 87 -3.04 -25.30 -18.76
CA ARG A 87 -2.25 -26.51 -18.59
C ARG A 87 -0.78 -26.19 -18.27
N SER A 88 -0.30 -25.01 -18.64
CA SER A 88 1.07 -24.54 -18.45
C SER A 88 1.32 -24.06 -17.02
N VAL A 89 2.23 -24.73 -16.30
CA VAL A 89 2.59 -24.37 -14.92
C VAL A 89 3.12 -22.93 -14.88
N ASP A 90 3.94 -22.54 -15.87
CA ASP A 90 4.54 -21.22 -15.95
C ASP A 90 3.47 -20.13 -15.99
N GLN A 91 2.46 -20.32 -16.83
CA GLN A 91 1.35 -19.40 -17.00
C GLN A 91 0.53 -19.33 -15.72
N ASN A 92 0.24 -20.48 -15.08
CA ASN A 92 -0.51 -20.51 -13.84
C ASN A 92 0.21 -19.73 -12.74
N ARG A 93 1.54 -19.85 -12.65
CA ARG A 93 2.33 -19.13 -11.64
C ARG A 93 2.14 -17.63 -11.78
N LYS A 94 2.07 -17.08 -13.00
CA LYS A 94 1.88 -15.63 -13.17
C LYS A 94 0.57 -15.23 -12.50
N ILE A 95 -0.49 -15.97 -12.80
CA ILE A 95 -1.83 -15.72 -12.28
C ILE A 95 -1.80 -15.78 -10.76
N ALA A 96 -1.18 -16.81 -10.19
CA ALA A 96 -1.08 -16.99 -8.75
C ALA A 96 -0.38 -15.78 -8.11
N ARG A 97 0.75 -15.34 -8.67
CA ARG A 97 1.50 -14.19 -8.17
C ARG A 97 0.64 -12.93 -8.26
N LYS A 98 -0.03 -12.71 -9.39
CA LYS A 98 -0.90 -11.56 -9.61
C LYS A 98 -1.95 -11.51 -8.52
N VAL A 99 -2.80 -12.53 -8.41
CA VAL A 99 -3.87 -12.54 -7.42
C VAL A 99 -3.36 -12.33 -6.00
N LEU A 100 -2.16 -12.84 -5.66
CA LEU A 100 -1.56 -12.70 -4.35
C LEU A 100 -1.29 -11.23 -4.07
N GLN A 101 -0.70 -10.50 -5.03
CA GLN A 101 -0.36 -9.08 -4.88
C GLN A 101 -1.55 -8.22 -4.43
N GLU A 102 -2.74 -8.47 -4.97
CA GLU A 102 -3.93 -7.71 -4.62
C GLU A 102 -4.31 -7.94 -3.15
N LYS A 103 -4.05 -9.14 -2.63
CA LYS A 103 -4.33 -9.48 -1.25
C LYS A 103 -3.32 -8.80 -0.32
N VAL A 104 -2.07 -8.65 -0.74
CA VAL A 104 -1.03 -8.01 0.06
C VAL A 104 -1.36 -6.52 0.21
N ASP A 105 -1.78 -5.85 -0.87
CA ASP A 105 -2.15 -4.43 -0.88
C ASP A 105 -3.13 -4.16 0.25
N VAL A 106 -4.29 -4.82 0.21
CA VAL A 106 -5.31 -4.63 1.24
C VAL A 106 -4.81 -5.09 2.61
N PHE A 107 -3.90 -6.07 2.71
CA PHE A 107 -3.43 -6.52 4.02
C PHE A 107 -2.56 -5.45 4.67
N TYR A 108 -1.73 -4.76 3.88
CA TYR A 108 -0.85 -3.70 4.36
C TYR A 108 -1.70 -2.47 4.66
N ASN A 109 -2.45 -2.01 3.66
CA ASN A 109 -3.28 -0.81 3.79
C ASN A 109 -4.49 -0.95 4.74
N SER A 110 -4.94 -2.16 5.03
CA SER A 110 -6.06 -2.46 5.90
C SER A 110 -5.71 -3.72 6.69
N GLY A 111 -4.84 -3.53 7.67
CA GLY A 111 -4.40 -4.62 8.53
C GLY A 111 -5.51 -5.08 9.48
N PRO A 112 -5.34 -6.23 10.13
CA PRO A 112 -6.31 -6.79 11.06
C PRO A 112 -6.32 -6.09 12.44
N SER A 113 -5.57 -4.99 12.60
CA SER A 113 -5.46 -4.22 13.83
C SER A 113 -5.34 -2.72 13.50
N SER A 114 -5.15 -1.86 14.51
CA SER A 114 -4.98 -0.41 14.36
C SER A 114 -6.13 0.34 13.67
N GLY A 115 -7.30 -0.27 13.52
CA GLY A 115 -8.48 0.31 12.87
C GLY A 115 -9.68 -0.53 13.25
N GLY A 1 -13.85 -5.36 13.58
CA GLY A 1 -13.98 -3.99 13.08
C GLY A 1 -13.34 -3.01 14.04
N SER A 2 -13.61 -1.72 13.88
CA SER A 2 -13.07 -0.65 14.70
C SER A 2 -14.03 -0.38 15.86
N SER A 3 -14.07 -1.29 16.82
CA SER A 3 -14.92 -1.18 18.00
C SER A 3 -14.50 -0.06 18.96
N GLY A 4 -13.33 0.56 18.78
CA GLY A 4 -12.81 1.65 19.59
C GLY A 4 -12.29 1.20 20.95
N SER A 5 -13.12 0.57 21.77
CA SER A 5 -12.84 0.04 23.10
C SER A 5 -12.09 0.98 24.06
N SER A 6 -12.01 2.27 23.79
CA SER A 6 -11.33 3.25 24.61
C SER A 6 -12.33 3.88 25.59
N GLY A 7 -11.84 4.72 26.50
CA GLY A 7 -12.66 5.42 27.50
C GLY A 7 -12.14 6.83 27.68
N LYS A 8 -13.01 7.74 28.13
CA LYS A 8 -12.66 9.14 28.38
C LYS A 8 -12.27 9.30 29.85
N TRP A 9 -11.08 9.86 30.07
CA TRP A 9 -10.51 10.12 31.37
C TRP A 9 -9.62 11.37 31.25
N GLY A 10 -8.93 11.74 32.32
CA GLY A 10 -8.04 12.88 32.38
C GLY A 10 -7.01 12.66 33.48
N LEU A 11 -6.15 13.65 33.70
CA LEU A 11 -5.09 13.62 34.72
C LEU A 11 -5.39 14.71 35.76
N ARG A 12 -4.65 14.74 36.86
CA ARG A 12 -4.82 15.73 37.93
C ARG A 12 -3.44 16.23 38.35
N LEU A 13 -3.06 17.40 37.88
CA LEU A 13 -1.79 18.06 38.20
C LEU A 13 -2.01 19.54 37.90
N GLN A 14 -1.32 20.43 38.61
CA GLN A 14 -1.37 21.86 38.47
C GLN A 14 -0.11 22.41 39.14
N GLU A 15 0.40 23.55 38.67
CA GLU A 15 1.59 24.15 39.28
C GLU A 15 1.21 25.04 40.47
N LYS A 16 2.24 25.46 41.21
CA LYS A 16 2.09 26.30 42.40
C LYS A 16 2.67 27.68 42.15
N PRO A 17 2.20 28.70 42.88
CA PRO A 17 2.70 30.07 42.76
C PRO A 17 4.14 30.07 43.34
N ALA A 18 5.14 29.97 42.47
CA ALA A 18 6.55 29.93 42.82
C ALA A 18 7.37 30.72 41.81
N LEU A 19 8.70 30.68 41.94
CA LEU A 19 9.65 31.35 41.06
C LEU A 19 9.52 30.70 39.68
N LEU A 20 8.93 31.41 38.72
CA LEU A 20 8.72 30.93 37.36
C LEU A 20 10.03 30.62 36.65
N PHE A 21 9.96 29.74 35.65
CA PHE A 21 11.12 29.34 34.87
C PHE A 21 11.53 30.51 33.95
N PRO A 22 12.82 30.61 33.57
CA PRO A 22 13.32 31.68 32.71
C PRO A 22 12.93 31.50 31.23
N GLY A 23 12.14 30.48 30.90
CA GLY A 23 11.67 30.18 29.56
C GLY A 23 10.84 28.91 29.63
N MET A 24 10.31 28.47 28.48
CA MET A 24 9.48 27.27 28.35
C MET A 24 9.86 26.59 27.04
N ALA A 25 9.34 25.39 26.81
CA ALA A 25 9.52 24.56 25.65
C ALA A 25 8.20 23.79 25.61
N ALA A 26 7.68 23.50 24.43
CA ALA A 26 6.42 22.80 24.31
C ALA A 26 6.49 21.83 23.13
N SER A 27 5.46 21.00 22.98
CA SER A 27 5.35 20.05 21.89
C SER A 27 4.95 20.81 20.62
N THR A 28 4.81 20.09 19.51
CA THR A 28 4.40 20.62 18.22
C THR A 28 3.50 19.55 17.58
N VAL A 29 2.56 20.01 16.75
CA VAL A 29 1.63 19.14 16.04
C VAL A 29 2.38 18.28 15.02
N GLN A 30 1.69 17.30 14.44
CA GLN A 30 2.24 16.41 13.43
C GLN A 30 1.37 16.48 12.18
N VAL A 31 1.90 15.94 11.09
CA VAL A 31 1.25 15.90 9.79
C VAL A 31 0.90 14.46 9.46
N ALA A 32 0.53 14.16 8.21
CA ALA A 32 0.20 12.81 7.79
C ALA A 32 1.27 12.24 6.85
N GLY A 33 2.10 13.09 6.24
CA GLY A 33 3.13 12.64 5.33
C GLY A 33 2.48 12.05 4.08
N ARG A 34 2.55 10.71 3.95
CA ARG A 34 1.98 9.93 2.87
C ARG A 34 0.50 10.24 2.68
N LYS A 35 0.02 10.07 1.44
CA LYS A 35 -1.36 10.27 0.99
C LYS A 35 -1.51 9.40 -0.26
N ASP A 36 -1.42 8.08 -0.12
CA ASP A 36 -1.54 7.14 -1.25
C ASP A 36 -1.75 5.70 -0.78
N TYR A 37 -2.24 5.53 0.45
CA TYR A 37 -2.47 4.25 1.12
C TYR A 37 -3.25 3.22 0.30
N PRO A 38 -4.54 3.42 0.00
CA PRO A 38 -5.32 2.48 -0.79
C PRO A 38 -4.86 2.53 -2.24
N ALA A 39 -4.00 1.59 -2.65
CA ALA A 39 -3.43 1.42 -3.97
C ALA A 39 -2.95 -0.03 -4.09
N LEU A 40 -2.21 -0.34 -5.16
CA LEU A 40 -1.62 -1.63 -5.43
C LEU A 40 -0.24 -1.52 -4.80
N LEU A 41 -0.01 -2.24 -3.71
CA LEU A 41 1.25 -2.24 -3.00
C LEU A 41 2.23 -3.19 -3.68
N PRO A 42 3.55 -2.98 -3.52
CA PRO A 42 4.57 -3.81 -4.14
C PRO A 42 4.75 -5.18 -3.47
N LEU A 43 5.45 -6.08 -4.16
CA LEU A 43 5.76 -7.44 -3.74
C LEU A 43 7.22 -7.80 -4.01
N ASN A 44 7.70 -8.90 -3.42
CA ASN A 44 9.07 -9.39 -3.59
C ASN A 44 8.98 -10.79 -4.18
N GLU A 45 9.21 -10.94 -5.48
CA GLU A 45 9.15 -12.24 -6.13
C GLU A 45 10.26 -13.22 -5.70
N SER A 46 11.27 -12.73 -4.99
CA SER A 46 12.40 -13.52 -4.51
C SER A 46 12.17 -14.10 -3.11
N GLU A 47 11.00 -13.85 -2.49
CA GLU A 47 10.65 -14.31 -1.15
C GLU A 47 9.31 -15.07 -1.20
N LEU A 48 9.05 -15.74 -2.32
CA LEU A 48 7.84 -16.52 -2.56
C LEU A 48 8.24 -17.99 -2.67
N GLU A 49 7.74 -18.81 -1.74
CA GLU A 49 7.99 -20.24 -1.69
C GLU A 49 6.73 -20.89 -2.26
N GLU A 50 6.73 -21.37 -3.50
CA GLU A 50 5.52 -21.99 -4.05
C GLU A 50 5.47 -23.45 -3.62
N GLN A 51 4.29 -24.06 -3.74
CA GLN A 51 4.06 -25.45 -3.38
C GLN A 51 3.58 -26.13 -4.65
N PHE A 52 4.22 -27.26 -4.98
CA PHE A 52 3.87 -28.02 -6.16
C PHE A 52 2.77 -29.00 -5.77
N VAL A 53 1.84 -29.24 -6.68
CA VAL A 53 0.70 -30.14 -6.50
C VAL A 53 0.66 -31.00 -7.77
N LYS A 54 1.00 -32.29 -7.66
CA LYS A 54 1.01 -33.22 -8.80
C LYS A 54 -0.09 -34.27 -8.71
N GLY A 55 -0.83 -34.33 -7.60
CA GLY A 55 -1.90 -35.27 -7.37
C GLY A 55 -2.49 -35.01 -6.00
N HIS A 56 -3.05 -36.05 -5.37
CA HIS A 56 -3.67 -36.00 -4.04
C HIS A 56 -4.68 -34.85 -3.96
N GLY A 57 -5.58 -34.77 -4.95
CA GLY A 57 -6.61 -33.76 -4.98
C GLY A 57 -7.68 -34.09 -3.95
N PRO A 58 -8.52 -33.13 -3.52
CA PRO A 58 -9.59 -33.31 -2.53
C PRO A 58 -10.82 -33.99 -3.15
N GLY A 59 -10.63 -34.85 -4.15
CA GLY A 59 -11.72 -35.53 -4.84
C GLY A 59 -12.48 -34.55 -5.74
N GLY A 60 -13.58 -34.99 -6.33
CA GLY A 60 -14.40 -34.16 -7.20
C GLY A 60 -15.00 -34.99 -8.31
N GLN A 61 -14.46 -34.88 -9.52
CA GLN A 61 -14.94 -35.62 -10.68
C GLN A 61 -14.42 -37.06 -10.65
N ALA A 62 -15.02 -37.92 -11.49
CA ALA A 62 -14.68 -39.33 -11.61
C ALA A 62 -13.30 -39.59 -12.23
N THR A 63 -12.56 -38.57 -12.68
CA THR A 63 -11.23 -38.74 -13.24
C THR A 63 -10.33 -37.61 -12.75
N ASN A 64 -9.01 -37.83 -12.80
CA ASN A 64 -7.96 -36.93 -12.37
C ASN A 64 -6.92 -36.70 -13.48
N LYS A 65 -7.33 -36.84 -14.75
CA LYS A 65 -6.43 -36.67 -15.90
C LYS A 65 -5.68 -35.33 -15.82
N THR A 66 -6.36 -34.25 -15.44
CA THR A 66 -5.74 -32.96 -15.30
C THR A 66 -5.11 -32.95 -13.89
N SER A 67 -3.85 -32.54 -13.78
CA SER A 67 -3.13 -32.50 -12.51
C SER A 67 -2.26 -31.24 -12.37
N ASN A 68 -2.36 -30.28 -13.29
CA ASN A 68 -1.57 -29.05 -13.21
C ASN A 68 -2.31 -28.07 -12.30
N CYS A 69 -1.80 -27.86 -11.08
CA CYS A 69 -2.33 -26.96 -10.07
C CYS A 69 -1.14 -26.30 -9.40
N VAL A 70 -1.23 -25.01 -9.13
CA VAL A 70 -0.16 -24.25 -8.48
C VAL A 70 -0.77 -23.64 -7.21
N VAL A 71 0.05 -23.43 -6.17
CA VAL A 71 -0.32 -22.85 -4.90
C VAL A 71 0.85 -21.91 -4.61
N LEU A 72 0.57 -20.65 -4.29
CA LEU A 72 1.57 -19.62 -4.03
C LEU A 72 1.26 -18.89 -2.72
N LYS A 73 2.28 -18.50 -1.95
CA LYS A 73 2.12 -17.80 -0.70
C LYS A 73 3.21 -16.77 -0.45
N HIS A 74 2.84 -15.64 0.15
CA HIS A 74 3.75 -14.54 0.49
C HIS A 74 4.34 -14.91 1.83
N VAL A 75 5.65 -15.04 1.96
CA VAL A 75 6.28 -15.39 3.23
C VAL A 75 6.01 -14.33 4.32
N PRO A 76 6.37 -13.04 4.14
CA PRO A 76 6.15 -12.03 5.18
C PRO A 76 4.70 -11.86 5.61
N SER A 77 3.77 -12.00 4.67
CA SER A 77 2.34 -11.82 4.98
C SER A 77 1.62 -13.13 5.33
N GLY A 78 2.22 -14.28 5.03
CA GLY A 78 1.68 -15.61 5.27
C GLY A 78 0.40 -15.91 4.49
N ILE A 79 0.00 -15.01 3.58
CA ILE A 79 -1.19 -15.14 2.75
C ILE A 79 -0.93 -16.26 1.75
N VAL A 80 -1.75 -17.30 1.75
CA VAL A 80 -1.66 -18.47 0.89
C VAL A 80 -2.86 -18.43 -0.07
N VAL A 81 -2.60 -18.56 -1.38
CA VAL A 81 -3.62 -18.54 -2.40
C VAL A 81 -3.27 -19.59 -3.43
N LYS A 82 -4.29 -20.01 -4.16
CA LYS A 82 -4.18 -21.01 -5.20
C LYS A 82 -5.10 -20.53 -6.29
N CYS A 83 -4.65 -20.69 -7.51
CA CYS A 83 -5.37 -20.29 -8.70
C CYS A 83 -5.15 -21.41 -9.72
N HIS A 84 -5.99 -21.42 -10.73
CA HIS A 84 -5.99 -22.35 -11.83
C HIS A 84 -6.65 -21.61 -12.98
N GLN A 85 -6.25 -21.93 -14.21
CA GLN A 85 -6.79 -21.31 -15.40
C GLN A 85 -6.30 -22.03 -16.64
N THR A 86 -5.03 -22.43 -16.66
CA THR A 86 -4.43 -23.08 -17.83
C THR A 86 -3.76 -24.40 -17.47
N ARG A 87 -3.14 -25.04 -18.47
CA ARG A 87 -2.42 -26.30 -18.31
C ARG A 87 -0.90 -26.06 -18.31
N SER A 88 -0.44 -24.81 -18.46
CA SER A 88 0.98 -24.47 -18.46
C SER A 88 1.33 -23.98 -17.07
N VAL A 89 2.21 -24.70 -16.36
CA VAL A 89 2.63 -24.33 -15.00
C VAL A 89 3.20 -22.90 -15.01
N ASP A 90 4.06 -22.58 -15.98
CA ASP A 90 4.70 -21.29 -16.13
C ASP A 90 3.68 -20.14 -16.27
N GLN A 91 2.52 -20.40 -16.88
CA GLN A 91 1.50 -19.37 -17.03
C GLN A 91 0.71 -19.29 -15.73
N ASN A 92 0.34 -20.44 -15.15
CA ASN A 92 -0.40 -20.52 -13.90
C ASN A 92 0.37 -19.81 -12.79
N ARG A 93 1.71 -19.89 -12.79
CA ARG A 93 2.56 -19.23 -11.80
C ARG A 93 2.33 -17.72 -11.88
N LYS A 94 2.42 -17.09 -13.06
CA LYS A 94 2.24 -15.64 -13.12
C LYS A 94 0.83 -15.20 -12.71
N ILE A 95 -0.19 -15.99 -13.08
CA ILE A 95 -1.58 -15.69 -12.77
C ILE A 95 -1.75 -15.69 -11.24
N ALA A 96 -1.16 -16.67 -10.55
CA ALA A 96 -1.24 -16.77 -9.10
C ALA A 96 -0.51 -15.60 -8.43
N ARG A 97 0.61 -15.20 -9.01
CA ARG A 97 1.44 -14.12 -8.51
C ARG A 97 0.66 -12.82 -8.40
N LYS A 98 0.00 -12.40 -9.48
CA LYS A 98 -0.74 -11.15 -9.40
C LYS A 98 -1.89 -11.20 -8.40
N VAL A 99 -2.66 -12.31 -8.32
CA VAL A 99 -3.76 -12.35 -7.36
C VAL A 99 -3.25 -12.28 -5.92
N LEU A 100 -2.07 -12.83 -5.63
CA LEU A 100 -1.51 -12.78 -4.28
C LEU A 100 -1.26 -11.31 -3.88
N GLN A 101 -0.78 -10.50 -4.82
CA GLN A 101 -0.52 -9.08 -4.58
C GLN A 101 -1.79 -8.38 -4.11
N GLU A 102 -2.92 -8.69 -4.74
CA GLU A 102 -4.22 -8.10 -4.42
C GLU A 102 -4.69 -8.38 -2.99
N LYS A 103 -4.12 -9.40 -2.36
CA LYS A 103 -4.42 -9.78 -1.00
C LYS A 103 -3.52 -9.00 -0.04
N VAL A 104 -2.25 -8.82 -0.41
CA VAL A 104 -1.28 -8.07 0.38
C VAL A 104 -1.70 -6.60 0.40
N ASP A 105 -2.32 -6.09 -0.66
CA ASP A 105 -2.81 -4.71 -0.78
C ASP A 105 -3.69 -4.42 0.42
N VAL A 106 -4.73 -5.23 0.59
CA VAL A 106 -5.70 -5.13 1.67
C VAL A 106 -4.98 -5.29 3.00
N PHE A 107 -3.98 -6.18 3.13
CA PHE A 107 -3.27 -6.33 4.39
C PHE A 107 -2.54 -5.02 4.76
N TYR A 108 -1.99 -4.32 3.78
CA TYR A 108 -1.25 -3.08 4.01
C TYR A 108 -2.15 -1.88 4.31
N ASN A 109 -3.36 -1.78 3.74
CA ASN A 109 -4.25 -0.62 3.97
C ASN A 109 -5.49 -0.88 4.84
N SER A 110 -5.77 -2.14 5.13
CA SER A 110 -6.89 -2.62 5.91
C SER A 110 -6.50 -3.89 6.67
N GLY A 111 -5.25 -4.01 7.12
CA GLY A 111 -4.75 -5.18 7.85
C GLY A 111 -5.45 -5.52 9.15
N PRO A 112 -5.05 -6.64 9.79
CA PRO A 112 -5.62 -7.10 11.07
C PRO A 112 -5.38 -6.09 12.19
N SER A 113 -4.44 -5.17 12.00
CA SER A 113 -4.07 -4.10 12.90
C SER A 113 -3.90 -2.91 11.96
N SER A 114 -4.92 -2.07 11.87
CA SER A 114 -4.95 -0.88 11.02
C SER A 114 -5.54 0.31 11.79
N GLY A 115 -5.37 0.34 13.12
CA GLY A 115 -5.85 1.37 14.01
C GLY A 115 -5.30 2.72 13.63
N GLY A 1 -4.83 111.78 22.04
CA GLY A 1 -4.72 110.42 22.59
C GLY A 1 -5.04 109.42 21.49
N SER A 2 -4.79 108.13 21.74
CA SER A 2 -5.06 107.07 20.77
C SER A 2 -6.55 106.99 20.47
N SER A 3 -6.91 106.57 19.26
CA SER A 3 -8.27 106.40 18.78
C SER A 3 -8.17 105.60 17.46
N GLY A 4 -9.31 105.24 16.88
CA GLY A 4 -9.39 104.48 15.63
C GLY A 4 -10.55 103.49 15.67
N SER A 5 -10.82 102.87 14.53
CA SER A 5 -11.87 101.88 14.34
C SER A 5 -11.49 101.01 13.13
N SER A 6 -12.16 99.89 12.91
CA SER A 6 -11.85 99.01 11.78
C SER A 6 -13.11 98.27 11.31
N GLY A 7 -13.23 98.05 10.00
CA GLY A 7 -14.33 97.33 9.40
C GLY A 7 -13.91 95.86 9.27
N LYS A 8 -14.84 94.99 8.89
CA LYS A 8 -14.65 93.56 8.67
C LYS A 8 -15.88 93.04 7.95
N TRP A 9 -15.79 91.84 7.36
CA TRP A 9 -16.86 91.19 6.63
C TRP A 9 -16.91 89.72 7.04
N GLY A 10 -17.85 88.98 6.46
CA GLY A 10 -18.06 87.56 6.70
C GLY A 10 -18.20 86.83 5.36
N LEU A 11 -18.13 85.50 5.40
CA LEU A 11 -18.25 84.62 4.25
C LEU A 11 -19.06 83.39 4.66
N ARG A 12 -19.34 82.50 3.72
CA ARG A 12 -20.11 81.28 3.96
C ARG A 12 -19.15 80.10 3.89
N LEU A 13 -19.33 79.15 4.81
CA LEU A 13 -18.56 77.92 4.94
C LEU A 13 -19.49 76.82 4.45
N GLN A 14 -18.93 75.70 4.04
CA GLN A 14 -19.66 74.57 3.51
C GLN A 14 -18.81 73.30 3.60
N GLU A 15 -19.41 72.15 3.31
CA GLU A 15 -18.81 70.83 3.33
C GLU A 15 -18.65 70.24 1.92
N LYS A 16 -18.31 68.95 1.86
CA LYS A 16 -18.14 68.19 0.62
C LYS A 16 -18.73 66.81 0.81
N PRO A 17 -19.20 66.16 -0.28
CA PRO A 17 -19.77 64.83 -0.21
C PRO A 17 -18.70 63.77 0.07
N ALA A 18 -19.15 62.63 0.60
CA ALA A 18 -18.32 61.48 0.95
C ALA A 18 -18.29 60.50 -0.24
N LEU A 19 -17.79 59.29 -0.01
CA LEU A 19 -17.68 58.20 -0.97
C LEU A 19 -18.09 56.89 -0.29
N LEU A 20 -18.14 55.79 -1.04
CA LEU A 20 -18.51 54.47 -0.55
C LEU A 20 -17.32 53.52 -0.63
N PHE A 21 -17.40 52.41 0.12
CA PHE A 21 -16.36 51.39 0.16
C PHE A 21 -16.40 50.54 -1.11
N PRO A 22 -15.28 49.91 -1.50
CA PRO A 22 -15.21 49.05 -2.68
C PRO A 22 -15.86 47.69 -2.40
N GLY A 23 -15.92 46.85 -3.44
CA GLY A 23 -16.50 45.51 -3.32
C GLY A 23 -15.60 44.60 -2.50
N MET A 24 -16.16 43.48 -2.04
CA MET A 24 -15.44 42.49 -1.24
C MET A 24 -14.48 41.69 -2.13
N ALA A 25 -13.53 41.00 -1.50
CA ALA A 25 -12.52 40.16 -2.14
C ALA A 25 -12.36 38.94 -1.24
N ALA A 26 -13.37 38.10 -1.26
CA ALA A 26 -13.43 36.87 -0.47
C ALA A 26 -12.52 35.79 -1.06
N SER A 27 -12.62 34.58 -0.51
CA SER A 27 -11.86 33.41 -0.94
C SER A 27 -12.23 33.04 -2.38
N THR A 28 -11.51 32.09 -2.97
CA THR A 28 -11.71 31.61 -4.34
C THR A 28 -11.78 30.08 -4.33
N VAL A 29 -12.02 29.49 -5.51
CA VAL A 29 -12.12 28.05 -5.74
C VAL A 29 -10.77 27.42 -5.42
N GLN A 30 -10.74 26.27 -4.73
CA GLN A 30 -9.53 25.56 -4.36
C GLN A 30 -9.64 24.06 -4.68
N VAL A 31 -8.61 23.30 -4.31
CA VAL A 31 -8.49 21.86 -4.51
C VAL A 31 -9.71 21.19 -3.86
N ALA A 32 -10.12 20.02 -4.37
CA ALA A 32 -11.26 19.27 -3.87
C ALA A 32 -10.77 17.96 -3.25
N GLY A 33 -11.71 17.05 -2.99
CA GLY A 33 -11.47 15.75 -2.41
C GLY A 33 -10.60 14.84 -3.28
N ARG A 34 -10.48 13.58 -2.88
CA ARG A 34 -9.67 12.59 -3.59
C ARG A 34 -10.48 11.32 -3.77
N LYS A 35 -9.93 10.41 -4.56
CA LYS A 35 -10.45 9.10 -4.89
C LYS A 35 -9.22 8.21 -5.07
N ASP A 36 -9.45 6.93 -5.33
CA ASP A 36 -8.45 5.91 -5.58
C ASP A 36 -7.25 5.96 -4.63
N TYR A 37 -7.54 5.76 -3.35
CA TYR A 37 -6.52 5.73 -2.30
C TYR A 37 -5.74 4.40 -2.37
N PRO A 38 -6.37 3.22 -2.25
CA PRO A 38 -5.66 1.93 -2.32
C PRO A 38 -5.11 1.66 -3.73
N ALA A 39 -4.02 0.89 -3.79
CA ALA A 39 -3.31 0.49 -5.01
C ALA A 39 -2.59 -0.84 -4.74
N LEU A 40 -2.23 -1.56 -5.80
CA LEU A 40 -1.55 -2.85 -5.69
C LEU A 40 -0.11 -2.66 -5.21
N LEU A 41 0.12 -2.76 -3.91
CA LEU A 41 1.42 -2.62 -3.26
C LEU A 41 2.48 -3.51 -3.93
N PRO A 42 3.76 -3.11 -3.89
CA PRO A 42 4.84 -3.87 -4.51
C PRO A 42 5.08 -5.21 -3.81
N LEU A 43 5.83 -6.09 -4.47
CA LEU A 43 6.15 -7.42 -3.98
C LEU A 43 7.62 -7.82 -4.17
N ASN A 44 8.05 -8.87 -3.47
CA ASN A 44 9.39 -9.41 -3.58
C ASN A 44 9.19 -10.84 -4.01
N GLU A 45 9.37 -11.11 -5.29
CA GLU A 45 9.21 -12.43 -5.89
C GLU A 45 10.15 -13.49 -5.32
N SER A 46 11.18 -13.10 -4.59
CA SER A 46 12.15 -14.01 -3.97
C SER A 46 11.81 -14.23 -2.49
N GLU A 47 10.67 -13.72 -2.02
CA GLU A 47 10.19 -13.85 -0.64
C GLU A 47 8.83 -14.57 -0.61
N LEU A 48 8.57 -15.35 -1.66
CA LEU A 48 7.36 -16.13 -1.85
C LEU A 48 7.75 -17.60 -1.78
N GLU A 49 6.88 -18.46 -1.25
CA GLU A 49 7.14 -19.89 -1.12
C GLU A 49 6.07 -20.55 -2.00
N GLU A 50 6.49 -21.06 -3.16
CA GLU A 50 5.62 -21.71 -4.13
C GLU A 50 5.67 -23.23 -4.08
N GLN A 51 4.60 -23.88 -4.50
CA GLN A 51 4.49 -25.33 -4.54
C GLN A 51 3.65 -25.70 -5.77
N PHE A 52 3.62 -26.99 -6.07
CA PHE A 52 2.92 -27.59 -7.20
C PHE A 52 1.95 -28.59 -6.60
N VAL A 53 0.70 -28.60 -7.05
CA VAL A 53 -0.29 -29.51 -6.48
C VAL A 53 -0.18 -30.83 -7.25
N LYS A 54 -0.15 -31.91 -6.48
CA LYS A 54 -0.04 -33.30 -6.92
C LYS A 54 -1.04 -34.09 -6.09
N GLY A 55 -1.39 -35.30 -6.52
CA GLY A 55 -2.35 -36.10 -5.80
C GLY A 55 -3.72 -35.42 -5.83
N HIS A 56 -4.54 -35.68 -4.81
CA HIS A 56 -5.87 -35.15 -4.64
C HIS A 56 -6.02 -34.70 -3.18
N GLY A 57 -7.09 -33.98 -2.86
CA GLY A 57 -7.36 -33.48 -1.52
C GLY A 57 -8.48 -32.45 -1.57
N PRO A 58 -8.96 -31.98 -0.39
CA PRO A 58 -10.02 -31.00 -0.31
C PRO A 58 -9.56 -29.60 -0.74
N GLY A 59 -10.53 -28.67 -0.78
CA GLY A 59 -10.28 -27.30 -1.17
C GLY A 59 -10.27 -27.14 -2.69
N GLY A 60 -11.03 -27.97 -3.39
CA GLY A 60 -11.21 -28.02 -4.84
C GLY A 60 -12.34 -29.00 -5.12
N GLN A 61 -12.93 -28.95 -6.32
CA GLN A 61 -14.02 -29.86 -6.70
C GLN A 61 -14.03 -30.09 -8.20
N ALA A 62 -14.39 -29.07 -9.01
CA ALA A 62 -14.44 -29.20 -10.47
C ALA A 62 -13.09 -29.62 -11.09
N THR A 63 -11.97 -29.26 -10.46
CA THR A 63 -10.62 -29.57 -10.90
C THR A 63 -10.27 -31.02 -10.55
N ASN A 64 -11.07 -31.98 -11.03
CA ASN A 64 -10.99 -33.44 -10.83
C ASN A 64 -9.61 -34.13 -10.90
N LYS A 65 -8.55 -33.48 -11.42
CA LYS A 65 -7.22 -34.07 -11.51
C LYS A 65 -6.13 -33.30 -10.77
N THR A 66 -6.37 -32.03 -10.40
CA THR A 66 -5.48 -31.10 -9.67
C THR A 66 -4.00 -30.93 -10.11
N SER A 67 -3.49 -31.73 -11.04
CA SER A 67 -2.14 -31.80 -11.60
C SER A 67 -1.50 -30.54 -12.19
N ASN A 68 -2.17 -29.38 -12.21
CA ASN A 68 -1.60 -28.14 -12.75
C ASN A 68 -1.84 -26.95 -11.81
N CYS A 69 -2.59 -27.12 -10.72
CA CYS A 69 -2.84 -26.02 -9.82
C CYS A 69 -1.52 -25.64 -9.12
N VAL A 70 -1.34 -24.34 -8.92
CA VAL A 70 -0.17 -23.77 -8.27
C VAL A 70 -0.69 -23.13 -6.98
N VAL A 71 0.02 -23.35 -5.89
CA VAL A 71 -0.31 -22.81 -4.58
C VAL A 71 0.92 -21.97 -4.25
N LEU A 72 0.69 -20.72 -3.84
CA LEU A 72 1.75 -19.78 -3.52
C LEU A 72 1.40 -18.99 -2.28
N LYS A 73 2.41 -18.54 -1.53
CA LYS A 73 2.20 -17.75 -0.34
C LYS A 73 3.24 -16.65 -0.25
N HIS A 74 2.88 -15.56 0.42
CA HIS A 74 3.73 -14.39 0.65
C HIS A 74 4.31 -14.66 2.04
N VAL A 75 5.63 -14.70 2.21
CA VAL A 75 6.19 -14.98 3.54
C VAL A 75 5.83 -13.87 4.55
N PRO A 76 6.24 -12.61 4.38
CA PRO A 76 5.95 -11.55 5.34
C PRO A 76 4.46 -11.21 5.53
N SER A 77 3.57 -11.61 4.62
CA SER A 77 2.14 -11.35 4.76
C SER A 77 1.39 -12.60 5.20
N GLY A 78 2.03 -13.76 5.14
CA GLY A 78 1.47 -15.06 5.52
C GLY A 78 0.36 -15.60 4.62
N ILE A 79 -0.25 -14.78 3.76
CA ILE A 79 -1.33 -15.14 2.84
C ILE A 79 -0.92 -16.30 1.94
N VAL A 80 -1.78 -17.31 1.82
CA VAL A 80 -1.62 -18.50 0.98
C VAL A 80 -2.84 -18.55 0.08
N VAL A 81 -2.65 -18.89 -1.20
CA VAL A 81 -3.75 -18.97 -2.16
C VAL A 81 -3.43 -20.03 -3.22
N LYS A 82 -4.47 -20.57 -3.87
CA LYS A 82 -4.39 -21.58 -4.93
C LYS A 82 -5.01 -21.01 -6.20
N CYS A 83 -4.32 -21.13 -7.34
CA CYS A 83 -4.84 -20.70 -8.65
C CYS A 83 -4.46 -21.68 -9.75
N HIS A 84 -5.29 -21.69 -10.79
CA HIS A 84 -5.21 -22.49 -12.00
C HIS A 84 -5.96 -21.73 -13.09
N GLN A 85 -5.66 -22.04 -14.35
CA GLN A 85 -6.30 -21.48 -15.53
C GLN A 85 -6.00 -22.40 -16.71
N THR A 86 -4.73 -22.71 -17.00
CA THR A 86 -4.39 -23.57 -18.13
C THR A 86 -3.42 -24.67 -17.71
N ARG A 87 -3.04 -25.53 -18.66
CA ARG A 87 -2.11 -26.62 -18.45
C ARG A 87 -0.69 -26.12 -18.20
N SER A 88 -0.41 -24.85 -18.45
CA SER A 88 0.89 -24.28 -18.29
C SER A 88 1.17 -23.82 -16.87
N VAL A 89 2.14 -24.47 -16.22
CA VAL A 89 2.55 -24.12 -14.87
C VAL A 89 3.13 -22.70 -14.93
N ASP A 90 3.77 -22.34 -16.05
CA ASP A 90 4.36 -21.04 -16.32
C ASP A 90 3.28 -19.95 -16.27
N GLN A 91 2.07 -20.23 -16.76
CA GLN A 91 0.97 -19.27 -16.74
C GLN A 91 0.42 -19.24 -15.33
N ASN A 92 0.08 -20.41 -14.78
CA ASN A 92 -0.48 -20.53 -13.43
C ASN A 92 0.42 -19.81 -12.42
N ARG A 93 1.75 -19.82 -12.64
CA ARG A 93 2.74 -19.15 -11.80
C ARG A 93 2.42 -17.66 -11.79
N LYS A 94 2.45 -16.98 -12.94
CA LYS A 94 2.17 -15.54 -12.97
C LYS A 94 0.76 -15.20 -12.52
N ILE A 95 -0.23 -16.02 -12.85
CA ILE A 95 -1.63 -15.80 -12.44
C ILE A 95 -1.64 -15.75 -10.91
N ALA A 96 -1.07 -16.77 -10.25
CA ALA A 96 -1.02 -16.83 -8.80
C ALA A 96 -0.21 -15.64 -8.27
N ARG A 97 0.99 -15.41 -8.80
CA ARG A 97 1.86 -14.32 -8.37
C ARG A 97 1.16 -12.96 -8.44
N LYS A 98 0.34 -12.68 -9.46
CA LYS A 98 -0.34 -11.40 -9.52
C LYS A 98 -1.49 -11.35 -8.51
N VAL A 99 -2.33 -12.39 -8.40
CA VAL A 99 -3.46 -12.32 -7.47
C VAL A 99 -3.02 -12.20 -6.02
N LEU A 100 -1.87 -12.79 -5.64
CA LEU A 100 -1.37 -12.67 -4.28
C LEU A 100 -1.13 -11.20 -3.96
N GLN A 101 -0.68 -10.40 -4.93
CA GLN A 101 -0.43 -8.97 -4.75
C GLN A 101 -1.74 -8.26 -4.40
N GLU A 102 -2.85 -8.68 -5.00
CA GLU A 102 -4.20 -8.16 -4.79
C GLU A 102 -4.71 -8.49 -3.39
N LYS A 103 -4.09 -9.46 -2.72
CA LYS A 103 -4.43 -9.87 -1.36
C LYS A 103 -3.49 -9.16 -0.38
N VAL A 104 -2.22 -8.97 -0.75
CA VAL A 104 -1.25 -8.29 0.11
C VAL A 104 -1.65 -6.81 0.19
N ASP A 105 -2.24 -6.25 -0.87
CA ASP A 105 -2.73 -4.87 -0.97
C ASP A 105 -3.64 -4.57 0.22
N VAL A 106 -4.75 -5.32 0.34
CA VAL A 106 -5.69 -5.15 1.44
C VAL A 106 -5.04 -5.43 2.80
N PHE A 107 -3.97 -6.24 2.85
CA PHE A 107 -3.25 -6.55 4.09
C PHE A 107 -2.33 -5.38 4.51
N TYR A 108 -2.06 -4.44 3.60
CA TYR A 108 -1.24 -3.26 3.84
C TYR A 108 -2.15 -2.09 4.23
N ASN A 109 -3.29 -1.92 3.56
CA ASN A 109 -4.24 -0.83 3.85
C ASN A 109 -5.27 -1.17 4.94
N SER A 110 -5.39 -2.46 5.25
CA SER A 110 -6.30 -3.00 6.25
C SER A 110 -5.63 -4.22 6.88
N GLY A 111 -6.35 -4.97 7.71
CA GLY A 111 -5.84 -6.15 8.39
C GLY A 111 -6.68 -6.45 9.62
N PRO A 112 -6.33 -7.49 10.42
CA PRO A 112 -7.09 -7.81 11.62
C PRO A 112 -6.87 -6.68 12.65
N SER A 113 -5.62 -6.25 12.79
CA SER A 113 -5.15 -5.19 13.66
C SER A 113 -5.36 -3.84 12.98
N SER A 114 -5.15 -2.75 13.72
CA SER A 114 -5.26 -1.38 13.21
C SER A 114 -4.39 -0.53 14.13
N GLY A 115 -3.54 0.31 13.54
CA GLY A 115 -2.62 1.20 14.23
C GLY A 115 -1.22 0.66 14.11
N GLY A 1 25.79 -0.85 90.40
CA GLY A 1 26.72 -0.86 89.27
C GLY A 1 26.02 -0.25 88.07
N SER A 2 26.77 0.27 87.11
CA SER A 2 26.25 0.90 85.91
C SER A 2 27.14 0.46 84.74
N SER A 3 26.60 0.42 83.52
CA SER A 3 27.32 0.04 82.31
C SER A 3 28.27 1.16 81.88
N GLY A 4 27.79 2.40 81.90
CA GLY A 4 28.53 3.60 81.54
C GLY A 4 27.55 4.74 81.35
N SER A 5 28.05 5.97 81.20
CA SER A 5 27.26 7.19 81.02
C SER A 5 26.19 7.04 79.93
N SER A 6 26.53 6.37 78.83
CA SER A 6 25.72 6.05 77.65
C SER A 6 25.02 7.19 76.88
N GLY A 7 24.68 8.31 77.53
CA GLY A 7 24.01 9.45 76.92
C GLY A 7 24.84 10.05 75.78
N LYS A 8 24.14 10.58 74.76
CA LYS A 8 24.67 11.23 73.56
C LYS A 8 23.62 12.26 73.13
N TRP A 9 24.00 13.25 72.33
CA TRP A 9 23.09 14.28 71.84
C TRP A 9 22.64 13.89 70.42
N GLY A 10 21.56 14.49 69.94
CA GLY A 10 20.98 14.26 68.63
C GLY A 10 21.10 15.53 67.80
N LEU A 11 22.11 15.61 66.94
CA LEU A 11 22.31 16.79 66.09
C LEU A 11 21.15 16.89 65.09
N ARG A 12 20.85 18.10 64.66
CA ARG A 12 19.78 18.33 63.70
C ARG A 12 20.32 17.94 62.32
N LEU A 13 19.63 17.03 61.65
CA LEU A 13 19.94 16.54 60.31
C LEU A 13 18.95 17.23 59.40
N GLN A 14 19.31 17.35 58.13
CA GLN A 14 18.54 17.99 57.08
C GLN A 14 19.18 17.60 55.74
N GLU A 15 18.61 18.06 54.61
CA GLU A 15 19.10 17.77 53.27
C GLU A 15 18.61 18.89 52.34
N LYS A 16 18.98 18.82 51.05
CA LYS A 16 18.59 19.79 50.04
C LYS A 16 17.13 19.56 49.62
N PRO A 17 16.47 20.58 49.04
CA PRO A 17 15.10 20.44 48.59
C PRO A 17 15.05 19.58 47.32
N ALA A 18 13.82 19.19 46.91
CA ALA A 18 13.60 18.39 45.72
C ALA A 18 13.91 19.20 44.45
N LEU A 19 14.01 18.50 43.32
CA LEU A 19 14.29 19.05 41.99
C LEU A 19 13.12 18.73 41.07
N LEU A 20 13.14 19.30 39.87
CA LEU A 20 12.13 19.14 38.82
C LEU A 20 12.84 18.81 37.50
N PHE A 21 12.08 18.60 36.43
CA PHE A 21 12.55 18.28 35.09
C PHE A 21 12.04 19.32 34.09
N PRO A 22 12.73 19.54 32.95
CA PRO A 22 12.30 20.49 31.94
C PRO A 22 11.15 19.94 31.10
N GLY A 23 10.54 20.81 30.29
CA GLY A 23 9.43 20.45 29.41
C GLY A 23 9.97 19.86 28.11
N MET A 24 9.06 19.31 27.29
CA MET A 24 9.37 18.70 26.00
C MET A 24 8.09 18.81 25.17
N ALA A 25 8.20 19.06 23.86
CA ALA A 25 7.07 19.20 22.96
C ALA A 25 7.51 18.81 21.55
N ALA A 26 7.85 17.53 21.36
CA ALA A 26 8.30 17.04 20.07
C ALA A 26 7.18 17.18 19.02
N SER A 27 7.55 17.28 17.74
CA SER A 27 6.59 17.41 16.66
C SER A 27 5.88 16.07 16.47
N THR A 28 4.65 16.11 15.95
CA THR A 28 3.80 14.96 15.67
C THR A 28 4.10 14.37 14.28
N VAL A 29 3.27 13.44 13.79
CA VAL A 29 3.41 12.79 12.49
C VAL A 29 3.07 13.80 11.38
N GLN A 30 3.63 13.60 10.18
CA GLN A 30 3.38 14.46 9.04
C GLN A 30 2.17 13.95 8.24
N VAL A 31 1.86 14.63 7.14
CA VAL A 31 0.78 14.32 6.22
C VAL A 31 1.12 13.00 5.49
N ALA A 32 0.13 12.40 4.84
CA ALA A 32 0.25 11.17 4.06
C ALA A 32 -0.61 11.33 2.80
N GLY A 33 -0.45 10.39 1.88
CA GLY A 33 -1.16 10.38 0.63
C GLY A 33 -0.29 11.06 -0.41
N ARG A 34 0.72 10.33 -0.89
CA ARG A 34 1.68 10.82 -1.88
C ARG A 34 0.93 11.08 -3.17
N LYS A 35 0.58 10.00 -3.86
CA LYS A 35 -0.17 9.89 -5.10
C LYS A 35 -0.33 8.40 -5.31
N ASP A 36 -1.49 8.00 -5.82
CA ASP A 36 -1.88 6.62 -6.12
C ASP A 36 -1.32 5.62 -5.11
N TYR A 37 -1.74 5.80 -3.86
CA TYR A 37 -1.34 4.97 -2.73
C TYR A 37 -1.84 3.52 -2.86
N PRO A 38 -3.16 3.25 -2.88
CA PRO A 38 -3.70 1.89 -3.03
C PRO A 38 -3.35 1.38 -4.42
N ALA A 39 -2.38 0.47 -4.54
CA ALA A 39 -1.97 -0.08 -5.82
C ALA A 39 -1.35 -1.47 -5.60
N LEU A 40 -1.00 -2.13 -6.70
CA LEU A 40 -0.39 -3.45 -6.70
C LEU A 40 1.05 -3.25 -6.22
N LEU A 41 1.26 -3.29 -4.90
CA LEU A 41 2.55 -3.10 -4.25
C LEU A 41 3.64 -3.96 -4.89
N PRO A 42 4.87 -3.46 -5.02
CA PRO A 42 5.97 -4.17 -5.64
C PRO A 42 6.46 -5.33 -4.77
N LEU A 43 6.00 -6.52 -5.10
CA LEU A 43 6.33 -7.77 -4.43
C LEU A 43 7.55 -8.37 -5.10
N ASN A 44 8.53 -8.81 -4.30
CA ASN A 44 9.75 -9.42 -4.81
C ASN A 44 9.44 -10.83 -5.26
N GLU A 45 9.40 -11.08 -6.57
CA GLU A 45 9.08 -12.40 -7.13
C GLU A 45 10.05 -13.52 -6.71
N SER A 46 11.18 -13.18 -6.06
CA SER A 46 12.18 -14.13 -5.58
C SER A 46 12.06 -14.40 -4.07
N GLU A 47 11.31 -13.59 -3.33
CA GLU A 47 11.13 -13.72 -1.88
C GLU A 47 9.91 -14.59 -1.54
N LEU A 48 9.19 -15.03 -2.57
CA LEU A 48 7.97 -15.81 -2.47
C LEU A 48 8.22 -17.31 -2.33
N GLU A 49 7.28 -18.00 -1.67
CA GLU A 49 7.33 -19.43 -1.44
C GLU A 49 6.34 -20.10 -2.41
N GLU A 50 6.90 -20.73 -3.44
CA GLU A 50 6.14 -21.45 -4.45
C GLU A 50 5.88 -22.85 -3.93
N GLN A 51 4.75 -23.43 -4.30
CA GLN A 51 4.38 -24.78 -3.90
C GLN A 51 3.92 -25.53 -5.14
N PHE A 52 4.29 -26.80 -5.19
CA PHE A 52 4.01 -27.71 -6.29
C PHE A 52 3.17 -28.86 -5.76
N VAL A 53 1.97 -29.06 -6.30
CA VAL A 53 1.05 -30.11 -5.88
C VAL A 53 1.41 -31.36 -6.69
N LYS A 54 1.54 -32.50 -6.00
CA LYS A 54 1.88 -33.80 -6.58
C LYS A 54 1.03 -34.88 -5.92
N GLY A 55 0.95 -36.06 -6.51
CA GLY A 55 0.16 -37.17 -6.00
C GLY A 55 -1.28 -36.86 -6.34
N HIS A 56 -1.93 -36.04 -5.50
CA HIS A 56 -3.29 -35.58 -5.60
C HIS A 56 -3.32 -34.15 -5.04
N GLY A 57 -4.43 -33.46 -5.26
CA GLY A 57 -4.67 -32.10 -4.82
C GLY A 57 -6.08 -31.93 -4.25
N PRO A 58 -6.40 -30.72 -3.81
CA PRO A 58 -7.69 -30.37 -3.22
C PRO A 58 -8.81 -30.33 -4.27
N GLY A 59 -10.04 -30.11 -3.81
CA GLY A 59 -11.26 -30.03 -4.59
C GLY A 59 -12.24 -31.12 -4.17
N GLY A 60 -13.33 -31.29 -4.91
CA GLY A 60 -14.37 -32.28 -4.64
C GLY A 60 -14.18 -33.59 -5.40
N GLN A 61 -12.98 -33.84 -5.93
CA GLN A 61 -12.51 -35.00 -6.70
C GLN A 61 -13.31 -35.35 -7.97
N ALA A 62 -14.40 -34.65 -8.28
CA ALA A 62 -15.16 -34.90 -9.50
C ALA A 62 -14.40 -34.34 -10.71
N THR A 63 -13.34 -33.56 -10.46
CA THR A 63 -12.49 -32.93 -11.44
C THR A 63 -11.02 -33.26 -11.15
N ASN A 64 -10.35 -33.86 -12.13
CA ASN A 64 -8.92 -34.23 -12.08
C ASN A 64 -8.19 -33.58 -13.28
N LYS A 65 -8.96 -33.09 -14.26
CA LYS A 65 -8.50 -32.44 -15.48
C LYS A 65 -7.81 -31.10 -15.21
N THR A 66 -7.86 -30.58 -13.98
CA THR A 66 -7.26 -29.31 -13.57
C THR A 66 -6.01 -29.52 -12.69
N SER A 67 -5.44 -30.74 -12.68
CA SER A 67 -4.25 -31.09 -11.89
C SER A 67 -3.03 -30.17 -12.09
N ASN A 68 -2.97 -29.38 -13.17
CA ASN A 68 -1.89 -28.43 -13.44
C ASN A 68 -2.19 -27.19 -12.57
N CYS A 69 -2.16 -27.34 -11.24
CA CYS A 69 -2.46 -26.25 -10.33
C CYS A 69 -1.17 -25.62 -9.83
N VAL A 70 -1.31 -24.48 -9.17
CA VAL A 70 -0.28 -23.69 -8.54
C VAL A 70 -0.89 -23.23 -7.22
N VAL A 71 -0.07 -23.17 -6.18
CA VAL A 71 -0.46 -22.70 -4.86
C VAL A 71 0.73 -21.85 -4.47
N LEU A 72 0.46 -20.59 -4.12
CA LEU A 72 1.48 -19.61 -3.75
C LEU A 72 1.21 -19.13 -2.34
N LYS A 73 2.26 -18.78 -1.60
CA LYS A 73 2.19 -18.31 -0.22
C LYS A 73 3.14 -17.15 -0.02
N HIS A 74 2.66 -16.04 0.55
CA HIS A 74 3.50 -14.90 0.83
C HIS A 74 4.05 -15.14 2.23
N VAL A 75 5.30 -14.74 2.50
CA VAL A 75 5.91 -14.96 3.81
C VAL A 75 5.35 -14.01 4.88
N PRO A 76 5.65 -12.70 4.89
CA PRO A 76 5.18 -11.77 5.92
C PRO A 76 3.67 -11.65 5.98
N SER A 77 3.01 -11.71 4.82
CA SER A 77 1.56 -11.59 4.77
C SER A 77 0.88 -12.90 5.18
N GLY A 78 1.55 -14.05 5.03
CA GLY A 78 1.00 -15.35 5.38
C GLY A 78 -0.20 -15.76 4.49
N ILE A 79 -0.61 -14.94 3.53
CA ILE A 79 -1.71 -15.20 2.63
C ILE A 79 -1.30 -16.36 1.72
N VAL A 80 -2.22 -17.28 1.49
CA VAL A 80 -2.03 -18.45 0.65
C VAL A 80 -3.23 -18.52 -0.29
N VAL A 81 -3.01 -18.86 -1.56
CA VAL A 81 -4.06 -19.00 -2.55
C VAL A 81 -3.62 -20.06 -3.55
N LYS A 82 -4.59 -20.82 -4.09
CA LYS A 82 -4.38 -21.88 -5.07
C LYS A 82 -5.21 -21.56 -6.30
N CYS A 83 -4.61 -21.57 -7.47
CA CYS A 83 -5.28 -21.30 -8.74
C CYS A 83 -4.69 -22.15 -9.86
N HIS A 84 -5.45 -22.27 -10.94
CA HIS A 84 -5.15 -22.98 -12.17
C HIS A 84 -5.97 -22.33 -13.27
N GLN A 85 -5.55 -22.46 -14.53
CA GLN A 85 -6.22 -21.92 -15.69
C GLN A 85 -5.71 -22.75 -16.87
N THR A 86 -4.47 -22.50 -17.29
CA THR A 86 -3.83 -23.19 -18.38
C THR A 86 -3.24 -24.50 -17.88
N ARG A 87 -2.60 -25.25 -18.78
CA ARG A 87 -1.92 -26.51 -18.47
C ARG A 87 -0.43 -26.24 -18.25
N SER A 88 0.02 -24.98 -18.36
CA SER A 88 1.39 -24.56 -18.19
C SER A 88 1.56 -24.07 -16.76
N VAL A 89 2.38 -24.77 -15.97
CA VAL A 89 2.64 -24.39 -14.59
C VAL A 89 3.18 -22.95 -14.54
N ASP A 90 4.09 -22.59 -15.45
CA ASP A 90 4.70 -21.27 -15.51
C ASP A 90 3.66 -20.16 -15.71
N GLN A 91 2.73 -20.34 -16.64
CA GLN A 91 1.67 -19.38 -16.91
C GLN A 91 0.72 -19.32 -15.72
N ASN A 92 0.51 -20.44 -15.02
CA ASN A 92 -0.36 -20.45 -13.86
C ASN A 92 0.32 -19.69 -12.71
N ARG A 93 1.66 -19.68 -12.62
CA ARG A 93 2.39 -18.96 -11.58
C ARG A 93 2.12 -17.46 -11.69
N LYS A 94 2.24 -16.88 -12.89
CA LYS A 94 1.99 -15.44 -13.03
C LYS A 94 0.58 -15.05 -12.59
N ILE A 95 -0.41 -15.88 -12.88
CA ILE A 95 -1.80 -15.63 -12.49
C ILE A 95 -1.86 -15.62 -10.96
N ALA A 96 -1.29 -16.64 -10.30
CA ALA A 96 -1.28 -16.77 -8.84
C ALA A 96 -0.57 -15.57 -8.20
N ARG A 97 0.60 -15.18 -8.71
CA ARG A 97 1.37 -14.04 -8.20
C ARG A 97 0.53 -12.77 -8.32
N LYS A 98 -0.11 -12.56 -9.48
CA LYS A 98 -0.93 -11.39 -9.73
C LYS A 98 -2.08 -11.32 -8.72
N VAL A 99 -2.84 -12.39 -8.54
CA VAL A 99 -3.96 -12.35 -7.60
C VAL A 99 -3.46 -12.20 -6.17
N LEU A 100 -2.29 -12.74 -5.82
CA LEU A 100 -1.74 -12.63 -4.48
C LEU A 100 -1.43 -11.16 -4.16
N GLN A 101 -0.90 -10.42 -5.13
CA GLN A 101 -0.56 -9.01 -5.02
C GLN A 101 -1.76 -8.16 -4.55
N GLU A 102 -2.97 -8.44 -5.04
CA GLU A 102 -4.19 -7.72 -4.67
C GLU A 102 -4.56 -7.95 -3.20
N LYS A 103 -4.31 -9.16 -2.71
CA LYS A 103 -4.62 -9.52 -1.33
C LYS A 103 -3.56 -8.93 -0.40
N VAL A 104 -2.29 -8.99 -0.78
CA VAL A 104 -1.19 -8.46 0.02
C VAL A 104 -1.31 -6.94 0.16
N ASP A 105 -1.85 -6.21 -0.83
CA ASP A 105 -2.03 -4.75 -0.74
C ASP A 105 -2.92 -4.46 0.47
N VAL A 106 -4.12 -5.06 0.48
CA VAL A 106 -5.09 -4.91 1.56
C VAL A 106 -4.49 -5.35 2.91
N PHE A 107 -3.54 -6.28 2.90
CA PHE A 107 -2.89 -6.75 4.13
C PHE A 107 -1.92 -5.72 4.72
N TYR A 108 -1.48 -4.76 3.91
CA TYR A 108 -0.55 -3.70 4.31
C TYR A 108 -1.32 -2.41 4.63
N ASN A 109 -2.21 -1.99 3.73
CA ASN A 109 -2.99 -0.76 3.94
C ASN A 109 -4.06 -0.91 5.03
N SER A 110 -4.40 -2.14 5.40
CA SER A 110 -5.36 -2.56 6.41
C SER A 110 -4.78 -3.79 7.12
N GLY A 111 -5.45 -4.32 8.15
CA GLY A 111 -4.98 -5.49 8.89
C GLY A 111 -5.19 -5.31 10.38
N PRO A 112 -4.34 -4.55 11.08
CA PRO A 112 -4.46 -4.31 12.50
C PRO A 112 -5.71 -3.47 12.76
N SER A 113 -6.19 -3.46 14.01
CA SER A 113 -7.36 -2.69 14.38
C SER A 113 -7.07 -2.00 15.70
N SER A 114 -6.36 -0.89 15.62
CA SER A 114 -6.02 -0.07 16.75
C SER A 114 -7.23 0.85 17.00
N GLY A 115 -7.32 1.45 18.18
CA GLY A 115 -8.40 2.35 18.55
C GLY A 115 -7.89 3.32 19.57
N GLY A 1 -9.08 98.43 12.75
CA GLY A 1 -9.30 97.22 11.93
C GLY A 1 -8.52 97.34 10.64
N SER A 2 -8.80 96.48 9.66
CA SER A 2 -8.15 96.47 8.36
C SER A 2 -9.15 95.81 7.38
N SER A 3 -8.83 95.75 6.10
CA SER A 3 -9.64 95.16 5.05
C SER A 3 -8.70 94.83 3.87
N GLY A 4 -9.19 94.10 2.88
CA GLY A 4 -8.45 93.70 1.69
C GLY A 4 -9.05 92.43 1.10
N SER A 5 -8.62 92.09 -0.11
CA SER A 5 -9.06 90.93 -0.87
C SER A 5 -7.85 90.33 -1.57
N SER A 6 -7.88 89.06 -1.96
CA SER A 6 -6.78 88.40 -2.64
C SER A 6 -7.31 87.23 -3.47
N GLY A 7 -6.53 86.79 -4.46
CA GLY A 7 -6.88 85.67 -5.32
C GLY A 7 -6.48 84.40 -4.58
N LYS A 8 -7.40 83.82 -3.81
CA LYS A 8 -7.16 82.59 -3.03
C LYS A 8 -6.99 81.39 -3.97
N TRP A 9 -5.80 81.23 -4.55
CA TRP A 9 -5.39 80.18 -5.48
C TRP A 9 -5.38 78.79 -4.82
N GLY A 10 -4.95 77.75 -5.54
CA GLY A 10 -4.88 76.38 -5.06
C GLY A 10 -3.84 75.59 -5.85
N LEU A 11 -3.56 74.36 -5.43
CA LEU A 11 -2.59 73.46 -6.06
C LEU A 11 -3.31 72.25 -6.65
N ARG A 12 -2.59 71.43 -7.40
CA ARG A 12 -3.09 70.22 -8.05
C ARG A 12 -2.20 69.10 -7.54
N LEU A 13 -2.80 68.04 -7.00
CA LEU A 13 -2.13 66.87 -6.44
C LEU A 13 -3.00 65.65 -6.79
N GLN A 14 -2.57 64.46 -6.38
CA GLN A 14 -3.25 63.20 -6.62
C GLN A 14 -2.64 62.13 -5.69
N GLU A 15 -3.10 60.90 -5.86
CA GLU A 15 -2.65 59.73 -5.13
C GLU A 15 -1.31 59.23 -5.67
N LYS A 16 -0.89 58.05 -5.19
CA LYS A 16 0.36 57.42 -5.58
C LYS A 16 0.21 56.76 -6.95
N PRO A 17 1.32 56.58 -7.70
CA PRO A 17 1.25 55.94 -9.01
C PRO A 17 0.88 54.46 -8.86
N ALA A 18 0.55 53.83 -9.99
CA ALA A 18 0.18 52.42 -10.04
C ALA A 18 1.33 51.55 -9.54
N LEU A 19 0.99 50.34 -9.08
CA LEU A 19 1.90 49.35 -8.55
C LEU A 19 1.55 47.98 -9.14
N LEU A 20 2.44 47.00 -8.94
CA LEU A 20 2.27 45.64 -9.44
C LEU A 20 1.45 44.81 -8.46
N PHE A 21 0.95 43.67 -8.93
CA PHE A 21 0.15 42.75 -8.13
C PHE A 21 1.01 42.13 -7.02
N PRO A 22 0.41 41.68 -5.91
CA PRO A 22 1.12 41.06 -4.81
C PRO A 22 1.58 39.64 -5.17
N GLY A 23 2.30 39.00 -4.25
CA GLY A 23 2.79 37.65 -4.42
C GLY A 23 1.66 36.62 -4.44
N MET A 24 2.01 35.38 -4.75
CA MET A 24 1.08 34.27 -4.84
C MET A 24 0.38 34.09 -3.49
N ALA A 25 -0.94 33.88 -3.52
CA ALA A 25 -1.79 33.71 -2.35
C ALA A 25 -2.69 32.48 -2.52
N ALA A 26 -2.20 31.49 -3.27
CA ALA A 26 -2.89 30.24 -3.54
C ALA A 26 -3.05 29.43 -2.23
N SER A 27 -3.73 28.30 -2.28
CA SER A 27 -3.93 27.45 -1.11
C SER A 27 -2.75 26.47 -1.01
N THR A 28 -2.69 25.76 0.11
CA THR A 28 -1.66 24.78 0.41
C THR A 28 -2.34 23.59 1.10
N VAL A 29 -1.84 22.38 0.85
CA VAL A 29 -2.34 21.12 1.39
C VAL A 29 -2.12 21.02 2.91
N GLN A 30 -3.15 20.62 3.65
CA GLN A 30 -3.09 20.44 5.09
C GLN A 30 -2.34 19.13 5.38
N VAL A 31 -1.72 19.00 6.55
CA VAL A 31 -1.01 17.80 6.91
C VAL A 31 -2.04 16.69 7.21
N ALA A 32 -1.67 15.45 6.89
CA ALA A 32 -2.48 14.25 7.10
C ALA A 32 -1.58 13.16 7.68
N GLY A 33 -2.17 12.09 8.20
CA GLY A 33 -1.44 10.98 8.80
C GLY A 33 -2.01 9.63 8.36
N ARG A 34 -1.76 9.24 7.11
CA ARG A 34 -2.23 7.98 6.53
C ARG A 34 -1.18 7.46 5.55
N LYS A 35 -1.32 6.21 5.10
CA LYS A 35 -0.47 5.52 4.13
C LYS A 35 -1.33 4.56 3.33
N ASP A 36 -0.69 3.82 2.42
CA ASP A 36 -1.26 2.79 1.55
C ASP A 36 -2.47 3.20 0.72
N TYR A 37 -2.48 4.43 0.21
CA TYR A 37 -3.59 4.95 -0.59
C TYR A 37 -3.82 4.18 -1.90
N PRO A 38 -2.88 4.17 -2.86
CA PRO A 38 -3.06 3.47 -4.11
C PRO A 38 -3.01 1.95 -3.89
N ALA A 39 -3.99 1.26 -4.49
CA ALA A 39 -4.10 -0.19 -4.41
C ALA A 39 -2.93 -0.85 -5.15
N LEU A 40 -2.83 -2.17 -5.04
CA LEU A 40 -1.83 -3.03 -5.65
C LEU A 40 -0.41 -2.56 -5.31
N LEU A 41 0.07 -2.93 -4.12
CA LEU A 41 1.41 -2.55 -3.67
C LEU A 41 2.47 -3.40 -4.41
N PRO A 42 3.71 -2.91 -4.55
CA PRO A 42 4.76 -3.65 -5.25
C PRO A 42 5.19 -4.85 -4.41
N LEU A 43 5.60 -5.94 -5.06
CA LEU A 43 6.04 -7.17 -4.40
C LEU A 43 7.09 -7.84 -5.28
N ASN A 44 8.16 -8.35 -4.65
CA ASN A 44 9.28 -9.02 -5.29
C ASN A 44 9.06 -10.53 -5.39
N GLU A 45 8.88 -11.02 -6.60
CA GLU A 45 8.67 -12.43 -6.94
C GLU A 45 9.89 -13.31 -6.67
N SER A 46 11.11 -12.76 -6.69
CA SER A 46 12.32 -13.53 -6.42
C SER A 46 12.55 -13.76 -4.92
N GLU A 47 11.81 -13.06 -4.07
CA GLU A 47 11.93 -13.14 -2.62
C GLU A 47 10.82 -14.02 -2.03
N LEU A 48 10.05 -14.73 -2.86
CA LEU A 48 8.95 -15.58 -2.42
C LEU A 48 9.33 -17.06 -2.36
N GLU A 49 8.39 -17.86 -1.89
CA GLU A 49 8.45 -19.30 -1.74
C GLU A 49 7.23 -19.86 -2.48
N GLU A 50 7.38 -20.92 -3.27
CA GLU A 50 6.32 -21.55 -4.06
C GLU A 50 6.23 -23.05 -3.77
N GLN A 51 5.13 -23.66 -4.21
CA GLN A 51 4.87 -25.09 -4.06
C GLN A 51 4.27 -25.63 -5.36
N PHE A 52 4.03 -26.93 -5.41
CA PHE A 52 3.46 -27.68 -6.52
C PHE A 52 2.39 -28.60 -5.95
N VAL A 53 1.51 -29.14 -6.79
CA VAL A 53 0.45 -30.05 -6.38
C VAL A 53 0.63 -31.32 -7.19
N LYS A 54 0.90 -32.42 -6.50
CA LYS A 54 1.10 -33.75 -7.09
C LYS A 54 -0.15 -34.62 -6.92
N GLY A 55 -1.27 -34.05 -6.49
CA GLY A 55 -2.52 -34.77 -6.26
C GLY A 55 -2.64 -34.89 -4.75
N HIS A 56 -3.26 -33.89 -4.12
CA HIS A 56 -3.46 -33.80 -2.67
C HIS A 56 -4.95 -33.58 -2.33
N GLY A 57 -5.82 -33.91 -3.28
CA GLY A 57 -7.26 -33.81 -3.24
C GLY A 57 -7.76 -34.21 -4.64
N PRO A 58 -9.08 -34.40 -4.83
CA PRO A 58 -9.62 -34.78 -6.13
C PRO A 58 -9.55 -33.59 -7.10
N GLY A 59 -9.63 -33.90 -8.40
CA GLY A 59 -9.58 -32.88 -9.46
C GLY A 59 -10.97 -32.26 -9.59
N GLY A 60 -11.97 -33.08 -9.95
CA GLY A 60 -13.36 -32.71 -10.12
C GLY A 60 -13.62 -31.88 -11.37
N GLN A 61 -12.98 -30.71 -11.45
CA GLN A 61 -13.02 -29.71 -12.50
C GLN A 61 -12.97 -30.38 -13.88
N ALA A 62 -14.13 -30.46 -14.56
CA ALA A 62 -14.28 -31.08 -15.89
C ALA A 62 -13.61 -32.46 -15.96
N THR A 63 -13.63 -33.23 -14.85
CA THR A 63 -13.04 -34.56 -14.74
C THR A 63 -11.56 -34.56 -15.17
N ASN A 64 -10.83 -33.47 -14.85
CA ASN A 64 -9.43 -33.28 -15.19
C ASN A 64 -8.54 -34.45 -14.75
N LYS A 65 -8.20 -35.31 -15.71
CA LYS A 65 -7.35 -36.49 -15.49
C LYS A 65 -5.92 -36.08 -15.13
N THR A 66 -5.54 -34.81 -15.25
CA THR A 66 -4.23 -34.29 -14.94
C THR A 66 -4.46 -33.18 -13.89
N SER A 67 -3.81 -33.31 -12.74
CA SER A 67 -3.88 -32.38 -11.61
C SER A 67 -3.15 -31.04 -11.84
N ASN A 68 -3.33 -30.39 -12.99
CA ASN A 68 -2.70 -29.11 -13.32
C ASN A 68 -3.26 -28.01 -12.41
N CYS A 69 -2.64 -27.73 -11.26
CA CYS A 69 -3.07 -26.69 -10.33
C CYS A 69 -1.82 -26.17 -9.61
N VAL A 70 -1.87 -24.92 -9.12
CA VAL A 70 -0.75 -24.28 -8.44
C VAL A 70 -1.27 -23.53 -7.21
N VAL A 71 -0.42 -23.37 -6.18
CA VAL A 71 -0.75 -22.67 -4.94
C VAL A 71 0.42 -21.75 -4.62
N LEU A 72 0.12 -20.55 -4.12
CA LEU A 72 1.12 -19.54 -3.78
C LEU A 72 0.93 -19.04 -2.36
N LYS A 73 2.00 -18.55 -1.75
CA LYS A 73 1.99 -18.02 -0.39
C LYS A 73 2.96 -16.84 -0.34
N HIS A 74 2.73 -15.94 0.61
CA HIS A 74 3.55 -14.75 0.85
C HIS A 74 4.02 -14.87 2.31
N VAL A 75 5.31 -14.92 2.57
CA VAL A 75 5.89 -15.02 3.91
C VAL A 75 5.61 -13.75 4.75
N PRO A 76 5.98 -12.53 4.33
CA PRO A 76 5.76 -11.32 5.13
C PRO A 76 4.29 -10.92 5.33
N SER A 77 3.35 -11.51 4.58
CA SER A 77 1.92 -11.20 4.70
C SER A 77 1.17 -12.42 5.24
N GLY A 78 1.78 -13.60 5.19
CA GLY A 78 1.19 -14.86 5.65
C GLY A 78 -0.04 -15.30 4.84
N ILE A 79 -0.34 -14.63 3.72
CA ILE A 79 -1.47 -14.92 2.87
C ILE A 79 -1.10 -16.11 1.98
N VAL A 80 -2.10 -16.95 1.68
CA VAL A 80 -1.98 -18.14 0.84
C VAL A 80 -3.13 -18.05 -0.17
N VAL A 81 -2.91 -18.49 -1.41
CA VAL A 81 -3.96 -18.46 -2.43
C VAL A 81 -3.76 -19.65 -3.37
N LYS A 82 -4.84 -20.09 -4.02
CA LYS A 82 -4.83 -21.22 -4.93
C LYS A 82 -5.60 -20.82 -6.18
N CYS A 83 -5.04 -21.10 -7.36
CA CYS A 83 -5.65 -20.81 -8.65
C CYS A 83 -5.31 -21.88 -9.69
N HIS A 84 -6.12 -21.95 -10.75
CA HIS A 84 -6.02 -22.86 -11.89
C HIS A 84 -6.74 -22.15 -13.05
N GLN A 85 -6.14 -22.14 -14.24
CA GLN A 85 -6.73 -21.53 -15.42
C GLN A 85 -6.19 -22.22 -16.65
N THR A 86 -4.87 -22.31 -16.73
CA THR A 86 -4.15 -22.91 -17.83
C THR A 86 -3.52 -24.23 -17.42
N ARG A 87 -3.00 -24.96 -18.39
CA ARG A 87 -2.32 -26.23 -18.19
C ARG A 87 -0.83 -25.97 -18.04
N SER A 88 -0.33 -24.78 -18.43
CA SER A 88 1.07 -24.43 -18.36
C SER A 88 1.38 -24.03 -16.93
N VAL A 89 2.25 -24.79 -16.25
CA VAL A 89 2.64 -24.46 -14.88
C VAL A 89 3.35 -23.11 -14.91
N ASP A 90 4.14 -22.87 -15.96
CA ASP A 90 4.91 -21.64 -16.18
C ASP A 90 3.95 -20.46 -16.15
N GLN A 91 2.85 -20.55 -16.91
CA GLN A 91 1.85 -19.50 -17.00
C GLN A 91 1.08 -19.37 -15.68
N ASN A 92 0.61 -20.48 -15.11
CA ASN A 92 -0.16 -20.50 -13.86
C ASN A 92 0.59 -19.77 -12.75
N ARG A 93 1.92 -19.89 -12.68
CA ARG A 93 2.71 -19.18 -11.66
C ARG A 93 2.42 -17.69 -11.74
N LYS A 94 2.45 -17.10 -12.94
CA LYS A 94 2.21 -15.66 -13.10
C LYS A 94 0.78 -15.30 -12.70
N ILE A 95 -0.17 -16.18 -13.00
CA ILE A 95 -1.57 -15.95 -12.67
C ILE A 95 -1.71 -15.88 -11.15
N ALA A 96 -1.11 -16.85 -10.43
CA ALA A 96 -1.15 -16.90 -8.98
C ALA A 96 -0.47 -15.66 -8.39
N ARG A 97 0.69 -15.27 -8.93
CA ARG A 97 1.43 -14.08 -8.49
C ARG A 97 0.55 -12.84 -8.60
N LYS A 98 -0.18 -12.69 -9.71
CA LYS A 98 -1.07 -11.57 -9.94
C LYS A 98 -2.11 -11.49 -8.83
N VAL A 99 -2.88 -12.55 -8.59
CA VAL A 99 -3.92 -12.54 -7.56
C VAL A 99 -3.37 -12.43 -6.13
N LEU A 100 -2.13 -12.84 -5.88
CA LEU A 100 -1.57 -12.75 -4.53
C LEU A 100 -1.32 -11.28 -4.15
N GLN A 101 -0.85 -10.47 -5.11
CA GLN A 101 -0.54 -9.05 -4.91
C GLN A 101 -1.70 -8.22 -4.36
N GLU A 102 -2.89 -8.37 -4.94
CA GLU A 102 -4.09 -7.65 -4.50
C GLU A 102 -4.48 -8.00 -3.07
N LYS A 103 -4.16 -9.22 -2.62
CA LYS A 103 -4.47 -9.64 -1.26
C LYS A 103 -3.48 -9.03 -0.27
N VAL A 104 -2.21 -8.90 -0.68
CA VAL A 104 -1.17 -8.31 0.16
C VAL A 104 -1.50 -6.81 0.34
N ASP A 105 -2.08 -6.13 -0.64
CA ASP A 105 -2.45 -4.72 -0.50
C ASP A 105 -3.37 -4.56 0.71
N VAL A 106 -4.38 -5.43 0.82
CA VAL A 106 -5.37 -5.42 1.91
C VAL A 106 -4.73 -5.81 3.25
N PHE A 107 -3.54 -6.38 3.26
CA PHE A 107 -2.82 -6.75 4.49
C PHE A 107 -2.09 -5.51 5.04
N TYR A 108 -1.83 -4.53 4.18
CA TYR A 108 -1.15 -3.28 4.52
C TYR A 108 -2.19 -2.18 4.77
N ASN A 109 -3.12 -1.95 3.83
CA ASN A 109 -4.16 -0.93 3.99
C ASN A 109 -5.22 -1.32 5.02
N SER A 110 -5.29 -2.61 5.38
CA SER A 110 -6.21 -3.19 6.34
C SER A 110 -5.44 -4.29 7.09
N GLY A 111 -6.09 -5.28 7.68
CA GLY A 111 -5.45 -6.37 8.41
C GLY A 111 -6.09 -6.55 9.78
N PRO A 112 -5.83 -7.66 10.49
CA PRO A 112 -6.41 -7.91 11.81
C PRO A 112 -5.99 -6.83 12.83
N SER A 113 -4.79 -6.28 12.67
CA SER A 113 -4.27 -5.23 13.54
C SER A 113 -5.06 -3.94 13.35
N SER A 114 -5.61 -3.69 12.15
CA SER A 114 -6.36 -2.50 11.80
C SER A 114 -7.87 -2.67 11.97
N GLY A 115 -8.41 -3.87 11.73
CA GLY A 115 -9.82 -4.16 11.83
C GLY A 115 -10.43 -4.11 10.45
N GLY A 1 84.68 49.04 22.75
CA GLY A 1 83.57 48.80 21.82
C GLY A 1 82.36 49.57 22.31
N SER A 2 81.40 49.83 21.43
CA SER A 2 80.17 50.57 21.73
C SER A 2 79.01 49.86 21.04
N SER A 3 77.76 50.23 21.36
CA SER A 3 76.57 49.66 20.78
C SER A 3 75.42 50.67 20.97
N GLY A 4 74.27 50.39 20.36
CA GLY A 4 73.06 51.19 20.39
C GLY A 4 72.16 50.71 19.25
N SER A 5 70.90 51.12 19.22
CA SER A 5 69.97 50.72 18.15
C SER A 5 68.81 51.70 18.07
N SER A 6 68.04 51.65 16.99
CA SER A 6 66.89 52.50 16.74
C SER A 6 65.65 51.67 17.12
N GLY A 7 65.54 51.31 18.40
CA GLY A 7 64.47 50.52 18.99
C GLY A 7 63.13 51.25 19.01
N LYS A 8 62.53 51.42 17.84
CA LYS A 8 61.24 52.08 17.67
C LYS A 8 60.15 51.05 17.91
N TRP A 9 59.07 51.46 18.56
CA TRP A 9 57.90 50.65 18.88
C TRP A 9 56.70 51.60 18.91
N GLY A 10 55.49 51.08 19.14
CA GLY A 10 54.28 51.87 19.21
C GLY A 10 53.09 50.95 19.46
N LEU A 11 51.93 51.55 19.73
CA LEU A 11 50.70 50.81 19.98
C LEU A 11 50.06 50.47 18.62
N ARG A 12 49.15 49.49 18.61
CA ARG A 12 48.43 49.06 17.42
C ARG A 12 46.99 49.47 17.68
N LEU A 13 46.37 50.13 16.71
CA LEU A 13 45.00 50.61 16.76
C LEU A 13 44.19 49.62 15.93
N GLN A 14 42.91 49.49 16.27
CA GLN A 14 41.91 48.62 15.68
C GLN A 14 40.58 49.07 16.29
N GLU A 15 39.49 48.33 16.08
CA GLU A 15 38.18 48.68 16.65
C GLU A 15 37.46 47.38 17.03
N LYS A 16 36.50 47.52 17.94
CA LYS A 16 35.65 46.50 18.51
C LYS A 16 34.76 45.85 17.44
N PRO A 17 34.36 44.58 17.63
CA PRO A 17 33.50 43.90 16.67
C PRO A 17 32.06 44.40 16.84
N ALA A 18 31.30 44.46 15.74
CA ALA A 18 29.91 44.90 15.76
C ALA A 18 29.04 43.75 16.27
N LEU A 19 28.21 44.02 17.28
CA LEU A 19 27.29 43.03 17.84
C LEU A 19 26.00 42.98 17.01
N LEU A 20 25.15 41.99 17.29
CA LEU A 20 23.87 41.76 16.63
C LEU A 20 22.76 41.65 17.67
N PHE A 21 21.52 41.50 17.21
CA PHE A 21 20.32 41.38 18.02
C PHE A 21 19.55 40.11 17.60
N PRO A 22 18.70 39.53 18.47
CA PRO A 22 17.93 38.33 18.14
C PRO A 22 16.78 38.62 17.18
N GLY A 23 16.16 37.56 16.65
CA GLY A 23 15.04 37.64 15.72
C GLY A 23 13.85 36.87 16.29
N MET A 24 13.78 35.56 16.02
CA MET A 24 12.72 34.67 16.48
C MET A 24 13.33 33.30 16.72
N ALA A 25 12.67 32.43 17.51
CA ALA A 25 13.14 31.09 17.83
C ALA A 25 11.94 30.15 18.01
N ALA A 26 11.15 29.98 16.93
CA ALA A 26 9.99 29.10 16.95
C ALA A 26 10.47 27.65 16.90
N SER A 27 9.71 26.73 17.47
CA SER A 27 10.04 25.31 17.47
C SER A 27 9.70 24.67 16.12
N THR A 28 9.94 23.36 16.03
CA THR A 28 9.68 22.52 14.86
C THR A 28 8.56 21.54 15.27
N VAL A 29 7.83 21.02 14.29
CA VAL A 29 6.74 20.07 14.48
C VAL A 29 7.13 18.76 13.77
N GLN A 30 6.51 17.64 14.14
CA GLN A 30 6.79 16.34 13.55
C GLN A 30 5.65 16.02 12.59
N VAL A 31 5.98 15.45 11.43
CA VAL A 31 5.03 15.12 10.39
C VAL A 31 4.30 13.83 10.73
N ALA A 32 3.04 13.76 10.33
CA ALA A 32 2.08 12.68 10.46
C ALA A 32 0.89 13.04 9.56
N GLY A 33 -0.03 12.12 9.36
CA GLY A 33 -1.21 12.30 8.53
C GLY A 33 -1.64 10.94 8.02
N ARG A 34 -2.27 10.91 6.85
CA ARG A 34 -2.73 9.67 6.22
C ARG A 34 -1.55 8.78 5.87
N LYS A 35 -1.83 7.60 5.33
CA LYS A 35 -0.85 6.62 4.89
C LYS A 35 -1.47 5.89 3.71
N ASP A 36 -0.70 4.96 3.13
CA ASP A 36 -1.06 4.09 2.01
C ASP A 36 -1.89 4.82 0.92
N TYR A 37 -1.34 5.93 0.41
CA TYR A 37 -1.98 6.75 -0.61
C TYR A 37 -2.15 6.01 -1.94
N PRO A 38 -1.07 5.54 -2.59
CA PRO A 38 -1.17 4.79 -3.85
C PRO A 38 -1.82 3.43 -3.56
N ALA A 39 -1.93 2.56 -4.56
CA ALA A 39 -2.49 1.23 -4.40
C ALA A 39 -1.60 0.20 -5.10
N LEU A 40 -1.92 -1.07 -4.88
CA LEU A 40 -1.26 -2.25 -5.39
C LEU A 40 0.26 -2.19 -5.18
N LEU A 41 0.66 -2.25 -3.91
CA LEU A 41 2.06 -2.19 -3.47
C LEU A 41 2.94 -3.18 -4.27
N PRO A 42 4.23 -2.84 -4.52
CA PRO A 42 5.15 -3.70 -5.25
C PRO A 42 5.51 -4.92 -4.39
N LEU A 43 5.82 -6.06 -5.00
CA LEU A 43 6.17 -7.28 -4.27
C LEU A 43 7.56 -7.82 -4.69
N ASN A 44 8.25 -8.48 -3.76
CA ASN A 44 9.60 -9.04 -3.94
C ASN A 44 9.56 -10.50 -4.37
N GLU A 45 9.88 -10.81 -5.63
CA GLU A 45 9.86 -12.21 -6.08
C GLU A 45 10.97 -13.07 -5.47
N SER A 46 12.03 -12.44 -4.95
CA SER A 46 13.18 -13.09 -4.34
C SER A 46 12.96 -13.34 -2.85
N GLU A 47 11.74 -13.16 -2.34
CA GLU A 47 11.37 -13.36 -0.94
C GLU A 47 10.16 -14.28 -0.81
N LEU A 48 9.57 -14.73 -1.92
CA LEU A 48 8.42 -15.61 -1.90
C LEU A 48 8.89 -17.02 -2.22
N GLU A 49 8.10 -18.00 -1.87
CA GLU A 49 8.33 -19.42 -2.06
C GLU A 49 7.47 -19.89 -3.23
N GLU A 50 7.84 -20.98 -3.88
CA GLU A 50 7.10 -21.55 -5.01
C GLU A 50 6.65 -22.96 -4.65
N GLN A 51 5.41 -23.31 -4.95
CA GLN A 51 4.86 -24.62 -4.65
C GLN A 51 3.77 -25.01 -5.64
N PHE A 52 3.56 -26.30 -5.76
CA PHE A 52 2.63 -26.96 -6.64
C PHE A 52 1.88 -28.07 -5.90
N VAL A 53 0.78 -28.54 -6.47
CA VAL A 53 -0.05 -29.61 -5.91
C VAL A 53 -0.22 -30.55 -7.11
N LYS A 54 0.48 -31.67 -7.03
CA LYS A 54 0.48 -32.71 -8.05
C LYS A 54 -0.67 -33.69 -7.90
N GLY A 55 -1.25 -33.81 -6.70
CA GLY A 55 -2.37 -34.70 -6.43
C GLY A 55 -2.93 -34.42 -5.04
N HIS A 56 -4.07 -35.04 -4.72
CA HIS A 56 -4.73 -34.87 -3.42
C HIS A 56 -4.29 -35.96 -2.43
N GLY A 57 -4.06 -37.18 -2.93
CA GLY A 57 -3.66 -38.34 -2.14
C GLY A 57 -4.10 -39.60 -2.89
N PRO A 58 -3.96 -40.78 -2.26
CA PRO A 58 -4.37 -42.05 -2.85
C PRO A 58 -5.90 -42.17 -2.84
N GLY A 59 -6.42 -43.26 -3.40
CA GLY A 59 -7.84 -43.58 -3.48
C GLY A 59 -8.07 -44.96 -2.87
N GLY A 60 -9.33 -45.38 -2.73
CA GLY A 60 -9.69 -46.67 -2.16
C GLY A 60 -9.23 -47.91 -2.95
N GLN A 61 -8.61 -47.72 -4.11
CA GLN A 61 -8.09 -48.77 -4.98
C GLN A 61 -7.02 -48.10 -5.84
N ALA A 62 -7.44 -47.24 -6.76
CA ALA A 62 -6.60 -46.48 -7.68
C ALA A 62 -7.41 -45.24 -8.09
N THR A 63 -6.76 -44.24 -8.67
CA THR A 63 -7.38 -43.01 -9.13
C THR A 63 -6.42 -42.42 -10.17
N ASN A 64 -6.95 -41.83 -11.26
CA ASN A 64 -6.15 -41.23 -12.32
C ASN A 64 -6.78 -39.88 -12.63
N LYS A 65 -6.30 -38.81 -12.00
CA LYS A 65 -6.82 -37.46 -12.21
C LYS A 65 -5.70 -36.47 -11.92
N THR A 66 -4.80 -36.27 -12.88
CA THR A 66 -3.68 -35.35 -12.76
C THR A 66 -4.17 -33.90 -12.87
N SER A 67 -3.31 -32.93 -12.56
CA SER A 67 -3.61 -31.51 -12.62
C SER A 67 -2.29 -30.73 -12.66
N ASN A 68 -2.34 -29.42 -12.90
CA ASN A 68 -1.20 -28.50 -12.95
C ASN A 68 -1.40 -27.40 -11.90
N CYS A 69 -2.07 -27.74 -10.79
CA CYS A 69 -2.38 -26.84 -9.69
C CYS A 69 -1.13 -26.20 -9.10
N VAL A 70 -1.17 -24.88 -8.93
CA VAL A 70 -0.11 -24.08 -8.36
C VAL A 70 -0.71 -23.35 -7.18
N VAL A 71 0.02 -23.31 -6.07
CA VAL A 71 -0.43 -22.64 -4.87
C VAL A 71 0.65 -21.61 -4.52
N LEU A 72 0.29 -20.55 -3.84
CA LEU A 72 1.25 -19.51 -3.46
C LEU A 72 0.88 -19.06 -2.08
N LYS A 73 1.89 -18.76 -1.27
CA LYS A 73 1.77 -18.32 0.10
C LYS A 73 2.75 -17.18 0.29
N HIS A 74 2.34 -16.07 0.91
CA HIS A 74 3.22 -14.92 1.15
C HIS A 74 3.98 -15.18 2.46
N VAL A 75 5.26 -14.86 2.57
CA VAL A 75 6.00 -15.09 3.82
C VAL A 75 5.56 -14.10 4.92
N PRO A 76 5.74 -12.77 4.78
CA PRO A 76 5.39 -11.78 5.81
C PRO A 76 3.89 -11.58 6.06
N SER A 77 3.01 -12.14 5.23
CA SER A 77 1.57 -11.99 5.38
C SER A 77 0.86 -13.32 5.56
N GLY A 78 1.53 -14.45 5.30
CA GLY A 78 0.99 -15.79 5.41
C GLY A 78 -0.13 -16.15 4.44
N ILE A 79 -0.73 -15.17 3.76
CA ILE A 79 -1.84 -15.28 2.80
C ILE A 79 -1.56 -16.37 1.79
N VAL A 80 -2.45 -17.36 1.66
CA VAL A 80 -2.34 -18.48 0.73
C VAL A 80 -3.46 -18.40 -0.33
N VAL A 81 -3.15 -18.75 -1.57
CA VAL A 81 -4.07 -18.78 -2.71
C VAL A 81 -3.79 -20.04 -3.53
N LYS A 82 -4.82 -20.57 -4.19
CA LYS A 82 -4.76 -21.78 -5.01
C LYS A 82 -5.22 -21.43 -6.42
N CYS A 83 -4.37 -21.51 -7.43
CA CYS A 83 -4.71 -21.17 -8.82
C CYS A 83 -4.43 -22.32 -9.77
N HIS A 84 -5.38 -22.57 -10.67
CA HIS A 84 -5.32 -23.59 -11.71
C HIS A 84 -6.27 -23.12 -12.81
N GLN A 85 -5.75 -22.76 -13.98
CA GLN A 85 -6.54 -22.33 -15.09
C GLN A 85 -5.82 -22.77 -16.36
N THR A 86 -4.67 -22.17 -16.64
CA THR A 86 -3.88 -22.49 -17.81
C THR A 86 -3.27 -23.88 -17.65
N ARG A 87 -3.11 -24.59 -18.77
CA ARG A 87 -2.49 -25.92 -18.79
C ARG A 87 -1.00 -25.78 -18.45
N SER A 88 -0.45 -24.61 -18.75
CA SER A 88 0.93 -24.24 -18.54
C SER A 88 1.19 -23.87 -17.10
N VAL A 89 2.03 -24.64 -16.40
CA VAL A 89 2.38 -24.34 -15.02
C VAL A 89 3.09 -22.98 -15.00
N ASP A 90 3.85 -22.64 -16.06
CA ASP A 90 4.56 -21.35 -16.16
C ASP A 90 3.58 -20.18 -16.04
N GLN A 91 2.39 -20.34 -16.60
CA GLN A 91 1.34 -19.35 -16.59
C GLN A 91 0.62 -19.35 -15.26
N ASN A 92 0.23 -20.54 -14.74
CA ASN A 92 -0.47 -20.63 -13.44
C ASN A 92 0.35 -19.93 -12.36
N ARG A 93 1.69 -20.00 -12.43
CA ARG A 93 2.60 -19.33 -11.49
C ARG A 93 2.31 -17.83 -11.47
N LYS A 94 2.35 -17.18 -12.65
CA LYS A 94 2.09 -15.74 -12.77
C LYS A 94 0.71 -15.40 -12.26
N ILE A 95 -0.27 -16.24 -12.57
CA ILE A 95 -1.64 -16.01 -12.14
C ILE A 95 -1.68 -15.95 -10.61
N ALA A 96 -1.08 -16.95 -9.94
CA ALA A 96 -1.05 -17.01 -8.49
C ALA A 96 -0.32 -15.78 -7.91
N ARG A 97 0.80 -15.40 -8.51
CA ARG A 97 1.58 -14.24 -8.05
C ARG A 97 0.77 -12.94 -8.18
N LYS A 98 0.17 -12.71 -9.35
CA LYS A 98 -0.61 -11.51 -9.61
C LYS A 98 -1.83 -11.41 -8.70
N VAL A 99 -2.59 -12.49 -8.49
CA VAL A 99 -3.75 -12.40 -7.60
C VAL A 99 -3.27 -12.10 -6.18
N LEU A 100 -2.13 -12.69 -5.77
CA LEU A 100 -1.60 -12.46 -4.43
C LEU A 100 -1.28 -10.99 -4.22
N GLN A 101 -0.74 -10.28 -5.23
CA GLN A 101 -0.43 -8.87 -5.09
C GLN A 101 -1.66 -8.03 -4.73
N GLU A 102 -2.89 -8.47 -5.04
CA GLU A 102 -4.11 -7.74 -4.69
C GLU A 102 -4.45 -7.97 -3.21
N LYS A 103 -3.99 -9.08 -2.64
CA LYS A 103 -4.21 -9.47 -1.25
C LYS A 103 -3.21 -8.79 -0.33
N VAL A 104 -1.94 -8.77 -0.72
CA VAL A 104 -0.89 -8.14 0.08
C VAL A 104 -1.25 -6.67 0.27
N ASP A 105 -1.74 -5.99 -0.78
CA ASP A 105 -2.12 -4.60 -0.70
C ASP A 105 -3.14 -4.33 0.41
N VAL A 106 -4.35 -4.89 0.31
CA VAL A 106 -5.42 -4.73 1.29
C VAL A 106 -4.96 -5.16 2.68
N PHE A 107 -4.08 -6.15 2.79
CA PHE A 107 -3.57 -6.62 4.06
C PHE A 107 -2.70 -5.53 4.70
N TYR A 108 -1.85 -4.88 3.92
CA TYR A 108 -0.98 -3.80 4.39
C TYR A 108 -1.83 -2.59 4.77
N ASN A 109 -2.98 -2.40 4.12
CA ASN A 109 -3.90 -1.30 4.40
C ASN A 109 -4.74 -1.57 5.64
N SER A 110 -5.13 -2.83 5.87
CA SER A 110 -5.99 -3.24 6.96
C SER A 110 -5.36 -4.37 7.78
N GLY A 111 -4.74 -4.04 8.90
CA GLY A 111 -4.11 -5.03 9.77
C GLY A 111 -3.78 -4.53 11.17
N PRO A 112 -4.73 -4.06 12.00
CA PRO A 112 -4.42 -3.61 13.35
C PRO A 112 -4.10 -4.81 14.25
N SER A 113 -4.64 -6.00 13.96
CA SER A 113 -4.37 -7.21 14.73
C SER A 113 -3.13 -7.93 14.16
N SER A 114 -2.56 -7.44 13.06
CA SER A 114 -1.39 -8.00 12.40
C SER A 114 -0.16 -7.16 12.73
N GLY A 115 0.98 -7.66 12.27
CA GLY A 115 2.30 -7.11 12.43
C GLY A 115 3.20 -8.19 11.90
N GLY A 1 -99.85 47.95 13.80
CA GLY A 1 -98.98 47.12 12.96
C GLY A 1 -97.64 46.97 13.65
N SER A 2 -96.83 45.99 13.22
CA SER A 2 -95.51 45.71 13.78
C SER A 2 -94.53 45.44 12.62
N SER A 3 -93.25 45.30 12.92
CA SER A 3 -92.18 45.02 11.97
C SER A 3 -91.05 44.32 12.74
N GLY A 4 -89.97 43.95 12.06
CA GLY A 4 -88.80 43.28 12.65
C GLY A 4 -87.94 44.24 13.46
N SER A 5 -88.50 44.80 14.54
CA SER A 5 -87.85 45.72 15.44
C SER A 5 -86.69 44.98 16.12
N SER A 6 -85.46 45.33 15.76
CA SER A 6 -84.25 44.73 16.30
C SER A 6 -83.10 45.73 16.14
N GLY A 7 -81.91 45.33 16.60
CA GLY A 7 -80.70 46.13 16.56
C GLY A 7 -79.79 45.68 17.68
N LYS A 8 -78.64 45.09 17.34
CA LYS A 8 -77.65 44.60 18.29
C LYS A 8 -76.31 44.74 17.59
N TRP A 9 -75.27 45.16 18.32
CA TRP A 9 -73.92 45.36 17.82
C TRP A 9 -72.94 45.07 18.95
N GLY A 10 -71.66 44.92 18.61
CA GLY A 10 -70.57 44.66 19.53
C GLY A 10 -69.46 43.91 18.79
N LEU A 11 -68.22 44.04 19.26
CA LEU A 11 -67.02 43.41 18.71
C LEU A 11 -66.06 43.17 19.86
N ARG A 12 -65.19 42.17 19.70
CA ARG A 12 -64.17 41.80 20.69
C ARG A 12 -63.15 40.98 19.95
N LEU A 13 -61.91 41.45 19.87
CA LEU A 13 -60.80 40.76 19.21
C LEU A 13 -59.88 40.26 20.30
N GLN A 14 -58.95 39.33 20.01
CA GLN A 14 -58.07 38.79 21.05
C GLN A 14 -56.78 38.18 20.50
N GLU A 15 -55.92 39.02 19.93
CA GLU A 15 -54.69 38.56 19.36
C GLU A 15 -53.58 38.48 20.42
N LYS A 16 -52.40 38.02 20.03
CA LYS A 16 -51.25 37.85 20.90
C LYS A 16 -49.97 38.25 20.16
N PRO A 17 -48.89 38.59 20.89
CA PRO A 17 -47.63 38.95 20.28
C PRO A 17 -47.02 37.68 19.69
N ALA A 18 -46.36 37.81 18.53
CA ALA A 18 -45.71 36.68 17.88
C ALA A 18 -44.42 36.34 18.63
N LEU A 19 -43.99 35.08 18.53
CA LEU A 19 -42.79 34.55 19.15
C LEU A 19 -42.36 33.34 18.33
N LEU A 20 -41.07 33.04 18.31
CA LEU A 20 -40.45 31.94 17.62
C LEU A 20 -39.33 31.38 18.50
N PHE A 21 -38.66 30.32 18.04
CA PHE A 21 -37.56 29.67 18.73
C PHE A 21 -36.37 29.64 17.75
N PRO A 22 -35.12 29.62 18.25
CA PRO A 22 -33.96 29.57 17.38
C PRO A 22 -33.81 28.16 16.78
N GLY A 23 -33.03 28.06 15.70
CA GLY A 23 -32.75 26.82 15.00
C GLY A 23 -31.23 26.70 14.87
N MET A 24 -30.74 25.51 14.52
CA MET A 24 -29.31 25.27 14.37
C MET A 24 -29.11 24.28 13.23
N ALA A 25 -28.20 24.62 12.31
CA ALA A 25 -27.81 23.85 11.15
C ALA A 25 -26.35 24.22 10.87
N ALA A 26 -25.50 23.98 11.87
CA ALA A 26 -24.07 24.25 11.81
C ALA A 26 -23.35 23.07 11.15
N SER A 27 -22.04 23.19 10.99
CA SER A 27 -21.26 22.11 10.40
C SER A 27 -21.42 20.88 11.28
N THR A 28 -21.52 19.72 10.66
CA THR A 28 -21.69 18.46 11.35
C THR A 28 -20.82 17.45 10.62
N VAL A 29 -20.06 16.65 11.35
CA VAL A 29 -19.17 15.65 10.79
C VAL A 29 -19.31 14.35 11.57
N GLN A 30 -18.94 13.24 10.95
CA GLN A 30 -18.99 11.90 11.53
C GLN A 30 -17.80 11.09 11.03
N VAL A 31 -17.65 9.89 11.59
CA VAL A 31 -16.62 8.93 11.28
C VAL A 31 -16.94 8.32 9.91
N ALA A 32 -15.98 7.60 9.30
CA ALA A 32 -16.13 6.95 8.01
C ALA A 32 -15.50 5.55 8.05
N GLY A 33 -15.64 4.79 6.97
CA GLY A 33 -15.11 3.44 6.83
C GLY A 33 -14.37 3.30 5.52
N ARG A 34 -13.05 3.55 5.51
CA ARG A 34 -12.23 3.43 4.31
C ARG A 34 -10.87 2.83 4.67
N LYS A 35 -10.32 2.06 3.75
CA LYS A 35 -9.01 1.38 3.84
C LYS A 35 -8.44 1.24 2.43
N ASP A 36 -8.87 2.08 1.49
CA ASP A 36 -8.47 2.02 0.09
C ASP A 36 -7.80 3.30 -0.42
N TYR A 37 -7.03 3.96 0.44
CA TYR A 37 -6.29 5.17 0.08
C TYR A 37 -5.17 4.76 -0.90
N PRO A 38 -4.21 3.88 -0.51
CA PRO A 38 -3.13 3.40 -1.38
C PRO A 38 -3.67 2.46 -2.47
N ALA A 39 -2.78 1.99 -3.35
CA ALA A 39 -3.10 1.09 -4.43
C ALA A 39 -1.95 0.11 -4.67
N LEU A 40 -2.34 -1.11 -5.03
CA LEU A 40 -1.57 -2.31 -5.34
C LEU A 40 -0.09 -2.20 -5.00
N LEU A 41 0.18 -2.36 -3.70
CA LEU A 41 1.53 -2.32 -3.13
C LEU A 41 2.42 -3.35 -3.84
N PRO A 42 3.74 -3.14 -3.87
CA PRO A 42 4.64 -4.07 -4.51
C PRO A 42 4.72 -5.41 -3.77
N LEU A 43 5.19 -6.42 -4.49
CA LEU A 43 5.40 -7.79 -4.08
C LEU A 43 6.45 -8.33 -5.06
N ASN A 44 7.37 -9.19 -4.60
CA ASN A 44 8.41 -9.79 -5.41
C ASN A 44 8.19 -11.29 -5.50
N GLU A 45 7.66 -11.79 -6.62
CA GLU A 45 7.42 -13.23 -6.80
C GLU A 45 8.71 -14.06 -6.64
N SER A 46 9.87 -13.46 -6.93
CA SER A 46 11.18 -14.04 -6.85
C SER A 46 11.74 -14.11 -5.42
N GLU A 47 10.94 -13.78 -4.40
CA GLU A 47 11.31 -13.80 -2.98
C GLU A 47 10.32 -14.62 -2.14
N LEU A 48 9.35 -15.27 -2.79
CA LEU A 48 8.32 -16.05 -2.12
C LEU A 48 8.68 -17.53 -2.01
N GLU A 49 7.79 -18.25 -1.34
CA GLU A 49 7.85 -19.68 -1.14
C GLU A 49 6.72 -20.18 -2.03
N GLU A 50 7.02 -21.19 -2.84
CA GLU A 50 6.10 -21.79 -3.76
C GLU A 50 6.11 -23.30 -3.55
N GLN A 51 5.11 -23.98 -4.09
CA GLN A 51 4.99 -25.42 -3.96
C GLN A 51 4.32 -25.96 -5.23
N PHE A 52 4.48 -27.26 -5.49
CA PHE A 52 3.94 -27.95 -6.64
C PHE A 52 2.82 -28.86 -6.16
N VAL A 53 1.71 -28.88 -6.88
CA VAL A 53 0.56 -29.69 -6.50
C VAL A 53 0.77 -31.07 -7.14
N LYS A 54 0.43 -32.13 -6.38
CA LYS A 54 0.60 -33.51 -6.83
C LYS A 54 -0.68 -34.34 -6.76
N GLY A 55 -1.82 -33.75 -6.40
CA GLY A 55 -3.07 -34.48 -6.29
C GLY A 55 -3.02 -35.28 -4.99
N HIS A 56 -3.39 -36.56 -5.07
CA HIS A 56 -3.40 -37.46 -3.92
C HIS A 56 -1.99 -37.61 -3.34
N GLY A 57 -1.94 -37.77 -2.02
CA GLY A 57 -0.75 -37.95 -1.21
C GLY A 57 -1.15 -37.74 0.25
N PRO A 58 -0.23 -37.96 1.20
CA PRO A 58 -0.52 -37.77 2.62
C PRO A 58 -0.70 -36.28 2.90
N GLY A 59 -1.23 -35.96 4.10
CA GLY A 59 -1.46 -34.59 4.50
C GLY A 59 -2.52 -33.96 3.59
N GLY A 60 -3.49 -34.74 3.14
CA GLY A 60 -4.57 -34.30 2.29
C GLY A 60 -5.60 -35.42 2.21
N GLN A 61 -6.87 -35.07 2.03
CA GLN A 61 -7.97 -36.01 1.97
C GLN A 61 -9.08 -35.55 1.01
N ALA A 62 -8.84 -34.53 0.19
CA ALA A 62 -9.81 -33.98 -0.75
C ALA A 62 -10.24 -34.92 -1.89
N THR A 63 -9.57 -36.07 -2.06
CA THR A 63 -9.85 -37.05 -3.11
C THR A 63 -9.65 -36.45 -4.53
N ASN A 64 -9.13 -35.23 -4.63
CA ASN A 64 -8.89 -34.51 -5.88
C ASN A 64 -7.96 -35.29 -6.80
N LYS A 65 -8.26 -35.18 -8.10
CA LYS A 65 -7.52 -35.81 -9.17
C LYS A 65 -6.23 -35.04 -9.48
N THR A 66 -5.34 -35.67 -10.22
CA THR A 66 -4.08 -35.11 -10.66
C THR A 66 -4.40 -34.24 -11.88
N SER A 67 -4.07 -32.95 -11.86
CA SER A 67 -4.30 -32.02 -12.95
C SER A 67 -3.46 -30.76 -12.73
N ASN A 68 -3.62 -29.79 -13.63
CA ASN A 68 -2.94 -28.50 -13.62
C ASN A 68 -3.47 -27.70 -12.43
N CYS A 69 -2.67 -27.58 -11.38
CA CYS A 69 -2.97 -26.87 -10.15
C CYS A 69 -1.67 -26.20 -9.67
N VAL A 70 -1.75 -25.04 -9.00
CA VAL A 70 -0.59 -24.30 -8.48
C VAL A 70 -1.04 -23.66 -7.16
N VAL A 71 -0.11 -23.34 -6.27
CA VAL A 71 -0.34 -22.70 -4.99
C VAL A 71 0.82 -21.74 -4.78
N LEU A 72 0.56 -20.54 -4.25
CA LEU A 72 1.57 -19.53 -4.01
C LEU A 72 1.26 -18.88 -2.66
N LYS A 73 2.28 -18.53 -1.88
CA LYS A 73 2.12 -17.88 -0.59
C LYS A 73 3.03 -16.68 -0.51
N HIS A 74 2.71 -15.74 0.37
CA HIS A 74 3.51 -14.57 0.59
C HIS A 74 4.21 -14.89 1.90
N VAL A 75 5.53 -15.04 1.92
CA VAL A 75 6.26 -15.38 3.13
C VAL A 75 6.01 -14.34 4.25
N PRO A 76 6.38 -13.05 4.09
CA PRO A 76 6.21 -12.01 5.11
C PRO A 76 4.76 -11.66 5.50
N SER A 77 3.76 -12.06 4.72
CA SER A 77 2.35 -11.75 5.01
C SER A 77 1.57 -13.03 5.37
N GLY A 78 2.18 -14.19 5.15
CA GLY A 78 1.61 -15.50 5.43
C GLY A 78 0.37 -15.82 4.60
N ILE A 79 -0.05 -14.96 3.67
CA ILE A 79 -1.23 -15.20 2.83
C ILE A 79 -0.92 -16.39 1.91
N VAL A 80 -1.94 -17.15 1.54
CA VAL A 80 -1.85 -18.30 0.66
C VAL A 80 -3.06 -18.19 -0.28
N VAL A 81 -2.83 -18.41 -1.58
CA VAL A 81 -3.89 -18.38 -2.57
C VAL A 81 -3.62 -19.52 -3.55
N LYS A 82 -4.69 -20.10 -4.08
CA LYS A 82 -4.64 -21.23 -5.01
C LYS A 82 -5.45 -20.89 -6.25
N CYS A 83 -4.81 -20.88 -7.41
CA CYS A 83 -5.41 -20.59 -8.70
C CYS A 83 -4.86 -21.55 -9.76
N HIS A 84 -5.69 -21.86 -10.75
CA HIS A 84 -5.37 -22.72 -11.88
C HIS A 84 -6.31 -22.28 -12.99
N GLN A 85 -5.75 -21.87 -14.13
CA GLN A 85 -6.50 -21.40 -15.29
C GLN A 85 -5.98 -22.05 -16.57
N THR A 86 -4.67 -22.03 -16.78
CA THR A 86 -4.01 -22.58 -17.96
C THR A 86 -3.39 -23.95 -17.68
N ARG A 87 -3.16 -24.75 -18.72
CA ARG A 87 -2.55 -26.07 -18.55
C ARG A 87 -1.06 -25.95 -18.19
N SER A 88 -0.35 -24.92 -18.65
CA SER A 88 1.06 -24.78 -18.33
C SER A 88 1.25 -24.22 -16.93
N VAL A 89 2.00 -24.97 -16.11
CA VAL A 89 2.32 -24.60 -14.73
C VAL A 89 3.05 -23.25 -14.73
N ASP A 90 3.93 -23.04 -15.72
CA ASP A 90 4.73 -21.83 -15.89
C ASP A 90 3.83 -20.59 -15.95
N GLN A 91 2.73 -20.68 -16.71
CA GLN A 91 1.79 -19.59 -16.87
C GLN A 91 0.94 -19.42 -15.62
N ASN A 92 0.51 -20.52 -14.98
CA ASN A 92 -0.31 -20.43 -13.76
C ASN A 92 0.40 -19.60 -12.69
N ARG A 93 1.73 -19.63 -12.62
CA ARG A 93 2.49 -18.85 -11.65
C ARG A 93 2.17 -17.36 -11.79
N LYS A 94 2.15 -16.82 -13.02
CA LYS A 94 1.87 -15.39 -13.23
C LYS A 94 0.49 -14.99 -12.72
N ILE A 95 -0.47 -15.91 -12.78
CA ILE A 95 -1.83 -15.67 -12.32
C ILE A 95 -1.84 -15.66 -10.79
N ALA A 96 -1.08 -16.56 -10.16
CA ALA A 96 -1.03 -16.67 -8.72
C ALA A 96 -0.39 -15.44 -8.11
N ARG A 97 0.75 -15.00 -8.66
CA ARG A 97 1.42 -13.81 -8.13
C ARG A 97 0.59 -12.56 -8.36
N LYS A 98 -0.18 -12.51 -9.45
CA LYS A 98 -1.04 -11.37 -9.74
C LYS A 98 -2.12 -11.33 -8.67
N VAL A 99 -2.95 -12.37 -8.55
CA VAL A 99 -4.01 -12.39 -7.55
C VAL A 99 -3.46 -12.16 -6.14
N LEU A 100 -2.27 -12.67 -5.82
CA LEU A 100 -1.65 -12.51 -4.51
C LEU A 100 -1.34 -11.02 -4.22
N GLN A 101 -1.02 -10.22 -5.23
CA GLN A 101 -0.73 -8.80 -5.02
C GLN A 101 -1.95 -8.08 -4.45
N GLU A 102 -3.11 -8.42 -4.97
CA GLU A 102 -4.38 -7.84 -4.56
C GLU A 102 -4.60 -8.15 -3.07
N LYS A 103 -4.18 -9.34 -2.62
CA LYS A 103 -4.31 -9.77 -1.25
C LYS A 103 -3.33 -9.04 -0.34
N VAL A 104 -2.04 -9.01 -0.69
CA VAL A 104 -1.00 -8.36 0.11
C VAL A 104 -1.31 -6.88 0.27
N ASP A 105 -1.73 -6.19 -0.80
CA ASP A 105 -2.09 -4.77 -0.76
C ASP A 105 -3.07 -4.49 0.38
N VAL A 106 -4.27 -5.07 0.31
CA VAL A 106 -5.29 -4.86 1.33
C VAL A 106 -4.86 -5.39 2.70
N PHE A 107 -3.96 -6.36 2.78
CA PHE A 107 -3.48 -6.90 4.06
C PHE A 107 -2.70 -5.81 4.80
N TYR A 108 -1.81 -5.10 4.08
CA TYR A 108 -1.04 -4.01 4.67
C TYR A 108 -2.02 -2.93 5.10
N ASN A 109 -2.96 -2.60 4.21
CA ASN A 109 -4.01 -1.60 4.41
C ASN A 109 -5.06 -2.05 5.44
N SER A 110 -4.99 -3.27 5.97
CA SER A 110 -5.93 -3.80 6.95
C SER A 110 -5.27 -4.87 7.82
N GLY A 111 -4.63 -4.40 8.87
CA GLY A 111 -3.96 -5.20 9.87
C GLY A 111 -4.10 -4.53 11.24
N PRO A 112 -3.38 -5.00 12.26
CA PRO A 112 -3.44 -4.41 13.59
C PRO A 112 -2.70 -3.07 13.61
N SER A 113 -1.85 -2.82 12.61
CA SER A 113 -1.04 -1.65 12.39
C SER A 113 -0.91 -1.48 10.86
N SER A 114 -0.11 -0.50 10.44
CA SER A 114 0.18 -0.15 9.07
C SER A 114 1.56 0.52 9.10
N GLY A 115 2.37 0.33 8.07
CA GLY A 115 3.72 0.87 7.92
C GLY A 115 4.31 0.34 6.63
#